data_2KEI
#
_entry.id   2KEI
#
_cell.length_a   1.000
_cell.length_b   1.000
_cell.length_c   1.000
_cell.angle_alpha   90.00
_cell.angle_beta   90.00
_cell.angle_gamma   90.00
#
_symmetry.space_group_name_H-M   'P 1'
#
loop_
_entity.id
_entity.type
_entity.pdbx_description
1 polymer 'Lactose operon repressor'
2 polymer "DNA (5'-D(*GP*AP*AP*TP*TP*GP*TP*GP*AP*GP*CP*GP*GP*AP*TP*AP*AP*CP*AP*AP*TP*TP*T)-3')"
3 polymer "DNA (5'-D(P*AP*AP*AP*TP*TP*GP*TP*TP*AP*TP*CP*CP*GP*CP*TP*CP*AP*CP*AP*AP*TP*TP*C)-3')"
#
loop_
_entity_poly.entity_id
_entity_poly.type
_entity_poly.pdbx_seq_one_letter_code
_entity_poly.pdbx_strand_id
1 'polypeptide(L)' MKPVTLYDVAEYAGVSYQTVSRVVNQASHVSAKTREKVEAAMAELNYIPNRCAQQLAGKQSL A,B
2 'polydeoxyribonucleotide'
;(DG)(DA)(DA)(DT)(DT)(DG)(DT)(DG)(DA)(DG)(DC)(DG)(DG)(DA)(DT)(DA)(DA)(DC)(DA)(DA)
(DT)(DT)(DT)
;
C
3 'polydeoxyribonucleotide'
;(DA)(DA)(DA)(DT)(DT)(DG)(DT)(DT)(DA)(DT)(DC)(DC)(DG)(DC)(DT)(DC)(DA)(DC)(DA)(DA)
(DT)(DT)(DC)
;
D
#
# COMPACT_ATOMS: atom_id res chain seq x y z
N MET A 1 -7.51 -5.04 15.78
CA MET A 1 -7.24 -6.43 15.34
C MET A 1 -6.00 -6.47 14.46
N LYS A 2 -5.64 -7.65 13.98
CA LYS A 2 -4.46 -7.81 13.15
C LYS A 2 -4.87 -7.99 11.69
N PRO A 3 -4.25 -7.23 10.79
CA PRO A 3 -4.52 -7.34 9.36
C PRO A 3 -4.01 -8.67 8.81
N VAL A 4 -4.79 -9.29 7.94
CA VAL A 4 -4.41 -10.55 7.34
C VAL A 4 -4.03 -10.23 5.90
N THR A 5 -3.43 -11.17 5.21
CA THR A 5 -2.98 -10.92 3.86
C THR A 5 -3.27 -12.12 3.00
N LEU A 6 -3.20 -11.91 1.70
CA LEU A 6 -3.43 -12.98 0.73
C LEU A 6 -2.38 -14.08 0.93
N TYR A 7 -1.30 -13.74 1.64
CA TYR A 7 -0.23 -14.69 1.89
C TYR A 7 -0.62 -15.62 3.02
N ASP A 8 -1.24 -15.07 4.06
CA ASP A 8 -1.66 -15.88 5.20
C ASP A 8 -2.65 -16.91 4.72
N VAL A 9 -3.48 -16.43 3.82
CA VAL A 9 -4.51 -17.21 3.17
C VAL A 9 -3.85 -18.32 2.37
N ALA A 10 -2.85 -17.94 1.59
CA ALA A 10 -2.12 -18.87 0.74
C ALA A 10 -1.39 -19.93 1.54
N GLU A 11 -0.82 -19.52 2.66
CA GLU A 11 -0.09 -20.44 3.50
C GLU A 11 -1.04 -21.43 4.17
N TYR A 12 -2.15 -20.94 4.69
CA TYR A 12 -3.13 -21.78 5.35
C TYR A 12 -3.90 -22.64 4.35
N ALA A 13 -4.01 -22.17 3.11
CA ALA A 13 -4.71 -22.88 2.08
C ALA A 13 -3.76 -23.83 1.38
N GLY A 14 -2.47 -23.59 1.59
CA GLY A 14 -1.45 -24.42 0.98
C GLY A 14 -1.39 -24.18 -0.51
N VAL A 15 -1.51 -22.91 -0.86
CA VAL A 15 -1.49 -22.49 -2.24
C VAL A 15 -0.53 -21.34 -2.41
N SER A 16 -0.47 -20.79 -3.61
CA SER A 16 0.39 -19.65 -3.86
C SER A 16 -0.44 -18.40 -3.64
N TYR A 17 0.19 -17.31 -3.22
CA TYR A 17 -0.57 -16.08 -3.00
C TYR A 17 -1.34 -15.70 -4.26
N GLN A 18 -0.72 -15.89 -5.42
CA GLN A 18 -1.38 -15.67 -6.68
C GLN A 18 -2.68 -16.47 -6.78
N THR A 19 -2.64 -17.71 -6.28
CA THR A 19 -3.80 -18.59 -6.32
C THR A 19 -4.93 -18.01 -5.52
N VAL A 20 -4.58 -17.45 -4.38
CA VAL A 20 -5.54 -16.79 -3.52
C VAL A 20 -6.20 -15.64 -4.26
N SER A 21 -5.39 -14.75 -4.83
CA SER A 21 -5.92 -13.60 -5.57
C SER A 21 -6.75 -14.05 -6.75
N ARG A 22 -6.41 -15.18 -7.32
CA ARG A 22 -7.15 -15.70 -8.45
C ARG A 22 -8.55 -16.11 -8.00
N VAL A 23 -8.62 -16.51 -6.74
CA VAL A 23 -9.88 -16.90 -6.14
C VAL A 23 -10.64 -15.67 -5.69
N VAL A 24 -9.90 -14.73 -5.10
CA VAL A 24 -10.51 -13.49 -4.65
C VAL A 24 -11.10 -12.74 -5.85
N ASN A 25 -10.32 -12.68 -6.91
CA ASN A 25 -10.71 -12.01 -8.16
C ASN A 25 -11.87 -12.76 -8.82
N GLN A 26 -11.88 -14.09 -8.66
CA GLN A 26 -12.93 -14.95 -9.19
C GLN A 26 -12.96 -14.92 -10.71
N ALA A 27 -11.82 -15.14 -11.34
CA ALA A 27 -11.73 -15.12 -12.78
C ALA A 27 -11.50 -16.52 -13.34
N SER A 28 -11.01 -16.57 -14.57
CA SER A 28 -10.73 -17.81 -15.26
C SER A 28 -9.36 -18.35 -14.86
N HIS A 29 -9.01 -19.55 -15.36
CA HIS A 29 -7.74 -20.17 -15.07
C HIS A 29 -7.66 -20.53 -13.58
N VAL A 30 -8.83 -20.83 -13.04
CA VAL A 30 -8.98 -21.17 -11.64
C VAL A 30 -9.93 -22.34 -11.50
N SER A 31 -9.47 -23.40 -10.85
CA SER A 31 -10.29 -24.57 -10.67
C SER A 31 -11.17 -24.39 -9.43
N ALA A 32 -12.37 -24.94 -9.46
CA ALA A 32 -13.30 -24.84 -8.34
C ALA A 32 -12.71 -25.43 -7.05
N LYS A 33 -11.88 -26.46 -7.18
CA LYS A 33 -11.26 -27.10 -6.04
C LYS A 33 -10.44 -26.11 -5.21
N THR A 34 -9.59 -25.35 -5.89
CA THR A 34 -8.75 -24.37 -5.21
C THR A 34 -9.59 -23.20 -4.68
N ARG A 35 -10.62 -22.82 -5.44
CA ARG A 35 -11.48 -21.69 -5.06
C ARG A 35 -12.09 -21.88 -3.67
N GLU A 36 -12.61 -23.07 -3.41
CA GLU A 36 -13.26 -23.34 -2.14
C GLU A 36 -12.27 -23.51 -0.99
N LYS A 37 -11.07 -23.94 -1.29
CA LYS A 37 -10.09 -24.15 -0.24
C LYS A 37 -9.46 -22.82 0.15
N VAL A 38 -9.44 -21.89 -0.78
CA VAL A 38 -8.88 -20.59 -0.53
C VAL A 38 -9.91 -19.71 0.17
N GLU A 39 -11.14 -19.84 -0.27
CA GLU A 39 -12.24 -19.08 0.31
C GLU A 39 -12.43 -19.51 1.76
N ALA A 40 -12.09 -20.76 2.02
CA ALA A 40 -12.19 -21.34 3.34
C ALA A 40 -11.13 -20.73 4.27
N ALA A 41 -9.94 -20.54 3.73
CA ALA A 41 -8.81 -19.98 4.49
C ALA A 41 -9.10 -18.53 4.93
N MET A 42 -9.77 -17.78 4.06
CA MET A 42 -10.11 -16.38 4.34
C MET A 42 -11.08 -16.26 5.51
N ALA A 43 -11.83 -17.32 5.75
CA ALA A 43 -12.81 -17.32 6.81
C ALA A 43 -12.14 -17.63 8.13
N GLU A 44 -11.15 -18.48 8.03
CA GLU A 44 -10.38 -18.93 9.18
C GLU A 44 -9.57 -17.83 9.80
N LEU A 45 -8.73 -17.25 8.97
CA LEU A 45 -7.83 -16.20 9.42
C LEU A 45 -8.48 -14.83 9.40
N ASN A 46 -9.67 -14.76 8.81
CA ASN A 46 -10.40 -13.49 8.69
C ASN A 46 -9.63 -12.54 7.76
N TYR A 47 -9.47 -12.96 6.52
CA TYR A 47 -8.75 -12.17 5.53
C TYR A 47 -9.62 -11.04 4.97
N ILE A 48 -9.12 -9.82 5.08
CA ILE A 48 -9.79 -8.65 4.58
C ILE A 48 -9.01 -8.07 3.39
N PRO A 49 -9.58 -8.14 2.17
CA PRO A 49 -8.93 -7.64 0.96
C PRO A 49 -8.72 -6.13 0.99
N ASN A 50 -7.47 -5.72 0.80
CA ASN A 50 -7.12 -4.31 0.80
C ASN A 50 -7.54 -3.62 -0.51
N ARG A 51 -8.66 -2.89 -0.46
CA ARG A 51 -9.18 -2.18 -1.64
C ARG A 51 -8.20 -1.11 -2.13
N CYS A 52 -7.31 -0.66 -1.26
CA CYS A 52 -6.34 0.36 -1.61
C CYS A 52 -5.17 -0.29 -2.36
N ALA A 53 -4.91 -1.54 -2.03
CA ALA A 53 -3.86 -2.29 -2.69
C ALA A 53 -4.35 -2.72 -4.07
N GLN A 54 -5.61 -3.13 -4.11
CA GLN A 54 -6.26 -3.54 -5.34
C GLN A 54 -6.29 -2.36 -6.31
N GLN A 55 -6.29 -1.15 -5.75
CA GLN A 55 -6.28 0.06 -6.55
C GLN A 55 -4.84 0.41 -6.94
N LEU A 56 -3.90 0.05 -6.08
CA LEU A 56 -2.49 0.29 -6.34
C LEU A 56 -2.01 -0.60 -7.49
N ALA A 57 -2.42 -1.85 -7.46
CA ALA A 57 -2.07 -2.83 -8.49
C ALA A 57 -3.03 -2.79 -9.67
N GLY A 58 -4.26 -2.33 -9.42
CA GLY A 58 -5.26 -2.26 -10.45
C GLY A 58 -5.58 -0.82 -10.80
N LYS A 59 -5.29 -0.44 -12.04
CA LYS A 59 -5.52 0.94 -12.48
C LYS A 59 -7.00 1.23 -12.70
N GLN A 60 -7.48 2.19 -11.93
CA GLN A 60 -8.87 2.63 -12.00
C GLN A 60 -9.85 1.47 -11.86
N SER A 61 -9.61 0.61 -10.88
CA SER A 61 -10.50 -0.52 -10.64
C SER A 61 -11.75 -0.06 -9.93
N LEU A 62 -11.56 0.80 -8.94
CA LEU A 62 -12.67 1.35 -8.18
C LEU A 62 -12.39 2.82 -7.92
N MET B 1 -3.83 10.45 -10.45
CA MET B 1 -3.81 10.42 -8.97
C MET B 1 -4.20 11.78 -8.42
N LYS B 2 -5.35 11.84 -7.76
CA LYS B 2 -5.85 13.08 -7.19
C LYS B 2 -5.08 13.51 -5.92
N PRO B 3 -4.86 12.62 -4.93
CA PRO B 3 -4.10 12.99 -3.72
C PRO B 3 -2.60 13.10 -4.02
N VAL B 4 -1.94 14.06 -3.39
CA VAL B 4 -0.52 14.30 -3.58
C VAL B 4 0.32 13.20 -2.96
N THR B 5 1.54 13.02 -3.41
CA THR B 5 2.37 11.96 -2.91
C THR B 5 3.71 12.51 -2.46
N LEU B 6 4.42 11.80 -1.56
CA LEU B 6 5.72 12.20 -1.10
C LEU B 6 6.68 12.41 -2.28
N TYR B 7 6.43 11.70 -3.36
CA TYR B 7 7.25 11.81 -4.56
C TYR B 7 7.09 13.20 -5.18
N ASP B 8 5.89 13.75 -5.09
CA ASP B 8 5.61 15.09 -5.63
C ASP B 8 6.32 16.14 -4.79
N VAL B 9 6.38 15.87 -3.50
CA VAL B 9 7.01 16.77 -2.55
C VAL B 9 8.52 16.82 -2.77
N ALA B 10 9.12 15.66 -2.99
CA ALA B 10 10.55 15.58 -3.21
C ALA B 10 10.94 16.38 -4.46
N GLU B 11 10.25 16.09 -5.55
CA GLU B 11 10.49 16.75 -6.84
C GLU B 11 10.29 18.27 -6.74
N TYR B 12 9.17 18.68 -6.17
CA TYR B 12 8.84 20.10 -6.01
C TYR B 12 9.88 20.86 -5.19
N ALA B 13 10.21 20.34 -4.01
CA ALA B 13 11.18 21.00 -3.14
C ALA B 13 12.57 20.97 -3.74
N GLY B 14 12.79 20.11 -4.72
CA GLY B 14 14.09 20.04 -5.36
C GLY B 14 15.10 19.27 -4.53
N VAL B 15 14.68 18.12 -4.03
CA VAL B 15 15.53 17.28 -3.23
C VAL B 15 15.42 15.85 -3.72
N SER B 16 16.27 14.97 -3.23
CA SER B 16 16.19 13.59 -3.61
C SER B 16 14.95 12.99 -2.99
N TYR B 17 14.47 11.89 -3.53
CA TYR B 17 13.28 11.26 -3.02
C TYR B 17 13.50 10.68 -1.62
N GLN B 18 14.76 10.57 -1.18
CA GLN B 18 15.04 10.03 0.15
C GLN B 18 14.95 11.16 1.16
N THR B 19 15.34 12.34 0.69
CA THR B 19 15.31 13.53 1.50
C THR B 19 13.93 13.79 2.06
N VAL B 20 12.92 13.66 1.21
CA VAL B 20 11.57 13.90 1.62
C VAL B 20 11.16 12.91 2.73
N SER B 21 11.46 11.60 2.54
CA SER B 21 11.16 10.62 3.56
C SER B 21 11.93 10.97 4.83
N ARG B 22 13.23 11.26 4.63
CA ARG B 22 14.14 11.65 5.72
C ARG B 22 13.57 12.77 6.57
N VAL B 23 12.97 13.76 5.93
CA VAL B 23 12.39 14.89 6.64
C VAL B 23 11.14 14.45 7.39
N VAL B 24 10.40 13.55 6.78
CA VAL B 24 9.18 13.04 7.36
C VAL B 24 9.49 12.21 8.61
N ASN B 25 10.66 11.58 8.63
CA ASN B 25 11.05 10.78 9.77
C ASN B 25 11.86 11.60 10.76
N GLN B 26 12.09 12.86 10.42
CA GLN B 26 12.86 13.78 11.27
C GLN B 26 14.23 13.18 11.58
N ALA B 27 14.84 12.61 10.55
CA ALA B 27 16.15 11.99 10.69
C ALA B 27 17.23 13.01 11.04
N SER B 28 18.33 12.53 11.63
CA SER B 28 19.43 13.40 12.03
C SER B 28 20.34 13.73 10.88
N HIS B 29 20.23 12.94 9.83
CA HIS B 29 21.02 13.15 8.64
C HIS B 29 20.33 14.17 7.74
N VAL B 30 19.74 15.19 8.34
CA VAL B 30 19.03 16.21 7.58
C VAL B 30 19.37 17.61 8.06
N SER B 31 19.72 18.46 7.10
CA SER B 31 20.04 19.85 7.39
C SER B 31 18.75 20.65 7.61
N ALA B 32 18.85 21.78 8.31
CA ALA B 32 17.69 22.62 8.63
C ALA B 32 16.94 23.03 7.37
N LYS B 33 17.66 23.63 6.44
CA LYS B 33 17.07 24.09 5.18
C LYS B 33 16.30 22.96 4.51
N THR B 34 16.98 21.85 4.29
CA THR B 34 16.36 20.70 3.65
C THR B 34 15.06 20.27 4.35
N ARG B 35 15.06 20.34 5.67
CA ARG B 35 13.89 19.96 6.44
C ARG B 35 12.75 20.96 6.24
N GLU B 36 13.10 22.23 6.23
CA GLU B 36 12.12 23.29 6.04
C GLU B 36 11.62 23.32 4.60
N LYS B 37 12.49 22.95 3.68
CA LYS B 37 12.17 22.94 2.26
C LYS B 37 11.06 21.93 1.97
N VAL B 38 11.24 20.73 2.48
CA VAL B 38 10.29 19.64 2.27
C VAL B 38 8.98 19.89 3.01
N GLU B 39 9.08 20.50 4.18
CA GLU B 39 7.89 20.79 4.98
C GLU B 39 7.06 21.89 4.32
N ALA B 40 7.75 22.80 3.62
CA ALA B 40 7.09 23.89 2.93
C ALA B 40 6.38 23.37 1.69
N ALA B 41 7.10 22.53 0.94
CA ALA B 41 6.55 21.92 -0.26
C ALA B 41 5.23 21.21 0.04
N MET B 42 5.09 20.76 1.28
CA MET B 42 3.88 20.07 1.72
C MET B 42 2.67 20.99 1.68
N ALA B 43 2.93 22.29 1.67
CA ALA B 43 1.86 23.29 1.65
C ALA B 43 1.44 23.59 0.23
N GLU B 44 2.43 23.93 -0.59
CA GLU B 44 2.21 24.25 -1.99
C GLU B 44 1.55 23.09 -2.70
N LEU B 45 2.13 21.91 -2.52
CA LEU B 45 1.63 20.70 -3.13
C LEU B 45 0.31 20.26 -2.54
N ASN B 46 0.02 20.69 -1.32
CA ASN B 46 -1.18 20.24 -0.64
C ASN B 46 -1.05 18.74 -0.44
N TYR B 47 0.16 18.33 -0.03
CA TYR B 47 0.48 16.94 0.18
C TYR B 47 -0.49 16.30 1.14
N ILE B 48 -1.16 15.24 0.70
CA ILE B 48 -2.09 14.52 1.52
C ILE B 48 -1.73 13.07 1.30
N PRO B 49 -0.93 12.52 2.21
CA PRO B 49 -0.41 11.14 2.14
C PRO B 49 -1.30 10.11 1.44
N ASN B 50 -0.70 9.37 0.50
CA ASN B 50 -1.41 8.34 -0.27
C ASN B 50 -1.81 7.17 0.62
N ARG B 51 -2.97 7.30 1.25
CA ARG B 51 -3.52 6.29 2.16
C ARG B 51 -3.49 4.88 1.60
N CYS B 52 -3.47 4.74 0.29
CA CYS B 52 -3.47 3.43 -0.31
C CYS B 52 -2.10 2.77 -0.22
N ALA B 53 -1.11 3.44 -0.77
CA ALA B 53 0.24 2.93 -0.76
C ALA B 53 0.84 3.06 0.62
N GLN B 54 0.52 4.16 1.30
CA GLN B 54 1.04 4.43 2.64
C GLN B 54 0.68 3.33 3.63
N GLN B 55 -0.54 2.81 3.54
CA GLN B 55 -0.95 1.75 4.44
C GLN B 55 -0.12 0.51 4.11
N LEU B 56 -0.07 0.20 2.82
CA LEU B 56 0.74 -0.90 2.32
C LEU B 56 2.18 -0.78 2.79
N ALA B 57 2.72 0.42 2.75
CA ALA B 57 4.11 0.65 3.15
C ALA B 57 4.23 0.77 4.68
N GLY B 58 3.11 0.77 5.39
CA GLY B 58 3.15 0.88 6.84
C GLY B 58 1.82 1.29 7.45
N LYS B 59 1.47 2.57 7.33
CA LYS B 59 0.24 3.09 7.91
C LYS B 59 -0.30 4.24 7.06
N GLN B 60 -1.51 4.68 7.36
CA GLN B 60 -2.15 5.76 6.60
C GLN B 60 -1.69 7.13 7.09
N SER B 61 -0.68 7.15 7.93
CA SER B 61 -0.15 8.40 8.46
C SER B 61 1.37 8.32 8.56
N LEU B 62 1.83 7.48 9.46
CA LEU B 62 3.26 7.28 9.65
C LEU B 62 3.49 5.98 10.43
N MET A 1 -6.02 -3.92 15.63
CA MET A 1 -6.41 -5.06 14.77
C MET A 1 -5.47 -5.15 13.58
N LYS A 2 -5.14 -6.37 13.17
CA LYS A 2 -4.25 -6.55 12.04
C LYS A 2 -5.01 -7.15 10.87
N PRO A 3 -4.94 -6.52 9.69
CA PRO A 3 -5.64 -7.02 8.51
C PRO A 3 -5.10 -8.38 8.09
N VAL A 4 -5.85 -9.06 7.25
CA VAL A 4 -5.44 -10.37 6.79
C VAL A 4 -5.13 -10.30 5.31
N THR A 5 -3.92 -10.69 4.96
CA THR A 5 -3.47 -10.61 3.59
C THR A 5 -3.71 -11.89 2.80
N LEU A 6 -3.56 -11.75 1.49
CA LEU A 6 -3.74 -12.85 0.56
C LEU A 6 -2.66 -13.88 0.78
N TYR A 7 -1.60 -13.48 1.49
CA TYR A 7 -0.51 -14.39 1.79
C TYR A 7 -0.91 -15.27 2.95
N ASP A 8 -1.61 -14.71 3.93
CA ASP A 8 -2.04 -15.50 5.07
C ASP A 8 -3.01 -16.53 4.56
N VAL A 9 -3.84 -16.04 3.66
CA VAL A 9 -4.86 -16.85 2.99
C VAL A 9 -4.18 -17.94 2.18
N ALA A 10 -3.15 -17.55 1.44
CA ALA A 10 -2.38 -18.49 0.62
C ALA A 10 -1.70 -19.53 1.46
N GLU A 11 -1.17 -19.10 2.59
CA GLU A 11 -0.48 -19.99 3.51
C GLU A 11 -1.46 -21.00 4.11
N TYR A 12 -2.59 -20.50 4.61
CA TYR A 12 -3.60 -21.36 5.21
C TYR A 12 -4.28 -22.24 4.16
N ALA A 13 -4.22 -21.81 2.92
CA ALA A 13 -4.86 -22.54 1.86
C ALA A 13 -3.86 -23.52 1.25
N GLY A 14 -2.58 -23.31 1.51
CA GLY A 14 -1.55 -24.18 1.01
C GLY A 14 -1.36 -23.96 -0.46
N VAL A 15 -1.39 -22.70 -0.84
CA VAL A 15 -1.25 -22.28 -2.20
C VAL A 15 -0.34 -21.07 -2.27
N SER A 16 -0.21 -20.51 -3.44
CA SER A 16 0.60 -19.33 -3.60
C SER A 16 -0.27 -18.10 -3.38
N TYR A 17 0.35 -16.95 -3.32
CA TYR A 17 -0.43 -15.74 -3.08
C TYR A 17 -1.19 -15.38 -4.34
N GLN A 18 -0.55 -15.61 -5.47
CA GLN A 18 -1.18 -15.37 -6.74
C GLN A 18 -2.30 -16.35 -6.96
N THR A 19 -2.25 -17.52 -6.33
CA THR A 19 -3.29 -18.51 -6.48
C THR A 19 -4.57 -17.94 -5.91
N VAL A 20 -4.41 -17.38 -4.73
CA VAL A 20 -5.51 -16.74 -4.04
C VAL A 20 -6.10 -15.62 -4.89
N SER A 21 -5.23 -14.76 -5.38
CA SER A 21 -5.65 -13.61 -6.18
C SER A 21 -6.30 -14.07 -7.48
N ARG A 22 -5.88 -15.23 -7.94
CA ARG A 22 -6.41 -15.82 -9.16
C ARG A 22 -7.85 -16.23 -8.93
N VAL A 23 -8.16 -16.64 -7.69
CA VAL A 23 -9.51 -17.04 -7.34
C VAL A 23 -10.37 -15.83 -7.03
N VAL A 24 -9.80 -14.90 -6.28
CA VAL A 24 -10.51 -13.70 -5.91
C VAL A 24 -10.93 -12.89 -7.13
N ASN A 25 -9.97 -12.66 -8.01
CA ASN A 25 -10.20 -11.87 -9.22
C ASN A 25 -10.95 -12.63 -10.31
N GLN A 26 -10.66 -13.91 -10.46
CA GLN A 26 -11.29 -14.71 -11.48
C GLN A 26 -11.92 -15.94 -10.87
N ALA A 27 -11.25 -17.09 -11.06
CA ALA A 27 -11.69 -18.39 -10.57
C ALA A 27 -11.18 -19.48 -11.49
N SER A 28 -11.14 -19.15 -12.77
CA SER A 28 -10.68 -20.08 -13.78
C SER A 28 -9.17 -20.33 -13.65
N HIS A 29 -8.72 -21.43 -14.24
CA HIS A 29 -7.32 -21.84 -14.20
C HIS A 29 -6.93 -22.26 -12.79
N VAL A 30 -7.93 -22.58 -11.99
CA VAL A 30 -7.74 -23.01 -10.63
C VAL A 30 -8.56 -24.26 -10.37
N SER A 31 -7.88 -25.27 -9.88
CA SER A 31 -8.53 -26.52 -9.54
C SER A 31 -9.60 -26.27 -8.48
N ALA A 32 -10.75 -26.90 -8.66
CA ALA A 32 -11.84 -26.76 -7.72
C ALA A 32 -11.38 -27.12 -6.31
N LYS A 33 -10.52 -28.12 -6.23
CA LYS A 33 -9.98 -28.58 -4.95
C LYS A 33 -9.29 -27.44 -4.20
N THR A 34 -8.51 -26.65 -4.93
CA THR A 34 -7.78 -25.55 -4.35
C THR A 34 -8.61 -24.29 -4.27
N ARG A 35 -9.38 -24.04 -5.31
CA ARG A 35 -10.23 -22.86 -5.40
C ARG A 35 -11.16 -22.74 -4.21
N GLU A 36 -11.90 -23.80 -3.97
CA GLU A 36 -12.87 -23.82 -2.90
C GLU A 36 -12.15 -23.86 -1.56
N LYS A 37 -10.89 -24.23 -1.59
CA LYS A 37 -10.09 -24.31 -0.37
C LYS A 37 -9.54 -22.93 -0.06
N VAL A 38 -9.29 -22.13 -1.10
CA VAL A 38 -8.75 -20.81 -0.91
C VAL A 38 -9.84 -19.88 -0.42
N GLU A 39 -11.01 -20.02 -1.04
CA GLU A 39 -12.16 -19.22 -0.66
C GLU A 39 -12.52 -19.49 0.80
N ALA A 40 -12.26 -20.72 1.20
CA ALA A 40 -12.52 -21.17 2.56
C ALA A 40 -11.54 -20.52 3.53
N ALA A 41 -10.32 -20.33 3.08
CA ALA A 41 -9.28 -19.75 3.92
C ALA A 41 -9.61 -18.32 4.25
N MET A 42 -10.24 -17.64 3.32
CA MET A 42 -10.64 -16.24 3.52
C MET A 42 -11.65 -16.11 4.66
N ALA A 43 -12.38 -17.17 4.93
CA ALA A 43 -13.39 -17.14 5.98
C ALA A 43 -12.75 -17.47 7.31
N GLU A 44 -11.78 -18.35 7.25
CA GLU A 44 -11.07 -18.80 8.44
C GLU A 44 -10.28 -17.69 9.07
N LEU A 45 -9.39 -17.13 8.29
CA LEU A 45 -8.51 -16.08 8.76
C LEU A 45 -9.21 -14.73 8.73
N ASN A 46 -10.38 -14.67 8.10
CA ASN A 46 -11.12 -13.41 7.96
C ASN A 46 -10.36 -12.47 7.05
N TYR A 47 -10.24 -12.87 5.80
CA TYR A 47 -9.54 -12.10 4.80
C TYR A 47 -10.40 -10.96 4.28
N ILE A 48 -9.90 -9.76 4.47
CA ILE A 48 -10.58 -8.57 4.01
C ILE A 48 -9.73 -7.93 2.91
N PRO A 49 -10.20 -8.01 1.66
CA PRO A 49 -9.49 -7.44 0.52
C PRO A 49 -9.19 -5.96 0.69
N ASN A 50 -7.91 -5.61 0.74
CA ASN A 50 -7.52 -4.24 0.89
C ASN A 50 -7.86 -3.45 -0.38
N ARG A 51 -8.94 -2.66 -0.30
CA ARG A 51 -9.40 -1.89 -1.44
C ARG A 51 -8.36 -0.86 -1.88
N CYS A 52 -7.57 -0.38 -0.93
CA CYS A 52 -6.55 0.61 -1.23
C CYS A 52 -5.43 -0.03 -2.00
N ALA A 53 -5.15 -1.29 -1.67
CA ALA A 53 -4.11 -2.04 -2.35
C ALA A 53 -4.59 -2.39 -3.74
N GLN A 54 -5.86 -2.77 -3.80
CA GLN A 54 -6.52 -3.11 -5.06
C GLN A 54 -6.48 -1.89 -5.99
N GLN A 55 -6.69 -0.70 -5.41
CA GLN A 55 -6.64 0.54 -6.18
C GLN A 55 -5.21 0.82 -6.63
N LEU A 56 -4.26 0.49 -5.76
CA LEU A 56 -2.85 0.69 -6.03
C LEU A 56 -2.41 -0.17 -7.20
N ALA A 57 -2.79 -1.44 -7.17
CA ALA A 57 -2.42 -2.40 -8.21
C ALA A 57 -3.28 -2.23 -9.44
N GLY A 58 -4.41 -1.57 -9.27
CA GLY A 58 -5.29 -1.34 -10.37
C GLY A 58 -5.32 0.11 -10.78
N LYS A 59 -6.51 0.69 -10.80
CA LYS A 59 -6.69 2.08 -11.17
C LYS A 59 -7.02 2.98 -9.98
N GLN A 60 -6.57 4.22 -10.07
CA GLN A 60 -6.80 5.19 -9.01
C GLN A 60 -7.75 6.27 -9.49
N SER A 61 -8.62 6.73 -8.58
CA SER A 61 -9.57 7.80 -8.87
C SER A 61 -10.55 7.41 -10.00
N LEU A 62 -11.57 6.62 -9.67
CA LEU A 62 -12.53 6.21 -10.67
C LEU A 62 -13.83 7.00 -10.50
N MET B 1 -9.82 13.35 -8.74
CA MET B 1 -9.05 13.56 -7.50
C MET B 1 -7.59 13.20 -7.70
N LYS B 2 -6.70 14.09 -7.31
CA LYS B 2 -5.28 13.86 -7.44
C LYS B 2 -4.62 13.91 -6.07
N PRO B 3 -4.45 12.76 -5.43
CA PRO B 3 -3.80 12.67 -4.12
C PRO B 3 -2.31 12.93 -4.25
N VAL B 4 -1.78 13.78 -3.40
CA VAL B 4 -0.37 14.09 -3.41
C VAL B 4 0.41 12.99 -2.72
N THR B 5 1.67 12.87 -3.10
CA THR B 5 2.51 11.83 -2.56
C THR B 5 3.87 12.36 -2.17
N LEU B 6 4.61 11.58 -1.38
CA LEU B 6 5.95 11.96 -0.95
C LEU B 6 6.87 12.16 -2.14
N TYR B 7 6.51 11.52 -3.24
CA TYR B 7 7.28 11.61 -4.47
C TYR B 7 7.12 12.98 -5.10
N ASP B 8 5.90 13.49 -5.06
CA ASP B 8 5.60 14.81 -5.63
C ASP B 8 6.30 15.87 -4.81
N VAL B 9 6.35 15.63 -3.51
CA VAL B 9 7.01 16.53 -2.57
C VAL B 9 8.50 16.55 -2.87
N ALA B 10 9.06 15.38 -3.16
CA ALA B 10 10.47 15.24 -3.49
C ALA B 10 10.83 16.07 -4.72
N GLU B 11 10.08 15.86 -5.79
CA GLU B 11 10.27 16.58 -7.05
C GLU B 11 10.17 18.09 -6.86
N TYR B 12 9.12 18.51 -6.16
CA TYR B 12 8.90 19.94 -5.96
C TYR B 12 10.01 20.56 -5.12
N ALA B 13 10.34 19.94 -3.99
CA ALA B 13 11.35 20.47 -3.09
C ALA B 13 12.75 20.43 -3.71
N GLY B 14 12.92 19.59 -4.72
CA GLY B 14 14.22 19.49 -5.37
C GLY B 14 15.15 18.61 -4.56
N VAL B 15 14.65 17.45 -4.20
CA VAL B 15 15.38 16.50 -3.42
C VAL B 15 15.03 15.12 -3.87
N SER B 16 15.77 14.16 -3.39
CA SER B 16 15.49 12.80 -3.72
C SER B 16 14.30 12.33 -2.91
N TYR B 17 13.58 11.35 -3.41
CA TYR B 17 12.41 10.84 -2.71
C TYR B 17 12.82 10.31 -1.31
N GLN B 18 13.94 9.58 -1.22
CA GLN B 18 14.42 9.08 0.07
C GLN B 18 14.65 10.22 1.06
N THR B 19 15.10 11.35 0.54
CA THR B 19 15.34 12.54 1.34
C THR B 19 14.07 12.94 2.09
N VAL B 20 12.97 12.84 1.38
CA VAL B 20 11.66 13.20 1.93
C VAL B 20 11.28 12.26 3.06
N SER B 21 11.47 10.97 2.84
CA SER B 21 11.20 9.98 3.87
C SER B 21 12.08 10.30 5.09
N ARG B 22 13.35 10.52 4.80
CA ARG B 22 14.33 10.87 5.83
C ARG B 22 13.93 12.12 6.60
N VAL B 23 13.36 13.09 5.91
CA VAL B 23 12.93 14.32 6.54
C VAL B 23 11.64 14.10 7.34
N VAL B 24 10.73 13.32 6.78
CA VAL B 24 9.47 13.01 7.42
C VAL B 24 9.71 12.29 8.75
N ASN B 25 10.73 11.44 8.78
CA ASN B 25 11.06 10.68 9.97
C ASN B 25 11.98 11.48 10.88
N GLN B 26 12.41 12.65 10.41
CA GLN B 26 13.31 13.52 11.15
C GLN B 26 14.56 12.74 11.58
N ALA B 27 15.09 11.97 10.64
CA ALA B 27 16.25 11.14 10.87
C ALA B 27 17.53 11.98 10.85
N SER B 28 18.65 11.32 11.06
CA SER B 28 19.96 11.96 11.06
C SER B 28 20.44 12.18 9.61
N HIS B 29 21.50 12.97 9.47
CA HIS B 29 22.08 13.28 8.15
C HIS B 29 21.11 14.11 7.34
N VAL B 30 20.37 14.97 8.03
CA VAL B 30 19.38 15.81 7.38
C VAL B 30 19.63 17.28 7.72
N SER B 31 20.07 18.05 6.73
CA SER B 31 20.31 19.46 6.92
C SER B 31 19.02 20.17 7.31
N ALA B 32 19.13 21.27 8.05
CA ALA B 32 17.96 22.01 8.51
C ALA B 32 17.20 22.64 7.35
N LYS B 33 17.93 23.38 6.49
CA LYS B 33 17.33 24.04 5.35
C LYS B 33 16.52 23.06 4.50
N THR B 34 17.21 22.03 4.02
CA THR B 34 16.58 21.00 3.19
C THR B 34 15.34 20.41 3.87
N ARG B 35 15.38 20.30 5.20
CA ARG B 35 14.27 19.76 5.97
C ARG B 35 13.06 20.68 5.86
N GLU B 36 13.33 21.97 5.95
CA GLU B 36 12.30 23.00 5.88
C GLU B 36 11.68 23.06 4.49
N LYS B 37 12.53 22.95 3.48
CA LYS B 37 12.09 23.02 2.09
C LYS B 37 11.09 21.91 1.77
N VAL B 38 11.35 20.73 2.32
CA VAL B 38 10.50 19.56 2.09
C VAL B 38 9.16 19.74 2.79
N GLU B 39 9.20 20.28 3.98
CA GLU B 39 7.98 20.50 4.73
C GLU B 39 7.17 21.62 4.10
N ALA B 40 7.89 22.58 3.52
CA ALA B 40 7.25 23.68 2.84
C ALA B 40 6.54 23.17 1.59
N ALA B 41 7.23 22.32 0.85
CA ALA B 41 6.69 21.72 -0.37
C ALA B 41 5.38 20.99 -0.10
N MET B 42 5.25 20.48 1.11
CA MET B 42 4.06 19.75 1.53
C MET B 42 2.85 20.66 1.49
N ALA B 43 3.11 21.97 1.54
CA ALA B 43 2.05 22.95 1.54
C ALA B 43 1.64 23.29 0.11
N GLU B 44 2.63 23.57 -0.73
CA GLU B 44 2.40 23.93 -2.12
C GLU B 44 1.69 22.80 -2.85
N LEU B 45 2.13 21.60 -2.57
CA LEU B 45 1.56 20.43 -3.19
C LEU B 45 0.25 20.05 -2.54
N ASN B 46 0.00 20.55 -1.32
CA ASN B 46 -1.18 20.15 -0.57
C ASN B 46 -1.05 18.65 -0.29
N TYR B 47 0.16 18.26 0.11
CA TYR B 47 0.49 16.89 0.42
C TYR B 47 -0.41 16.33 1.48
N ILE B 48 -1.08 15.23 1.16
CA ILE B 48 -1.93 14.53 2.07
C ILE B 48 -1.59 13.07 1.86
N PRO B 49 -0.73 12.54 2.76
CA PRO B 49 -0.20 11.18 2.71
C PRO B 49 -1.10 10.13 2.05
N ASN B 50 -0.51 9.39 1.11
CA ASN B 50 -1.20 8.35 0.33
C ASN B 50 -1.64 7.20 1.23
N ARG B 51 -2.85 7.34 1.80
CA ARG B 51 -3.45 6.35 2.70
C ARG B 51 -3.35 4.93 2.17
N CYS B 52 -3.34 4.79 0.86
CA CYS B 52 -3.30 3.48 0.26
C CYS B 52 -1.91 2.86 0.35
N ALA B 53 -0.94 3.52 -0.24
CA ALA B 53 0.41 3.02 -0.27
C ALA B 53 1.11 3.19 1.07
N GLN B 54 0.79 4.26 1.77
CA GLN B 54 1.39 4.51 3.07
C GLN B 54 0.97 3.46 4.08
N GLN B 55 -0.24 2.93 3.91
CA GLN B 55 -0.74 1.90 4.81
C GLN B 55 -0.19 0.56 4.38
N LEU B 56 0.23 0.50 3.12
CA LEU B 56 0.80 -0.72 2.56
C LEU B 56 2.27 -0.84 2.95
N ALA B 57 3.01 0.27 2.79
CA ALA B 57 4.45 0.33 3.08
C ALA B 57 4.76 0.28 4.58
N GLY B 58 3.73 0.18 5.41
CA GLY B 58 3.94 0.13 6.85
C GLY B 58 2.67 0.38 7.62
N LYS B 59 2.30 1.63 7.76
CA LYS B 59 1.11 1.98 8.49
C LYS B 59 0.79 3.46 8.29
N GLN B 60 -0.49 3.79 8.32
CA GLN B 60 -0.93 5.16 8.16
C GLN B 60 -2.35 5.32 8.69
N SER B 61 -2.52 6.22 9.63
CA SER B 61 -3.82 6.44 10.21
C SER B 61 -4.38 7.82 9.83
N LEU B 62 -3.96 8.31 8.66
CA LEU B 62 -4.40 9.61 8.15
C LEU B 62 -4.00 10.71 9.13
N MET A 1 -12.60 -5.14 11.52
CA MET A 1 -11.74 -6.23 12.04
C MET A 1 -10.29 -5.95 11.67
N LYS A 2 -9.36 -6.72 12.24
CA LYS A 2 -7.94 -6.54 11.93
C LYS A 2 -7.68 -6.84 10.44
N PRO A 3 -6.70 -6.15 9.82
CA PRO A 3 -6.38 -6.32 8.40
C PRO A 3 -5.65 -7.64 8.10
N VAL A 4 -6.16 -8.37 7.12
CA VAL A 4 -5.58 -9.63 6.70
C VAL A 4 -5.03 -9.43 5.28
N THR A 5 -4.35 -10.43 4.75
CA THR A 5 -3.81 -10.32 3.41
C THR A 5 -4.18 -11.58 2.63
N LEU A 6 -4.15 -11.51 1.32
CA LEU A 6 -4.49 -12.67 0.51
C LEU A 6 -3.50 -13.79 0.76
N TYR A 7 -2.33 -13.43 1.29
CA TYR A 7 -1.32 -14.42 1.62
C TYR A 7 -1.77 -15.20 2.84
N ASP A 8 -2.30 -14.50 3.83
CA ASP A 8 -2.78 -15.16 5.06
C ASP A 8 -3.82 -16.21 4.68
N VAL A 9 -4.54 -15.87 3.62
CA VAL A 9 -5.57 -16.69 3.10
C VAL A 9 -4.96 -17.85 2.35
N ALA A 10 -3.95 -17.55 1.54
CA ALA A 10 -3.26 -18.57 0.77
C ALA A 10 -2.55 -19.57 1.65
N GLU A 11 -1.86 -19.08 2.66
CA GLU A 11 -1.14 -19.94 3.58
C GLU A 11 -2.10 -20.88 4.30
N TYR A 12 -3.09 -20.31 4.94
CA TYR A 12 -4.09 -21.09 5.66
C TYR A 12 -4.86 -22.03 4.74
N ALA A 13 -5.01 -21.66 3.48
CA ALA A 13 -5.75 -22.47 2.56
C ALA A 13 -4.90 -23.57 1.98
N GLY A 14 -3.59 -23.35 1.92
CA GLY A 14 -2.73 -24.35 1.36
C GLY A 14 -2.55 -24.10 -0.11
N VAL A 15 -2.52 -22.82 -0.48
CA VAL A 15 -2.40 -22.43 -1.87
C VAL A 15 -1.44 -21.26 -2.02
N SER A 16 -1.29 -20.83 -3.25
CA SER A 16 -0.46 -19.68 -3.57
C SER A 16 -1.32 -18.43 -3.53
N TYR A 17 -0.72 -17.31 -3.14
CA TYR A 17 -1.49 -16.06 -3.06
C TYR A 17 -2.26 -15.81 -4.35
N GLN A 18 -1.61 -16.04 -5.47
CA GLN A 18 -2.23 -15.88 -6.78
C GLN A 18 -3.45 -16.79 -6.92
N THR A 19 -3.42 -17.92 -6.25
CA THR A 19 -4.52 -18.85 -6.29
C THR A 19 -5.75 -18.22 -5.64
N VAL A 20 -5.50 -17.63 -4.51
CA VAL A 20 -6.52 -16.92 -3.76
C VAL A 20 -7.15 -15.82 -4.63
N SER A 21 -6.30 -15.09 -5.31
CA SER A 21 -6.76 -14.00 -6.16
C SER A 21 -7.56 -14.52 -7.34
N ARG A 22 -7.26 -15.72 -7.75
CA ARG A 22 -7.97 -16.33 -8.87
C ARG A 22 -9.37 -16.74 -8.43
N VAL A 23 -9.52 -17.05 -7.16
CA VAL A 23 -10.82 -17.45 -6.62
C VAL A 23 -11.65 -16.22 -6.27
N VAL A 24 -11.01 -15.25 -5.65
CA VAL A 24 -11.67 -14.01 -5.25
C VAL A 24 -12.14 -13.23 -6.48
N ASN A 25 -11.24 -13.06 -7.44
CA ASN A 25 -11.54 -12.33 -8.67
C ASN A 25 -12.43 -13.13 -9.65
N GLN A 26 -12.20 -14.45 -9.77
CA GLN A 26 -12.99 -15.25 -10.70
C GLN A 26 -13.09 -16.69 -10.16
N ALA A 27 -12.41 -17.62 -10.84
CA ALA A 27 -12.44 -19.03 -10.46
C ALA A 27 -11.87 -19.91 -11.55
N SER A 28 -11.87 -19.39 -12.76
CA SER A 28 -11.38 -20.13 -13.88
C SER A 28 -9.89 -20.39 -13.75
N HIS A 29 -9.42 -21.50 -14.33
CA HIS A 29 -8.02 -21.90 -14.24
C HIS A 29 -7.70 -22.33 -12.82
N VAL A 30 -8.75 -22.71 -12.11
CA VAL A 30 -8.67 -23.19 -10.74
C VAL A 30 -9.63 -24.34 -10.59
N SER A 31 -9.17 -25.40 -10.00
CA SER A 31 -10.01 -26.57 -9.75
C SER A 31 -11.04 -26.20 -8.71
N ALA A 32 -12.18 -26.87 -8.69
CA ALA A 32 -13.24 -26.61 -7.74
C ALA A 32 -12.89 -27.02 -6.32
N LYS A 33 -11.77 -27.71 -6.12
CA LYS A 33 -11.45 -28.20 -4.80
C LYS A 33 -10.74 -27.09 -4.03
N THR A 34 -9.83 -26.43 -4.72
CA THR A 34 -9.06 -25.35 -4.15
C THR A 34 -9.91 -24.09 -3.93
N ARG A 35 -11.03 -23.96 -4.66
CA ARG A 35 -11.89 -22.79 -4.52
C ARG A 35 -12.44 -22.66 -3.10
N GLU A 36 -13.19 -23.64 -2.66
CA GLU A 36 -13.78 -23.61 -1.34
C GLU A 36 -12.76 -23.51 -0.24
N LYS A 37 -11.54 -23.99 -0.47
CA LYS A 37 -10.55 -23.94 0.60
C LYS A 37 -10.00 -22.53 0.71
N VAL A 38 -10.05 -21.83 -0.40
CA VAL A 38 -9.59 -20.45 -0.43
C VAL A 38 -10.67 -19.58 0.16
N GLU A 39 -11.90 -19.94 -0.15
CA GLU A 39 -13.08 -19.25 0.34
C GLU A 39 -13.34 -19.69 1.78
N ALA A 40 -12.49 -20.61 2.23
CA ALA A 40 -12.61 -21.13 3.57
C ALA A 40 -11.74 -20.25 4.44
N ALA A 41 -10.51 -20.08 3.98
CA ALA A 41 -9.49 -19.30 4.66
C ALA A 41 -9.88 -17.85 4.88
N MET A 42 -10.53 -17.25 3.90
CA MET A 42 -10.91 -15.84 4.02
C MET A 42 -12.12 -15.70 4.94
N ALA A 43 -12.82 -16.80 5.12
CA ALA A 43 -14.00 -16.83 5.96
C ALA A 43 -13.62 -17.12 7.40
N GLU A 44 -12.42 -17.63 7.58
CA GLU A 44 -11.93 -18.01 8.90
C GLU A 44 -11.18 -16.85 9.53
N LEU A 45 -10.21 -16.41 8.75
CA LEU A 45 -9.31 -15.35 9.15
C LEU A 45 -9.91 -13.98 8.94
N ASN A 46 -11.13 -13.91 8.43
CA ASN A 46 -11.78 -12.63 8.17
C ASN A 46 -10.93 -11.79 7.26
N TYR A 47 -10.68 -12.33 6.08
CA TYR A 47 -9.89 -11.67 5.09
C TYR A 47 -10.72 -10.58 4.44
N ILE A 48 -10.25 -9.35 4.48
CA ILE A 48 -10.95 -8.26 3.85
C ILE A 48 -10.17 -7.81 2.63
N PRO A 49 -10.67 -8.10 1.40
CA PRO A 49 -10.00 -7.71 0.16
C PRO A 49 -9.54 -6.27 0.20
N ASN A 50 -8.24 -6.05 0.00
CA ASN A 50 -7.68 -4.70 0.06
C ASN A 50 -8.07 -3.92 -1.18
N ARG A 51 -8.87 -2.90 -0.98
CA ARG A 51 -9.33 -2.05 -2.07
C ARG A 51 -8.26 -1.04 -2.47
N CYS A 52 -7.30 -0.78 -1.58
CA CYS A 52 -6.23 0.17 -1.88
C CYS A 52 -5.18 -0.48 -2.79
N ALA A 53 -4.60 -1.61 -2.36
CA ALA A 53 -3.62 -2.32 -3.19
C ALA A 53 -4.24 -2.69 -4.52
N GLN A 54 -5.44 -3.22 -4.43
CA GLN A 54 -6.21 -3.58 -5.64
C GLN A 54 -6.23 -2.43 -6.66
N GLN A 55 -6.33 -1.20 -6.15
CA GLN A 55 -6.37 -0.03 -7.01
C GLN A 55 -4.96 0.38 -7.41
N LEU A 56 -3.97 -0.08 -6.65
CA LEU A 56 -2.58 0.21 -6.89
C LEU A 56 -2.10 -0.62 -8.05
N ALA A 57 -2.33 -1.91 -7.95
CA ALA A 57 -1.97 -2.84 -9.00
C ALA A 57 -2.59 -2.44 -10.33
N GLY A 58 -3.92 -2.29 -10.40
CA GLY A 58 -4.51 -1.82 -11.65
C GLY A 58 -4.02 -0.45 -12.00
N LYS A 59 -3.65 -0.23 -13.25
CA LYS A 59 -3.15 1.07 -13.68
C LYS A 59 -4.27 2.10 -13.71
N GLN A 60 -4.47 2.78 -12.59
CA GLN A 60 -5.49 3.81 -12.48
C GLN A 60 -4.95 5.16 -12.92
N SER A 61 -3.62 5.29 -12.84
CA SER A 61 -2.93 6.51 -13.23
C SER A 61 -3.24 7.67 -12.28
N LEU A 62 -2.31 8.61 -12.20
CA LEU A 62 -2.46 9.75 -11.32
C LEU A 62 -2.73 11.00 -12.15
N MET B 1 -9.83 12.74 -7.37
CA MET B 1 -8.96 13.21 -6.28
C MET B 1 -7.59 12.53 -6.35
N LYS B 2 -6.58 13.31 -6.69
CA LYS B 2 -5.21 12.83 -6.78
C LYS B 2 -4.51 13.00 -5.43
N PRO B 3 -4.16 11.90 -4.77
CA PRO B 3 -3.47 11.97 -3.49
C PRO B 3 -2.01 12.36 -3.65
N VAL B 4 -1.59 13.38 -2.93
CA VAL B 4 -0.20 13.84 -2.99
C VAL B 4 0.70 12.79 -2.40
N THR B 5 1.80 12.56 -3.06
CA THR B 5 2.71 11.56 -2.63
C THR B 5 4.09 12.14 -2.43
N LEU B 6 4.90 11.45 -1.67
CA LEU B 6 6.28 11.84 -1.43
C LEU B 6 7.05 12.14 -2.70
N TYR B 7 6.51 11.71 -3.85
CA TYR B 7 7.19 11.95 -5.10
C TYR B 7 6.79 13.32 -5.64
N ASP B 8 5.66 13.84 -5.13
CA ASP B 8 5.19 15.15 -5.53
C ASP B 8 5.86 16.16 -4.62
N VAL B 9 5.96 15.79 -3.34
CA VAL B 9 6.56 16.66 -2.33
C VAL B 9 8.02 16.95 -2.65
N ALA B 10 8.78 15.90 -2.96
CA ALA B 10 10.18 16.06 -3.33
C ALA B 10 10.32 17.01 -4.53
N GLU B 11 9.77 16.56 -5.61
CA GLU B 11 9.78 17.26 -6.88
C GLU B 11 9.36 18.73 -6.76
N TYR B 12 8.43 19.00 -5.84
CA TYR B 12 7.93 20.34 -5.63
C TYR B 12 8.89 21.20 -4.83
N ALA B 13 9.45 20.65 -3.76
CA ALA B 13 10.36 21.40 -2.90
C ALA B 13 11.77 21.43 -3.45
N GLY B 14 12.12 20.49 -4.30
CA GLY B 14 13.47 20.48 -4.85
C GLY B 14 14.42 19.66 -4.01
N VAL B 15 13.89 18.73 -3.24
CA VAL B 15 14.72 17.87 -2.41
C VAL B 15 14.68 16.47 -2.96
N SER B 16 15.66 15.67 -2.63
CA SER B 16 15.70 14.33 -3.15
C SER B 16 14.62 13.46 -2.54
N TYR B 17 14.45 12.31 -3.16
CA TYR B 17 13.43 11.36 -2.79
C TYR B 17 13.68 10.84 -1.36
N GLN B 18 14.92 10.50 -1.04
CA GLN B 18 15.28 10.04 0.31
C GLN B 18 15.18 11.20 1.31
N THR B 19 15.50 12.41 0.84
CA THR B 19 15.46 13.63 1.66
C THR B 19 14.08 13.86 2.26
N VAL B 20 13.07 13.39 1.57
CA VAL B 20 11.69 13.58 1.99
C VAL B 20 11.34 12.51 3.02
N SER B 21 11.80 11.29 2.79
CA SER B 21 11.57 10.19 3.70
C SER B 21 12.28 10.42 5.03
N ARG B 22 13.44 11.10 5.03
CA ARG B 22 14.14 11.33 6.29
C ARG B 22 13.51 12.49 7.07
N VAL B 23 12.75 13.30 6.37
CA VAL B 23 12.08 14.43 7.00
C VAL B 23 10.90 13.91 7.81
N VAL B 24 10.26 12.90 7.25
CA VAL B 24 9.12 12.24 7.86
C VAL B 24 9.58 11.33 9.00
N ASN B 25 10.71 10.65 8.78
CA ASN B 25 11.28 9.75 9.78
C ASN B 25 11.90 10.51 10.95
N GLN B 26 12.01 11.82 10.80
CA GLN B 26 12.59 12.71 11.81
C GLN B 26 14.03 12.33 12.10
N ALA B 27 14.71 11.82 11.09
CA ALA B 27 16.09 11.40 11.23
C ALA B 27 17.05 12.58 11.18
N SER B 28 18.31 12.25 11.39
CA SER B 28 19.39 13.22 11.38
C SER B 28 20.09 13.11 10.02
N HIS B 29 21.12 13.93 9.78
CA HIS B 29 21.87 13.91 8.51
C HIS B 29 21.22 14.86 7.50
N VAL B 30 20.10 15.50 7.89
CA VAL B 30 19.40 16.45 7.03
C VAL B 30 19.00 17.64 7.88
N SER B 31 19.72 18.75 7.75
CA SER B 31 19.47 19.97 8.52
C SER B 31 18.01 20.39 8.60
N ALA B 32 17.76 21.31 9.54
CA ALA B 32 16.41 21.79 9.79
C ALA B 32 15.86 22.58 8.61
N LYS B 33 16.72 23.36 7.95
CA LYS B 33 16.29 24.16 6.80
C LYS B 33 15.64 23.27 5.74
N THR B 34 16.41 22.31 5.25
CA THR B 34 15.94 21.35 4.25
C THR B 34 14.71 20.57 4.73
N ARG B 35 14.55 20.50 6.05
CA ARG B 35 13.41 19.82 6.62
C ARG B 35 12.18 20.69 6.49
N GLU B 36 12.36 21.97 6.70
CA GLU B 36 11.29 22.95 6.61
C GLU B 36 10.87 23.09 5.16
N LYS B 37 11.83 22.93 4.28
CA LYS B 37 11.59 23.05 2.85
C LYS B 37 10.61 21.96 2.41
N VAL B 38 10.75 20.78 3.01
CA VAL B 38 9.87 19.66 2.69
C VAL B 38 8.50 19.86 3.31
N GLU B 39 8.50 20.38 4.54
CA GLU B 39 7.27 20.64 5.27
C GLU B 39 6.42 21.66 4.53
N ALA B 40 7.11 22.60 3.90
CA ALA B 40 6.47 23.65 3.12
C ALA B 40 5.73 23.04 1.95
N ALA B 41 6.43 22.15 1.26
CA ALA B 41 5.86 21.45 0.13
C ALA B 41 4.65 20.65 0.57
N MET B 42 4.71 20.18 1.79
CA MET B 42 3.60 19.41 2.36
C MET B 42 2.35 20.28 2.41
N ALA B 43 2.55 21.61 2.40
CA ALA B 43 1.44 22.56 2.45
C ALA B 43 0.98 22.89 1.04
N GLU B 44 1.93 23.18 0.18
CA GLU B 44 1.67 23.52 -1.22
C GLU B 44 0.86 22.41 -1.88
N LEU B 45 1.41 21.21 -1.78
CA LEU B 45 0.74 20.05 -2.34
C LEU B 45 -0.42 19.61 -1.45
N ASN B 46 -0.40 20.08 -0.19
CA ASN B 46 -1.40 19.70 0.79
C ASN B 46 -1.41 18.19 0.82
N TYR B 47 -0.32 17.68 1.37
CA TYR B 47 -0.04 16.25 1.46
C TYR B 47 -1.26 15.35 1.68
N ILE B 48 -1.30 14.38 0.81
CA ILE B 48 -2.30 13.32 0.82
C ILE B 48 -1.62 11.99 0.68
N PRO B 49 -0.99 11.55 1.78
CA PRO B 49 -0.23 10.30 1.83
C PRO B 49 -0.88 9.21 1.01
N ASN B 50 -0.11 8.61 0.09
CA ASN B 50 -0.64 7.56 -0.76
C ASN B 50 -0.94 6.33 0.10
N ARG B 51 -2.05 6.40 0.83
CA ARG B 51 -2.50 5.36 1.76
C ARG B 51 -2.40 3.94 1.23
N CYS B 52 -2.48 3.76 -0.07
CA CYS B 52 -2.40 2.44 -0.64
C CYS B 52 -0.98 1.92 -0.53
N ALA B 53 -0.03 2.66 -1.07
CA ALA B 53 1.38 2.26 -1.04
C ALA B 53 1.99 2.48 0.34
N GLN B 54 1.53 3.54 0.99
CA GLN B 54 1.99 3.93 2.31
C GLN B 54 1.75 2.85 3.34
N GLN B 55 0.64 2.13 3.23
CA GLN B 55 0.34 1.07 4.17
C GLN B 55 0.88 -0.24 3.59
N LEU B 56 1.07 -0.26 2.27
CA LEU B 56 1.60 -1.42 1.60
C LEU B 56 3.06 -1.61 1.95
N ALA B 57 3.85 -0.53 1.95
CA ALA B 57 5.23 -0.69 2.32
C ALA B 57 5.26 -1.08 3.81
N GLY B 58 4.88 -0.15 4.68
CA GLY B 58 4.74 -0.51 6.08
C GLY B 58 4.70 0.72 6.97
N LYS B 59 4.14 1.80 6.42
CA LYS B 59 4.04 3.07 7.11
C LYS B 59 5.41 3.59 7.51
N GLN B 60 5.45 4.55 8.43
CA GLN B 60 6.70 5.14 8.89
C GLN B 60 7.41 4.22 9.87
N SER B 61 8.73 4.14 9.74
CA SER B 61 9.54 3.31 10.62
C SER B 61 9.85 4.06 11.92
N LEU B 62 9.09 3.77 12.97
CA LEU B 62 9.28 4.41 14.27
C LEU B 62 9.57 3.36 15.32
N MET A 1 -9.52 -2.96 12.05
CA MET A 1 -9.73 -4.23 11.33
C MET A 1 -8.41 -4.96 11.16
N LYS A 2 -8.43 -6.27 11.34
CA LYS A 2 -7.21 -7.06 11.20
C LYS A 2 -6.96 -7.34 9.72
N PRO A 3 -5.89 -6.76 9.17
CA PRO A 3 -5.55 -6.93 7.77
C PRO A 3 -4.99 -8.31 7.46
N VAL A 4 -5.57 -8.96 6.48
CA VAL A 4 -5.14 -10.28 6.06
C VAL A 4 -4.86 -10.22 4.57
N THR A 5 -3.71 -10.70 4.18
CA THR A 5 -3.32 -10.66 2.79
C THR A 5 -3.72 -11.90 2.02
N LEU A 6 -3.56 -11.80 0.70
CA LEU A 6 -3.85 -12.88 -0.20
C LEU A 6 -2.88 -14.03 0.07
N TYR A 7 -1.78 -13.70 0.75
CA TYR A 7 -0.75 -14.68 1.07
C TYR A 7 -1.17 -15.53 2.25
N ASP A 8 -1.78 -14.89 3.25
CA ASP A 8 -2.22 -15.62 4.42
C ASP A 8 -3.25 -16.63 3.99
N VAL A 9 -4.09 -16.15 3.08
CA VAL A 9 -5.15 -16.94 2.49
C VAL A 9 -4.56 -18.10 1.71
N ALA A 10 -3.53 -17.81 0.94
CA ALA A 10 -2.86 -18.82 0.14
C ALA A 10 -2.22 -19.89 1.01
N GLU A 11 -1.75 -19.48 2.17
CA GLU A 11 -1.13 -20.42 3.09
C GLU A 11 -2.18 -21.36 3.70
N TYR A 12 -3.27 -20.77 4.19
CA TYR A 12 -4.34 -21.54 4.84
C TYR A 12 -5.09 -22.41 3.83
N ALA A 13 -5.05 -22.00 2.58
CA ALA A 13 -5.74 -22.72 1.54
C ALA A 13 -4.82 -23.76 0.93
N GLY A 14 -3.53 -23.58 1.18
CA GLY A 14 -2.54 -24.50 0.67
C GLY A 14 -2.36 -24.33 -0.81
N VAL A 15 -2.31 -23.07 -1.23
CA VAL A 15 -2.19 -22.72 -2.62
C VAL A 15 -1.16 -21.61 -2.79
N SER A 16 -1.16 -21.02 -3.96
CA SER A 16 -0.28 -19.90 -4.24
C SER A 16 -1.09 -18.63 -4.10
N TYR A 17 -0.44 -17.47 -4.12
CA TYR A 17 -1.22 -16.26 -3.99
C TYR A 17 -1.97 -16.02 -5.28
N GLN A 18 -1.36 -16.43 -6.39
CA GLN A 18 -2.02 -16.36 -7.68
C GLN A 18 -3.26 -17.24 -7.69
N THR A 19 -3.21 -18.36 -6.97
CA THR A 19 -4.38 -19.23 -6.90
C THR A 19 -5.53 -18.48 -6.25
N VAL A 20 -5.19 -17.80 -5.17
CA VAL A 20 -6.14 -16.98 -4.44
C VAL A 20 -6.68 -15.89 -5.35
N SER A 21 -5.78 -15.15 -5.97
CA SER A 21 -6.15 -14.07 -6.86
C SER A 21 -6.94 -14.57 -8.07
N ARG A 22 -6.73 -15.82 -8.42
CA ARG A 22 -7.43 -16.42 -9.55
C ARG A 22 -8.88 -16.66 -9.17
N VAL A 23 -9.12 -16.92 -7.90
CA VAL A 23 -10.46 -17.16 -7.40
C VAL A 23 -11.19 -15.87 -7.10
N VAL A 24 -10.48 -14.95 -6.46
CA VAL A 24 -11.03 -13.67 -6.07
C VAL A 24 -11.44 -12.82 -7.28
N ASN A 25 -10.55 -12.71 -8.23
CA ASN A 25 -10.79 -11.90 -9.41
C ASN A 25 -11.50 -12.65 -10.53
N GLN A 26 -11.49 -13.98 -10.51
CA GLN A 26 -12.11 -14.74 -11.56
C GLN A 26 -12.93 -15.90 -10.98
N ALA A 27 -12.40 -17.13 -11.13
CA ALA A 27 -13.04 -18.37 -10.68
C ALA A 27 -12.59 -19.53 -11.55
N SER A 28 -12.39 -19.24 -12.82
CA SER A 28 -11.94 -20.24 -13.80
C SER A 28 -10.44 -20.49 -13.65
N HIS A 29 -9.98 -21.64 -14.17
CA HIS A 29 -8.57 -22.05 -14.13
C HIS A 29 -8.17 -22.47 -12.73
N VAL A 30 -9.16 -22.84 -11.92
CA VAL A 30 -8.95 -23.29 -10.57
C VAL A 30 -9.86 -24.46 -10.30
N SER A 31 -9.32 -25.45 -9.65
CA SER A 31 -10.06 -26.64 -9.28
C SER A 31 -11.16 -26.27 -8.30
N ALA A 32 -12.37 -26.76 -8.54
CA ALA A 32 -13.50 -26.49 -7.66
C ALA A 32 -13.17 -26.92 -6.24
N LYS A 33 -12.41 -28.00 -6.16
CA LYS A 33 -11.98 -28.54 -4.89
C LYS A 33 -11.17 -27.51 -4.10
N THR A 34 -10.31 -26.77 -4.80
CA THR A 34 -9.48 -25.77 -4.16
C THR A 34 -10.16 -24.40 -4.09
N ARG A 35 -10.84 -24.00 -5.17
CA ARG A 35 -11.52 -22.70 -5.21
C ARG A 35 -12.41 -22.49 -3.99
N GLU A 36 -13.22 -23.48 -3.72
CA GLU A 36 -14.16 -23.44 -2.61
C GLU A 36 -13.45 -23.54 -1.27
N LYS A 37 -12.20 -23.99 -1.31
CA LYS A 37 -11.40 -24.12 -0.11
C LYS A 37 -10.63 -22.83 0.15
N VAL A 38 -10.31 -22.08 -0.91
CA VAL A 38 -9.55 -20.86 -0.78
C VAL A 38 -10.48 -19.76 -0.29
N GLU A 39 -11.65 -19.71 -0.91
CA GLU A 39 -12.67 -18.75 -0.55
C GLU A 39 -13.02 -18.96 0.92
N ALA A 40 -12.90 -20.20 1.35
CA ALA A 40 -13.18 -20.58 2.70
C ALA A 40 -12.09 -20.07 3.63
N ALA A 41 -10.86 -20.03 3.13
CA ALA A 41 -9.72 -19.57 3.90
C ALA A 41 -9.90 -18.09 4.23
N MET A 42 -10.38 -17.35 3.25
CA MET A 42 -10.66 -15.93 3.37
C MET A 42 -11.64 -15.63 4.49
N ALA A 43 -12.51 -16.58 4.78
CA ALA A 43 -13.54 -16.37 5.80
C ALA A 43 -13.00 -16.70 7.17
N GLU A 44 -12.01 -17.57 7.18
CA GLU A 44 -11.40 -17.99 8.43
C GLU A 44 -10.54 -16.90 8.99
N LEU A 45 -9.60 -16.48 8.17
CA LEU A 45 -8.65 -15.45 8.52
C LEU A 45 -9.25 -14.06 8.37
N ASN A 46 -10.35 -13.96 7.61
CA ASN A 46 -11.03 -12.70 7.35
C ASN A 46 -10.19 -11.84 6.41
N TYR A 47 -10.04 -12.32 5.18
CA TYR A 47 -9.27 -11.64 4.16
C TYR A 47 -10.07 -10.53 3.52
N ILE A 48 -9.59 -9.30 3.66
CA ILE A 48 -10.23 -8.17 3.05
C ILE A 48 -9.42 -7.72 1.84
N PRO A 49 -9.95 -7.93 0.63
CA PRO A 49 -9.27 -7.54 -0.61
C PRO A 49 -8.91 -6.05 -0.59
N ASN A 50 -7.62 -5.77 -0.42
CA ASN A 50 -7.15 -4.40 -0.33
C ASN A 50 -7.32 -3.66 -1.64
N ARG A 51 -8.37 -2.86 -1.71
CA ARG A 51 -8.67 -2.08 -2.92
C ARG A 51 -7.63 -0.99 -3.12
N CYS A 52 -6.92 -0.64 -2.06
CA CYS A 52 -5.89 0.38 -2.14
C CYS A 52 -4.68 -0.22 -2.86
N ALA A 53 -4.46 -1.50 -2.60
CA ALA A 53 -3.37 -2.22 -3.23
C ALA A 53 -3.71 -2.48 -4.69
N GLN A 54 -4.97 -2.80 -4.95
CA GLN A 54 -5.42 -3.05 -6.31
C GLN A 54 -5.31 -1.78 -7.14
N GLN A 55 -5.69 -0.63 -6.55
CA GLN A 55 -5.58 0.63 -7.28
C GLN A 55 -4.12 0.89 -7.61
N LEU A 56 -3.25 0.41 -6.73
CA LEU A 56 -1.83 0.56 -6.89
C LEU A 56 -1.32 -0.31 -8.04
N ALA A 57 -1.74 -1.58 -8.05
CA ALA A 57 -1.33 -2.54 -9.07
C ALA A 57 -2.04 -2.32 -10.41
N GLY A 58 -3.09 -1.52 -10.39
CA GLY A 58 -3.85 -1.24 -11.58
C GLY A 58 -5.32 -1.06 -11.25
N LYS A 59 -5.73 0.19 -11.12
CA LYS A 59 -7.12 0.49 -10.78
C LYS A 59 -8.06 0.09 -11.91
N GLN A 60 -8.55 -1.12 -11.81
CA GLN A 60 -9.47 -1.70 -12.78
C GLN A 60 -10.89 -1.66 -12.25
N SER A 61 -11.03 -1.07 -11.07
CA SER A 61 -12.31 -0.91 -10.40
C SER A 61 -13.01 -2.25 -10.17
N LEU A 62 -12.58 -2.98 -9.14
CA LEU A 62 -13.17 -4.28 -8.83
C LEU A 62 -13.61 -4.31 -7.36
N MET B 1 -8.55 17.21 -0.77
CA MET B 1 -8.97 17.70 -2.10
C MET B 1 -8.23 16.95 -3.21
N LYS B 2 -6.92 17.11 -3.25
CA LYS B 2 -6.09 16.47 -4.25
C LYS B 2 -4.95 15.71 -3.59
N PRO B 3 -4.95 14.38 -3.74
CA PRO B 3 -3.93 13.51 -3.15
C PRO B 3 -2.56 13.76 -3.75
N VAL B 4 -1.61 14.13 -2.91
CA VAL B 4 -0.25 14.39 -3.35
C VAL B 4 0.69 13.45 -2.65
N THR B 5 1.66 12.96 -3.40
CA THR B 5 2.64 12.05 -2.86
C THR B 5 3.89 12.75 -2.37
N LEU B 6 4.67 12.02 -1.59
CA LEU B 6 5.93 12.49 -1.08
C LEU B 6 6.88 12.79 -2.25
N TYR B 7 6.60 12.16 -3.41
CA TYR B 7 7.39 12.37 -4.61
C TYR B 7 7.21 13.79 -5.12
N ASP B 8 5.98 14.26 -5.06
CA ASP B 8 5.65 15.61 -5.52
C ASP B 8 6.24 16.64 -4.57
N VAL B 9 6.33 16.27 -3.31
CA VAL B 9 6.91 17.16 -2.30
C VAL B 9 8.41 17.35 -2.57
N ALA B 10 9.11 16.25 -2.83
CA ALA B 10 10.54 16.29 -3.11
C ALA B 10 10.85 17.17 -4.30
N GLU B 11 10.21 16.88 -5.40
CA GLU B 11 10.44 17.61 -6.65
C GLU B 11 10.10 19.08 -6.54
N TYR B 12 9.02 19.40 -5.85
CA TYR B 12 8.62 20.77 -5.67
C TYR B 12 9.68 21.54 -4.92
N ALA B 13 10.26 20.86 -3.94
CA ALA B 13 11.27 21.47 -3.12
C ALA B 13 12.64 21.36 -3.78
N GLY B 14 12.79 20.40 -4.70
CA GLY B 14 14.07 20.20 -5.35
C GLY B 14 14.73 18.94 -4.86
N VAL B 15 14.74 18.80 -3.53
CA VAL B 15 15.35 17.67 -2.82
C VAL B 15 15.02 16.30 -3.38
N SER B 16 15.87 15.36 -2.98
CA SER B 16 15.72 13.99 -3.38
C SER B 16 14.63 13.32 -2.56
N TYR B 17 14.24 12.15 -3.00
CA TYR B 17 13.22 11.36 -2.37
C TYR B 17 13.56 11.05 -0.92
N GLN B 18 14.72 10.44 -0.72
CA GLN B 18 15.20 10.08 0.61
C GLN B 18 15.33 11.28 1.54
N THR B 19 15.50 12.44 0.96
CA THR B 19 15.63 13.66 1.75
C THR B 19 14.31 13.94 2.45
N VAL B 20 13.23 13.70 1.73
CA VAL B 20 11.87 13.90 2.23
C VAL B 20 11.56 12.90 3.33
N SER B 21 11.82 11.63 3.05
CA SER B 21 11.64 10.57 4.03
C SER B 21 12.44 10.93 5.28
N ARG B 22 13.70 11.30 5.04
CA ARG B 22 14.63 11.73 6.11
C ARG B 22 14.01 12.77 7.03
N VAL B 23 13.26 13.71 6.45
CA VAL B 23 12.63 14.77 7.21
C VAL B 23 11.48 14.25 8.02
N VAL B 24 10.71 13.36 7.41
CA VAL B 24 9.55 12.78 8.04
C VAL B 24 9.93 11.91 9.23
N ASN B 25 11.00 11.15 9.09
CA ASN B 25 11.46 10.28 10.14
C ASN B 25 12.27 11.05 11.19
N GLN B 26 12.58 12.30 10.86
CA GLN B 26 13.37 13.17 11.73
C GLN B 26 14.73 12.55 11.98
N ALA B 27 15.30 11.99 10.92
CA ALA B 27 16.60 11.34 10.99
C ALA B 27 17.72 12.37 11.06
N SER B 28 18.93 11.88 11.30
CA SER B 28 20.10 12.74 11.39
C SER B 28 20.67 13.00 10.01
N HIS B 29 21.64 13.92 9.92
CA HIS B 29 22.31 14.28 8.66
C HIS B 29 21.39 15.07 7.72
N VAL B 30 20.61 15.99 8.28
CA VAL B 30 19.71 16.82 7.48
C VAL B 30 19.86 18.28 7.86
N SER B 31 20.14 19.12 6.88
CA SER B 31 20.30 20.53 7.13
C SER B 31 18.97 21.14 7.52
N ALA B 32 19.00 22.14 8.39
CA ALA B 32 17.78 22.79 8.88
C ALA B 32 16.92 23.32 7.74
N LYS B 33 17.51 24.08 6.84
CA LYS B 33 16.78 24.68 5.71
C LYS B 33 16.13 23.62 4.84
N THR B 34 16.90 22.61 4.48
CA THR B 34 16.41 21.52 3.66
C THR B 34 15.20 20.83 4.29
N ARG B 35 15.23 20.74 5.62
CA ARG B 35 14.13 20.13 6.34
C ARG B 35 12.89 21.02 6.27
N GLU B 36 13.10 22.29 6.55
CA GLU B 36 12.03 23.27 6.52
C GLU B 36 11.39 23.35 5.15
N LYS B 37 12.21 23.20 4.11
CA LYS B 37 11.75 23.27 2.72
C LYS B 37 10.77 22.15 2.42
N VAL B 38 11.03 20.98 2.96
CA VAL B 38 10.18 19.82 2.74
C VAL B 38 8.87 19.95 3.51
N GLU B 39 8.95 20.42 4.73
CA GLU B 39 7.77 20.59 5.56
C GLU B 39 6.88 21.71 5.00
N ALA B 40 7.51 22.68 4.32
CA ALA B 40 6.78 23.78 3.73
C ALA B 40 6.13 23.35 2.42
N ALA B 41 6.89 22.63 1.61
CA ALA B 41 6.41 22.10 0.33
C ALA B 41 5.14 21.30 0.53
N MET B 42 5.02 20.72 1.72
CA MET B 42 3.88 19.93 2.08
C MET B 42 2.60 20.76 2.03
N ALA B 43 2.75 22.08 2.14
CA ALA B 43 1.60 22.98 2.13
C ALA B 43 1.23 23.40 0.73
N GLU B 44 2.23 23.83 -0.03
CA GLU B 44 2.01 24.29 -1.41
C GLU B 44 1.37 23.21 -2.24
N LEU B 45 1.91 22.01 -2.11
CA LEU B 45 1.40 20.86 -2.82
C LEU B 45 0.11 20.36 -2.23
N ASN B 46 -0.19 20.76 -0.99
CA ASN B 46 -1.35 20.25 -0.29
C ASN B 46 -1.14 18.75 -0.11
N TYR B 47 0.08 18.41 0.27
CA TYR B 47 0.50 17.04 0.47
C TYR B 47 -0.38 16.34 1.46
N ILE B 48 -1.00 15.25 1.04
CA ILE B 48 -1.84 14.47 1.89
C ILE B 48 -1.40 13.03 1.62
N PRO B 49 -0.61 12.49 2.54
CA PRO B 49 -0.02 11.13 2.44
C PRO B 49 -0.88 10.09 1.74
N ASN B 50 -0.30 9.43 0.72
CA ASN B 50 -0.98 8.38 -0.07
C ASN B 50 -1.26 7.16 0.81
N ARG B 51 -2.34 7.24 1.59
CA ARG B 51 -2.72 6.18 2.53
C ARG B 51 -2.75 4.78 1.92
N CYS B 52 -3.04 4.70 0.65
CA CYS B 52 -3.10 3.41 -0.02
C CYS B 52 -1.71 2.79 -0.11
N ALA B 53 -0.80 3.48 -0.79
CA ALA B 53 0.57 2.99 -0.94
C ALA B 53 1.34 3.03 0.38
N GLN B 54 1.07 4.06 1.18
CA GLN B 54 1.74 4.22 2.46
C GLN B 54 1.42 3.08 3.41
N GLN B 55 0.21 2.56 3.31
CA GLN B 55 -0.21 1.46 4.16
C GLN B 55 0.59 0.24 3.78
N LEU B 56 0.61 -0.05 2.49
CA LEU B 56 1.39 -1.15 1.94
C LEU B 56 2.83 -1.07 2.40
N ALA B 57 3.39 0.14 2.37
CA ALA B 57 4.77 0.33 2.76
C ALA B 57 4.95 0.38 4.28
N GLY B 58 3.84 0.38 5.01
CA GLY B 58 3.89 0.42 6.46
C GLY B 58 4.08 1.82 7.03
N LYS B 59 5.10 2.51 6.55
CA LYS B 59 5.45 3.85 6.99
C LYS B 59 5.51 3.92 8.53
N GLN B 60 4.70 4.78 9.14
CA GLN B 60 4.66 4.93 10.59
C GLN B 60 3.24 4.71 11.09
N SER B 61 2.41 4.19 10.22
CA SER B 61 1.03 3.95 10.57
C SER B 61 0.78 2.48 10.87
N LEU B 62 1.69 1.63 10.41
CA LEU B 62 1.54 0.20 10.63
C LEU B 62 2.56 -0.30 11.63
N MET A 1 -7.14 -4.87 15.15
CA MET A 1 -7.64 -5.60 13.97
C MET A 1 -6.57 -5.63 12.89
N LYS A 2 -6.31 -6.82 12.35
CA LYS A 2 -5.31 -6.97 11.30
C LYS A 2 -5.98 -7.30 9.98
N PRO A 3 -5.84 -6.43 8.98
CA PRO A 3 -6.41 -6.69 7.66
C PRO A 3 -5.63 -7.80 6.97
N VAL A 4 -6.16 -9.00 7.10
CA VAL A 4 -5.58 -10.20 6.54
C VAL A 4 -5.30 -10.02 5.08
N THR A 5 -4.14 -10.48 4.67
CA THR A 5 -3.73 -10.34 3.31
C THR A 5 -3.95 -11.60 2.49
N LEU A 6 -3.77 -11.46 1.20
CA LEU A 6 -3.93 -12.57 0.28
C LEU A 6 -2.88 -13.63 0.55
N TYR A 7 -1.83 -13.25 1.27
CA TYR A 7 -0.78 -14.20 1.61
C TYR A 7 -1.21 -15.06 2.77
N ASP A 8 -1.90 -14.44 3.72
CA ASP A 8 -2.40 -15.16 4.89
C ASP A 8 -3.34 -16.25 4.41
N VAL A 9 -4.14 -15.82 3.44
CA VAL A 9 -5.10 -16.66 2.78
C VAL A 9 -4.40 -17.79 2.04
N ALA A 10 -3.37 -17.42 1.30
CA ALA A 10 -2.61 -18.39 0.53
C ALA A 10 -1.93 -19.40 1.41
N GLU A 11 -1.43 -18.93 2.53
CA GLU A 11 -0.75 -19.80 3.47
C GLU A 11 -1.72 -20.80 4.10
N TYR A 12 -2.89 -20.34 4.51
CA TYR A 12 -3.87 -21.22 5.15
C TYR A 12 -4.56 -22.11 4.12
N ALA A 13 -4.61 -21.63 2.90
CA ALA A 13 -5.24 -22.37 1.83
C ALA A 13 -4.24 -23.36 1.26
N GLY A 14 -2.95 -23.13 1.55
CA GLY A 14 -1.91 -24.01 1.05
C GLY A 14 -1.71 -23.82 -0.44
N VAL A 15 -1.81 -22.57 -0.84
CA VAL A 15 -1.67 -22.17 -2.22
C VAL A 15 -0.70 -21.01 -2.36
N SER A 16 -0.65 -20.42 -3.55
CA SER A 16 0.18 -19.26 -3.79
C SER A 16 -0.71 -18.04 -3.67
N TYR A 17 -0.11 -16.87 -3.52
CA TYR A 17 -0.91 -15.66 -3.40
C TYR A 17 -1.57 -15.42 -4.74
N GLN A 18 -0.89 -15.86 -5.78
CA GLN A 18 -1.40 -15.80 -7.13
C GLN A 18 -2.69 -16.60 -7.24
N THR A 19 -2.76 -17.72 -6.55
CA THR A 19 -3.93 -18.56 -6.61
C THR A 19 -5.11 -17.83 -5.99
N VAL A 20 -4.85 -17.23 -4.84
CA VAL A 20 -5.84 -16.47 -4.12
C VAL A 20 -6.43 -15.36 -4.98
N SER A 21 -5.55 -14.57 -5.60
CA SER A 21 -6.00 -13.47 -6.44
C SER A 21 -6.70 -14.00 -7.67
N ARG A 22 -6.28 -15.19 -8.12
CA ARG A 22 -6.89 -15.80 -9.28
C ARG A 22 -8.35 -16.11 -8.99
N VAL A 23 -8.62 -16.48 -7.74
CA VAL A 23 -9.97 -16.84 -7.32
C VAL A 23 -10.80 -15.59 -7.05
N VAL A 24 -10.22 -14.66 -6.33
CA VAL A 24 -10.92 -13.43 -5.96
C VAL A 24 -11.35 -12.61 -7.18
N ASN A 25 -10.43 -12.42 -8.10
CA ASN A 25 -10.68 -11.61 -9.29
C ASN A 25 -11.26 -12.39 -10.45
N GLN A 26 -11.02 -13.69 -10.54
CA GLN A 26 -11.51 -14.47 -11.66
C GLN A 26 -12.26 -15.70 -11.19
N ALA A 27 -11.57 -16.85 -11.28
CA ALA A 27 -12.10 -18.18 -10.93
C ALA A 27 -11.52 -19.23 -11.85
N SER A 28 -11.53 -18.93 -13.14
CA SER A 28 -11.03 -19.85 -14.15
C SER A 28 -9.54 -20.13 -13.97
N HIS A 29 -9.12 -21.32 -14.39
CA HIS A 29 -7.74 -21.77 -14.26
C HIS A 29 -7.44 -22.16 -12.83
N VAL A 30 -8.50 -22.34 -12.08
CA VAL A 30 -8.43 -22.72 -10.69
C VAL A 30 -9.42 -23.84 -10.47
N SER A 31 -8.92 -24.95 -9.99
CA SER A 31 -9.75 -26.10 -9.74
C SER A 31 -10.70 -25.80 -8.59
N ALA A 32 -11.89 -26.38 -8.66
CA ALA A 32 -12.90 -26.18 -7.62
C ALA A 32 -12.33 -26.57 -6.25
N LYS A 33 -11.50 -27.64 -6.24
CA LYS A 33 -10.87 -28.11 -5.01
C LYS A 33 -10.10 -26.99 -4.30
N THR A 34 -9.37 -26.20 -5.07
CA THR A 34 -8.59 -25.09 -4.50
C THR A 34 -9.43 -23.85 -4.32
N ARG A 35 -10.25 -23.53 -5.32
CA ARG A 35 -11.10 -22.33 -5.29
C ARG A 35 -11.96 -22.25 -4.05
N GLU A 36 -12.63 -23.33 -3.77
CA GLU A 36 -13.53 -23.39 -2.64
C GLU A 36 -12.76 -23.40 -1.33
N LYS A 37 -11.51 -23.83 -1.41
CA LYS A 37 -10.66 -23.91 -0.25
C LYS A 37 -10.07 -22.56 0.05
N VAL A 38 -9.86 -21.77 -0.98
CA VAL A 38 -9.30 -20.46 -0.81
C VAL A 38 -10.36 -19.50 -0.32
N GLU A 39 -11.55 -19.63 -0.92
CA GLU A 39 -12.70 -18.80 -0.54
C GLU A 39 -13.01 -19.03 0.93
N ALA A 40 -12.70 -20.22 1.36
CA ALA A 40 -12.89 -20.61 2.75
C ALA A 40 -11.83 -20.00 3.65
N ALA A 41 -10.60 -19.92 3.16
CA ALA A 41 -9.50 -19.37 3.94
C ALA A 41 -9.77 -17.91 4.25
N MET A 42 -10.36 -17.23 3.29
CA MET A 42 -10.69 -15.81 3.44
C MET A 42 -11.74 -15.60 4.52
N ALA A 43 -12.52 -16.63 4.79
CA ALA A 43 -13.55 -16.52 5.80
C ALA A 43 -13.00 -16.85 7.17
N GLU A 44 -12.08 -17.78 7.17
CA GLU A 44 -11.43 -18.21 8.40
C GLU A 44 -10.67 -17.09 9.05
N LEU A 45 -9.76 -16.58 8.28
CA LEU A 45 -8.89 -15.51 8.70
C LEU A 45 -9.53 -14.14 8.58
N ASN A 46 -10.63 -14.09 7.83
CA ASN A 46 -11.33 -12.83 7.60
C ASN A 46 -10.46 -11.90 6.74
N TYR A 47 -10.34 -12.27 5.48
CA TYR A 47 -9.55 -11.51 4.54
C TYR A 47 -10.36 -10.35 3.97
N ILE A 48 -9.83 -9.15 4.09
CA ILE A 48 -10.51 -7.98 3.55
C ILE A 48 -9.68 -7.39 2.42
N PRO A 49 -10.11 -7.61 1.14
CA PRO A 49 -9.39 -7.12 -0.06
C PRO A 49 -9.08 -5.62 -0.03
N ASN A 50 -7.80 -5.27 0.07
CA ASN A 50 -7.39 -3.88 0.11
C ASN A 50 -7.61 -3.21 -1.24
N ARG A 51 -8.60 -2.33 -1.27
CA ARG A 51 -8.96 -1.62 -2.49
C ARG A 51 -7.90 -0.59 -2.85
N CYS A 52 -7.21 -0.09 -1.84
CA CYS A 52 -6.18 0.91 -2.04
C CYS A 52 -4.96 0.28 -2.64
N ALA A 53 -4.81 -1.00 -2.41
CA ALA A 53 -3.70 -1.76 -2.95
C ALA A 53 -4.00 -2.15 -4.38
N GLN A 54 -5.26 -2.47 -4.62
CA GLN A 54 -5.73 -2.81 -5.96
C GLN A 54 -5.64 -1.58 -6.85
N GLN A 55 -5.82 -0.41 -6.23
CA GLN A 55 -5.71 0.85 -6.97
C GLN A 55 -4.25 1.14 -7.29
N LEU A 56 -3.34 0.63 -6.46
CA LEU A 56 -1.93 0.83 -6.67
C LEU A 56 -1.39 -0.09 -7.78
N ALA A 57 -1.83 -1.35 -7.79
CA ALA A 57 -1.37 -2.30 -8.79
C ALA A 57 -2.04 -2.08 -10.15
N GLY A 58 -3.06 -1.23 -10.18
CA GLY A 58 -3.75 -0.96 -11.41
C GLY A 58 -5.20 -1.32 -11.32
N LYS A 59 -6.05 -0.32 -11.32
CA LYS A 59 -7.48 -0.52 -11.22
C LYS A 59 -8.06 -1.14 -12.49
N GLN A 60 -8.56 -2.36 -12.37
CA GLN A 60 -9.14 -3.04 -13.53
C GLN A 60 -10.58 -2.63 -13.74
N SER A 61 -10.77 -1.57 -14.54
CA SER A 61 -12.09 -1.05 -14.87
C SER A 61 -12.77 -0.39 -13.67
N LEU A 62 -13.31 -1.17 -12.75
CA LEU A 62 -13.98 -0.60 -11.61
C LEU A 62 -13.04 -0.54 -10.41
N MET B 1 -10.46 17.08 -3.84
CA MET B 1 -9.06 17.28 -3.47
C MET B 1 -8.29 15.97 -3.59
N LYS B 2 -7.27 15.95 -4.43
CA LYS B 2 -6.48 14.74 -4.64
C LYS B 2 -5.34 14.65 -3.62
N PRO B 3 -5.23 13.50 -2.92
CA PRO B 3 -4.16 13.27 -1.95
C PRO B 3 -2.78 13.35 -2.60
N VAL B 4 -1.95 14.22 -2.07
CA VAL B 4 -0.61 14.43 -2.59
C VAL B 4 0.30 13.26 -2.19
N THR B 5 1.54 13.28 -2.68
CA THR B 5 2.48 12.22 -2.41
C THR B 5 3.79 12.81 -1.96
N LEU B 6 4.54 12.05 -1.16
CA LEU B 6 5.84 12.47 -0.69
C LEU B 6 6.71 12.93 -1.82
N TYR B 7 6.47 12.35 -2.97
CA TYR B 7 7.21 12.65 -4.18
C TYR B 7 6.88 14.03 -4.72
N ASP B 8 5.63 14.42 -4.68
CA ASP B 8 5.24 15.74 -5.16
C ASP B 8 5.88 16.79 -4.28
N VAL B 9 6.03 16.46 -3.02
CA VAL B 9 6.65 17.37 -2.07
C VAL B 9 8.11 17.56 -2.41
N ALA B 10 8.80 16.45 -2.73
CA ALA B 10 10.20 16.48 -3.07
C ALA B 10 10.45 17.37 -4.26
N GLU B 11 9.83 17.04 -5.37
CA GLU B 11 10.04 17.80 -6.59
C GLU B 11 9.72 19.28 -6.40
N TYR B 12 8.68 19.55 -5.64
CA TYR B 12 8.31 20.93 -5.37
C TYR B 12 9.43 21.64 -4.63
N ALA B 13 9.95 20.98 -3.60
CA ALA B 13 10.99 21.55 -2.78
C ALA B 13 12.37 21.46 -3.43
N GLY B 14 12.53 20.59 -4.41
CA GLY B 14 13.80 20.45 -5.07
C GLY B 14 14.45 19.13 -4.69
N VAL B 15 14.45 18.89 -3.40
CA VAL B 15 15.04 17.71 -2.77
C VAL B 15 14.67 16.36 -3.37
N SER B 16 15.52 15.38 -3.08
CA SER B 16 15.30 14.02 -3.49
C SER B 16 14.16 13.44 -2.67
N TYR B 17 13.62 12.34 -3.10
CA TYR B 17 12.49 11.72 -2.42
C TYR B 17 12.92 11.18 -1.05
N GLN B 18 14.03 10.43 -1.00
CA GLN B 18 14.58 9.91 0.29
C GLN B 18 14.83 11.06 1.27
N THR B 19 14.82 12.27 0.74
CA THR B 19 15.04 13.44 1.57
C THR B 19 13.76 13.80 2.30
N VAL B 20 12.66 13.58 1.63
CA VAL B 20 11.34 13.86 2.17
C VAL B 20 11.03 12.87 3.28
N SER B 21 11.27 11.56 3.04
CA SER B 21 11.09 10.54 4.07
C SER B 21 11.89 10.98 5.29
N ARG B 22 13.16 11.28 4.99
CA ARG B 22 14.12 11.74 5.99
C ARG B 22 13.59 12.91 6.83
N VAL B 23 12.88 13.82 6.21
CA VAL B 23 12.33 14.97 6.90
C VAL B 23 11.04 14.60 7.63
N VAL B 24 10.16 13.88 6.95
CA VAL B 24 8.88 13.45 7.50
C VAL B 24 9.07 12.73 8.84
N ASN B 25 10.03 11.80 8.87
CA ASN B 25 10.30 11.03 10.08
C ASN B 25 11.23 11.79 11.03
N GLN B 26 11.68 12.97 10.58
CA GLN B 26 12.60 13.78 11.37
C GLN B 26 13.86 12.99 11.68
N ALA B 27 14.30 12.22 10.69
CA ALA B 27 15.48 11.38 10.85
C ALA B 27 16.76 12.22 10.91
N SER B 28 17.86 11.59 11.31
CA SER B 28 19.12 12.26 11.37
C SER B 28 19.75 12.34 9.98
N HIS B 29 20.95 12.95 9.91
CA HIS B 29 21.67 13.11 8.64
C HIS B 29 20.88 14.02 7.70
N VAL B 30 20.28 15.07 8.26
CA VAL B 30 19.49 16.02 7.48
C VAL B 30 19.76 17.45 7.92
N SER B 31 20.02 18.30 6.94
CA SER B 31 20.30 19.71 7.19
C SER B 31 19.02 20.41 7.64
N ALA B 32 19.15 21.41 8.52
CA ALA B 32 17.99 22.12 9.05
C ALA B 32 17.30 23.02 8.04
N LYS B 33 17.91 23.18 6.88
CA LYS B 33 17.33 24.06 5.90
C LYS B 33 16.41 23.22 5.01
N THR B 34 17.03 22.17 4.48
CA THR B 34 16.36 21.18 3.65
C THR B 34 15.16 20.57 4.37
N ARG B 35 15.22 20.54 5.68
CA ARG B 35 14.13 20.02 6.49
C ARG B 35 12.93 20.98 6.46
N GLU B 36 13.23 22.25 6.69
CA GLU B 36 12.19 23.29 6.73
C GLU B 36 11.60 23.51 5.35
N LYS B 37 12.40 23.24 4.33
CA LYS B 37 11.96 23.39 2.96
C LYS B 37 10.87 22.37 2.64
N VAL B 38 11.13 21.11 2.99
CA VAL B 38 10.20 20.02 2.75
C VAL B 38 8.92 20.17 3.55
N GLU B 39 9.03 20.64 4.78
CA GLU B 39 7.85 20.80 5.61
C GLU B 39 6.99 21.95 5.07
N ALA B 40 7.64 22.94 4.47
CA ALA B 40 6.94 24.08 3.87
C ALA B 40 6.18 23.61 2.65
N ALA B 41 6.86 22.81 1.83
CA ALA B 41 6.28 22.25 0.61
C ALA B 41 5.03 21.43 0.90
N MET B 42 4.96 20.90 2.09
CA MET B 42 3.80 20.10 2.48
C MET B 42 2.62 21.03 2.63
N ALA B 43 2.94 22.27 2.93
CA ALA B 43 1.93 23.30 3.14
C ALA B 43 1.60 23.97 1.82
N GLU B 44 2.42 23.73 0.79
CA GLU B 44 2.18 24.37 -0.50
C GLU B 44 1.32 23.42 -1.31
N LEU B 45 1.82 22.19 -1.40
CA LEU B 45 1.16 21.11 -2.14
C LEU B 45 -0.08 20.61 -1.44
N ASN B 46 -0.31 21.01 -0.19
CA ASN B 46 -1.42 20.48 0.58
C ASN B 46 -1.23 18.96 0.72
N TYR B 47 0.00 18.60 1.06
CA TYR B 47 0.42 17.23 1.21
C TYR B 47 -0.36 16.52 2.27
N ILE B 48 -0.99 15.41 1.91
CA ILE B 48 -1.73 14.62 2.84
C ILE B 48 -1.36 13.19 2.44
N PRO B 49 -0.41 12.60 3.19
CA PRO B 49 0.17 11.26 2.92
C PRO B 49 -0.74 10.25 2.23
N ASN B 50 -0.23 9.71 1.10
CA ASN B 50 -0.91 8.70 0.29
C ASN B 50 -1.36 7.52 1.16
N ARG B 51 -2.61 7.58 1.61
CA ARG B 51 -3.18 6.57 2.51
C ARG B 51 -3.12 5.16 1.94
N CYS B 52 -3.22 5.03 0.63
CA CYS B 52 -3.18 3.72 0.01
C CYS B 52 -1.77 3.14 0.03
N ALA B 53 -0.84 3.85 -0.59
CA ALA B 53 0.54 3.39 -0.64
C ALA B 53 1.22 3.37 0.73
N GLN B 54 0.90 4.33 1.58
CA GLN B 54 1.51 4.40 2.91
C GLN B 54 1.10 3.20 3.76
N GLN B 55 -0.18 2.84 3.70
CA GLN B 55 -0.69 1.70 4.42
C GLN B 55 0.03 0.45 3.95
N LEU B 56 0.30 0.43 2.66
CA LEU B 56 1.00 -0.68 2.04
C LEU B 56 2.45 -0.71 2.47
N ALA B 57 3.13 0.44 2.44
CA ALA B 57 4.52 0.49 2.84
C ALA B 57 4.69 -0.07 4.24
N GLY B 58 4.09 0.55 5.27
CA GLY B 58 4.17 -0.05 6.58
C GLY B 58 4.03 1.01 7.66
N LYS B 59 4.44 2.22 7.32
CA LYS B 59 4.38 3.36 8.23
C LYS B 59 3.61 4.51 7.60
N GLN B 60 3.55 5.65 8.29
CA GLN B 60 2.84 6.81 7.78
C GLN B 60 3.68 8.07 7.98
N SER B 61 3.49 8.74 9.11
CA SER B 61 4.24 9.95 9.42
C SER B 61 5.49 9.57 10.18
N LEU B 62 5.38 8.49 10.93
CA LEU B 62 6.47 7.97 11.73
C LEU B 62 6.34 6.47 11.85
N MET A 1 -2.03 -10.27 14.07
CA MET A 1 -2.15 -9.18 13.08
C MET A 1 -3.61 -8.79 12.90
N LYS A 2 -3.90 -7.50 12.76
CA LYS A 2 -5.26 -7.02 12.59
C LYS A 2 -5.80 -7.43 11.20
N PRO A 3 -5.15 -7.02 10.09
CA PRO A 3 -5.60 -7.39 8.75
C PRO A 3 -4.95 -8.69 8.30
N VAL A 4 -5.65 -9.40 7.44
CA VAL A 4 -5.17 -10.65 6.90
C VAL A 4 -4.77 -10.38 5.46
N THR A 5 -4.13 -11.33 4.81
CA THR A 5 -3.65 -11.10 3.46
C THR A 5 -3.98 -12.29 2.59
N LEU A 6 -3.90 -12.09 1.28
CA LEU A 6 -4.17 -13.15 0.34
C LEU A 6 -3.13 -14.25 0.51
N TYR A 7 -2.03 -13.90 1.19
CA TYR A 7 -0.97 -14.84 1.44
C TYR A 7 -1.35 -15.78 2.56
N ASP A 8 -1.99 -15.24 3.59
CA ASP A 8 -2.40 -16.05 4.74
C ASP A 8 -3.40 -17.08 4.24
N VAL A 9 -4.23 -16.60 3.35
CA VAL A 9 -5.25 -17.41 2.71
C VAL A 9 -4.59 -18.47 1.88
N ALA A 10 -3.56 -18.05 1.16
CA ALA A 10 -2.80 -18.94 0.32
C ALA A 10 -2.13 -20.03 1.15
N GLU A 11 -1.60 -19.64 2.30
CA GLU A 11 -0.95 -20.59 3.20
C GLU A 11 -1.98 -21.54 3.80
N TYR A 12 -3.07 -20.97 4.28
CA TYR A 12 -4.15 -21.75 4.88
C TYR A 12 -4.75 -22.71 3.88
N ALA A 13 -4.78 -22.30 2.63
CA ALA A 13 -5.37 -23.09 1.61
C ALA A 13 -4.38 -24.04 0.98
N GLY A 14 -3.09 -23.74 1.13
CA GLY A 14 -2.08 -24.58 0.54
C GLY A 14 -1.93 -24.28 -0.93
N VAL A 15 -1.99 -23.00 -1.25
CA VAL A 15 -1.89 -22.53 -2.61
C VAL A 15 -0.98 -21.33 -2.68
N SER A 16 -0.93 -20.71 -3.84
CA SER A 16 -0.13 -19.53 -4.00
C SER A 16 -1.01 -18.31 -3.86
N TYR A 17 -0.42 -17.19 -3.46
CA TYR A 17 -1.19 -15.96 -3.29
C TYR A 17 -1.98 -15.62 -4.54
N GLN A 18 -1.35 -15.72 -5.71
CA GLN A 18 -2.05 -15.48 -6.96
C GLN A 18 -3.18 -16.49 -7.17
N THR A 19 -3.09 -17.65 -6.53
CA THR A 19 -4.14 -18.66 -6.68
C THR A 19 -5.38 -18.16 -5.96
N VAL A 20 -5.17 -17.62 -4.78
CA VAL A 20 -6.25 -17.07 -3.97
C VAL A 20 -6.97 -15.96 -4.72
N SER A 21 -6.19 -15.05 -5.32
CA SER A 21 -6.77 -13.94 -6.07
C SER A 21 -7.63 -14.44 -7.22
N ARG A 22 -7.30 -15.60 -7.73
CA ARG A 22 -8.04 -16.19 -8.82
C ARG A 22 -9.36 -16.71 -8.33
N VAL A 23 -9.39 -17.12 -7.07
CA VAL A 23 -10.62 -17.62 -6.45
C VAL A 23 -11.50 -16.45 -6.05
N VAL A 24 -10.87 -15.44 -5.48
CA VAL A 24 -11.56 -14.25 -5.04
C VAL A 24 -12.16 -13.48 -6.21
N ASN A 25 -11.32 -13.17 -7.19
CA ASN A 25 -11.74 -12.39 -8.36
C ASN A 25 -12.43 -13.22 -9.45
N GLN A 26 -12.00 -14.47 -9.64
CA GLN A 26 -12.56 -15.29 -10.69
C GLN A 26 -13.09 -16.60 -10.14
N ALA A 27 -12.49 -17.72 -10.61
CA ALA A 27 -12.89 -19.08 -10.24
C ALA A 27 -12.48 -20.11 -11.29
N SER A 28 -12.44 -19.65 -12.54
CA SER A 28 -12.13 -20.48 -13.71
C SER A 28 -10.96 -21.45 -13.50
N HIS A 29 -9.74 -21.01 -13.85
CA HIS A 29 -8.51 -21.76 -13.72
C HIS A 29 -8.16 -22.14 -12.29
N VAL A 30 -9.12 -22.56 -11.52
CA VAL A 30 -8.88 -22.99 -10.17
C VAL A 30 -9.65 -24.26 -9.93
N SER A 31 -8.93 -25.35 -9.73
CA SER A 31 -9.55 -26.64 -9.48
C SER A 31 -10.59 -26.50 -8.37
N ALA A 32 -11.75 -27.10 -8.58
CA ALA A 32 -12.84 -27.04 -7.61
C ALA A 32 -12.37 -27.47 -6.23
N LYS A 33 -11.48 -28.46 -6.22
CA LYS A 33 -10.91 -28.99 -4.98
C LYS A 33 -10.17 -27.91 -4.21
N THR A 34 -9.49 -27.04 -4.92
CA THR A 34 -8.72 -25.97 -4.28
C THR A 34 -9.53 -24.70 -4.10
N ARG A 35 -10.30 -24.31 -5.12
CA ARG A 35 -11.09 -23.09 -5.09
C ARG A 35 -12.03 -23.05 -3.90
N GLU A 36 -12.78 -24.11 -3.74
CA GLU A 36 -13.74 -24.21 -2.67
C GLU A 36 -13.04 -24.33 -1.32
N LYS A 37 -11.78 -24.74 -1.36
CA LYS A 37 -11.01 -24.87 -0.14
C LYS A 37 -10.37 -23.54 0.21
N VAL A 38 -10.09 -22.73 -0.79
CA VAL A 38 -9.49 -21.42 -0.55
C VAL A 38 -10.54 -20.49 0.01
N GLU A 39 -11.76 -20.60 -0.52
CA GLU A 39 -12.87 -19.77 -0.05
C GLU A 39 -13.13 -20.06 1.42
N ALA A 40 -12.88 -21.30 1.81
CA ALA A 40 -13.06 -21.75 3.17
C ALA A 40 -11.93 -21.24 4.06
N ALA A 41 -10.75 -21.05 3.47
CA ALA A 41 -9.59 -20.57 4.21
C ALA A 41 -9.85 -19.15 4.68
N MET A 42 -10.39 -18.34 3.79
CA MET A 42 -10.68 -16.93 4.06
C MET A 42 -11.59 -16.74 5.27
N ALA A 43 -12.39 -17.73 5.56
CA ALA A 43 -13.32 -17.63 6.68
C ALA A 43 -12.65 -18.01 7.97
N GLU A 44 -11.61 -18.79 7.83
CA GLU A 44 -10.86 -19.24 8.98
C GLU A 44 -10.03 -18.13 9.60
N LEU A 45 -9.12 -17.61 8.82
CA LEU A 45 -8.25 -16.56 9.33
C LEU A 45 -8.89 -15.18 9.21
N ASN A 46 -10.07 -15.11 8.58
CA ASN A 46 -10.81 -13.86 8.41
C ASN A 46 -10.10 -12.93 7.44
N TYR A 47 -10.04 -13.34 6.18
CA TYR A 47 -9.39 -12.55 5.16
C TYR A 47 -10.28 -11.45 4.63
N ILE A 48 -9.80 -10.22 4.66
CA ILE A 48 -10.51 -9.08 4.15
C ILE A 48 -9.73 -8.46 3.01
N PRO A 49 -10.29 -8.47 1.81
CA PRO A 49 -9.66 -7.88 0.61
C PRO A 49 -9.28 -6.41 0.81
N ASN A 50 -8.00 -6.09 0.66
CA ASN A 50 -7.52 -4.73 0.83
C ASN A 50 -7.91 -3.85 -0.35
N ARG A 51 -8.97 -3.07 -0.17
CA ARG A 51 -9.47 -2.18 -1.20
C ARG A 51 -8.41 -1.14 -1.66
N CYS A 52 -7.55 -0.69 -0.75
CA CYS A 52 -6.53 0.30 -1.10
C CYS A 52 -5.44 -0.33 -1.96
N ALA A 53 -5.04 -1.56 -1.62
CA ALA A 53 -4.02 -2.25 -2.40
C ALA A 53 -4.61 -2.59 -3.75
N GLN A 54 -5.87 -3.03 -3.70
CA GLN A 54 -6.63 -3.35 -4.89
C GLN A 54 -6.71 -2.13 -5.81
N GLN A 55 -6.65 -0.93 -5.22
CA GLN A 55 -6.68 0.30 -6.00
C GLN A 55 -5.28 0.63 -6.50
N LEU A 56 -4.28 0.44 -5.62
CA LEU A 56 -2.89 0.73 -5.94
C LEU A 56 -2.45 -0.05 -7.17
N ALA A 57 -2.66 -1.36 -7.13
CA ALA A 57 -2.28 -2.21 -8.25
C ALA A 57 -3.40 -2.23 -9.27
N GLY A 58 -4.53 -1.70 -8.83
CA GLY A 58 -5.71 -1.64 -9.66
C GLY A 58 -5.62 -0.66 -10.81
N LYS A 59 -4.88 0.43 -10.64
CA LYS A 59 -4.73 1.44 -11.69
C LYS A 59 -6.03 2.22 -11.82
N GLN A 60 -6.74 2.30 -10.71
CA GLN A 60 -8.02 3.00 -10.67
C GLN A 60 -7.94 4.24 -9.78
N SER A 61 -6.77 4.45 -9.19
CA SER A 61 -6.51 5.59 -8.31
C SER A 61 -6.40 6.87 -9.14
N LEU A 62 -5.98 6.71 -10.38
CA LEU A 62 -5.83 7.81 -11.31
C LEU A 62 -6.42 7.41 -12.65
N MET B 1 -1.26 14.70 -10.48
CA MET B 1 -2.37 13.87 -9.94
C MET B 1 -3.02 14.58 -8.76
N LYS B 2 -4.27 14.20 -8.44
CA LYS B 2 -4.99 14.82 -7.32
C LYS B 2 -4.32 14.49 -5.97
N PRO B 3 -4.22 13.20 -5.58
CA PRO B 3 -3.54 12.84 -4.34
C PRO B 3 -2.03 12.95 -4.52
N VAL B 4 -1.46 13.89 -3.80
CA VAL B 4 -0.04 14.13 -3.87
C VAL B 4 0.69 13.14 -2.99
N THR B 5 1.91 12.86 -3.34
CA THR B 5 2.69 11.88 -2.63
C THR B 5 4.09 12.37 -2.36
N LEU B 6 4.84 11.63 -1.56
CA LEU B 6 6.21 11.96 -1.24
C LEU B 6 7.01 12.25 -2.52
N TYR B 7 6.63 11.60 -3.60
CA TYR B 7 7.31 11.75 -4.87
C TYR B 7 7.03 13.11 -5.48
N ASP B 8 5.81 13.59 -5.35
CA ASP B 8 5.46 14.91 -5.89
C ASP B 8 6.17 15.98 -5.08
N VAL B 9 6.35 15.68 -3.81
CA VAL B 9 7.01 16.58 -2.89
C VAL B 9 8.50 16.66 -3.19
N ALA B 10 9.11 15.50 -3.41
CA ALA B 10 10.53 15.44 -3.74
C ALA B 10 10.85 16.20 -5.01
N GLU B 11 10.02 16.04 -6.02
CA GLU B 11 10.22 16.68 -7.31
C GLU B 11 10.18 18.21 -7.20
N TYR B 12 9.12 18.72 -6.60
CA TYR B 12 8.93 20.17 -6.43
C TYR B 12 10.04 20.82 -5.61
N ALA B 13 10.36 20.23 -4.47
CA ALA B 13 11.36 20.79 -3.58
C ALA B 13 12.77 20.68 -4.16
N GLY B 14 12.95 19.77 -5.13
CA GLY B 14 14.26 19.62 -5.73
C GLY B 14 15.23 18.93 -4.79
N VAL B 15 14.77 17.83 -4.21
CA VAL B 15 15.57 17.04 -3.32
C VAL B 15 15.42 15.60 -3.72
N SER B 16 16.30 14.75 -3.23
CA SER B 16 16.17 13.34 -3.53
C SER B 16 14.92 12.84 -2.82
N TYR B 17 14.31 11.81 -3.36
CA TYR B 17 13.09 11.26 -2.80
C TYR B 17 13.34 10.66 -1.41
N GLN B 18 14.60 10.39 -1.08
CA GLN B 18 14.91 9.82 0.22
C GLN B 18 14.98 10.95 1.24
N THR B 19 15.28 12.16 0.74
CA THR B 19 15.36 13.35 1.59
C THR B 19 14.00 13.62 2.21
N VAL B 20 12.97 13.35 1.42
CA VAL B 20 11.60 13.55 1.86
C VAL B 20 11.29 12.57 2.98
N SER B 21 11.66 11.31 2.77
CA SER B 21 11.48 10.29 3.79
C SER B 21 12.22 10.75 5.04
N ARG B 22 13.46 11.18 4.84
CA ARG B 22 14.29 11.68 5.92
C ARG B 22 13.61 12.77 6.74
N VAL B 23 12.93 13.69 6.07
CA VAL B 23 12.25 14.79 6.74
C VAL B 23 10.97 14.29 7.41
N VAL B 24 10.34 13.31 6.79
CA VAL B 24 9.10 12.75 7.30
C VAL B 24 9.37 11.83 8.49
N ASN B 25 10.52 11.17 8.46
CA ASN B 25 10.92 10.26 9.52
C ASN B 25 11.39 11.02 10.72
N GLN B 26 12.64 11.42 10.66
CA GLN B 26 13.30 12.13 11.73
C GLN B 26 14.44 12.97 11.17
N ALA B 27 14.16 14.24 10.95
CA ALA B 27 15.17 15.16 10.44
C ALA B 27 16.44 15.09 11.28
N SER B 28 17.56 14.76 10.63
CA SER B 28 18.85 14.62 11.32
C SER B 28 20.00 14.74 10.33
N HIS B 29 19.88 14.04 9.20
CA HIS B 29 20.91 14.07 8.17
C HIS B 29 20.42 14.97 7.05
N VAL B 30 19.77 16.06 7.43
CA VAL B 30 19.22 17.01 6.48
C VAL B 30 19.49 18.43 6.97
N SER B 31 19.80 19.31 6.04
CA SER B 31 20.07 20.70 6.36
C SER B 31 18.77 21.44 6.65
N ALA B 32 18.88 22.57 7.34
CA ALA B 32 17.71 23.37 7.70
C ALA B 32 16.87 23.71 6.47
N LYS B 33 17.53 24.26 5.46
CA LYS B 33 16.88 24.64 4.21
C LYS B 33 16.08 23.48 3.63
N THR B 34 16.80 22.40 3.36
CA THR B 34 16.23 21.19 2.79
C THR B 34 15.03 20.68 3.60
N ARG B 35 15.14 20.74 4.91
CA ARG B 35 14.08 20.29 5.80
C ARG B 35 12.83 21.13 5.61
N GLU B 36 13.02 22.43 5.61
CA GLU B 36 11.91 23.36 5.48
C GLU B 36 11.39 23.45 4.06
N LYS B 37 12.24 23.14 3.09
CA LYS B 37 11.85 23.17 1.69
C LYS B 37 10.83 22.06 1.42
N VAL B 38 11.08 20.91 2.01
CA VAL B 38 10.20 19.76 1.85
C VAL B 38 8.87 20.00 2.56
N GLU B 39 8.94 20.61 3.73
CA GLU B 39 7.73 20.91 4.49
C GLU B 39 6.86 21.90 3.72
N ALA B 40 7.52 22.88 3.10
CA ALA B 40 6.83 23.89 2.30
C ALA B 40 6.14 23.25 1.11
N ALA B 41 6.90 22.41 0.40
CA ALA B 41 6.39 21.70 -0.76
C ALA B 41 5.09 20.95 -0.44
N MET B 42 4.96 20.52 0.79
CA MET B 42 3.78 19.79 1.23
C MET B 42 2.52 20.65 1.08
N ALA B 43 2.71 21.97 1.04
CA ALA B 43 1.61 22.91 0.91
C ALA B 43 1.31 23.20 -0.54
N GLU B 44 2.35 23.56 -1.27
CA GLU B 44 2.24 23.89 -2.69
C GLU B 44 1.65 22.72 -3.44
N LEU B 45 2.19 21.56 -3.16
CA LEU B 45 1.73 20.33 -3.77
C LEU B 45 0.41 19.89 -3.19
N ASN B 46 0.08 20.36 -1.98
CA ASN B 46 -1.12 19.91 -1.29
C ASN B 46 -0.96 18.44 -1.01
N TYR B 47 0.23 18.10 -0.51
CA TYR B 47 0.58 16.72 -0.20
C TYR B 47 -0.36 16.14 0.83
N ILE B 48 -1.03 15.06 0.47
CA ILE B 48 -1.90 14.36 1.36
C ILE B 48 -1.42 12.92 1.31
N PRO B 49 -0.74 12.44 2.35
CA PRO B 49 -0.15 11.09 2.41
C PRO B 49 -0.96 10.03 1.69
N ASN B 50 -0.28 9.31 0.78
CA ASN B 50 -0.89 8.26 -0.03
C ASN B 50 -1.34 7.09 0.84
N ARG B 51 -2.49 7.26 1.45
CA ARG B 51 -3.08 6.26 2.36
C ARG B 51 -3.09 4.83 1.80
N CYS B 52 -3.09 4.66 0.49
CA CYS B 52 -3.09 3.32 -0.07
C CYS B 52 -1.71 2.70 0.00
N ALA B 53 -0.72 3.42 -0.51
CA ALA B 53 0.65 2.94 -0.51
C ALA B 53 1.23 2.96 0.89
N GLN B 54 0.84 3.97 1.66
CA GLN B 54 1.33 4.14 3.01
C GLN B 54 0.80 3.08 3.95
N GLN B 55 -0.38 2.55 3.67
CA GLN B 55 -0.95 1.51 4.52
C GLN B 55 -0.31 0.19 4.12
N LEU B 56 0.20 0.15 2.90
CA LEU B 56 0.84 -1.02 2.38
C LEU B 56 2.31 -1.06 2.79
N ALA B 57 2.98 0.09 2.76
CA ALA B 57 4.41 0.16 3.08
C ALA B 57 4.66 0.19 4.59
N GLY B 58 3.60 0.11 5.37
CA GLY B 58 3.73 0.12 6.82
C GLY B 58 4.01 1.50 7.40
N LYS B 59 3.16 2.45 7.07
CA LYS B 59 3.31 3.80 7.57
C LYS B 59 1.95 4.32 7.99
N GLN B 60 1.86 4.72 9.26
CA GLN B 60 0.62 5.23 9.83
C GLN B 60 -0.45 4.14 9.90
N SER B 61 -0.04 2.91 9.63
CA SER B 61 -0.95 1.76 9.64
C SER B 61 -1.18 1.22 11.05
N LEU B 62 -0.48 1.79 12.03
CA LEU B 62 -0.58 1.36 13.41
C LEU B 62 -0.65 2.55 14.35
N MET A 1 -0.86 -3.62 9.40
CA MET A 1 -0.67 -4.60 10.48
C MET A 1 -2.01 -5.19 10.90
N LYS A 2 -3.07 -4.36 10.95
CA LYS A 2 -4.38 -4.86 11.34
C LYS A 2 -4.96 -5.79 10.28
N PRO A 3 -4.98 -5.39 8.99
CA PRO A 3 -5.52 -6.25 7.93
C PRO A 3 -4.72 -7.54 7.72
N VAL A 4 -5.20 -8.33 6.78
CA VAL A 4 -4.63 -9.60 6.42
C VAL A 4 -4.17 -9.46 4.98
N THR A 5 -3.60 -10.50 4.39
CA THR A 5 -3.13 -10.40 3.03
C THR A 5 -3.43 -11.68 2.27
N LEU A 6 -3.31 -11.59 0.98
CA LEU A 6 -3.53 -12.72 0.09
C LEU A 6 -2.49 -13.81 0.37
N TYR A 7 -1.37 -13.41 0.99
CA TYR A 7 -0.32 -14.35 1.33
C TYR A 7 -0.73 -15.17 2.54
N ASP A 8 -1.41 -14.53 3.47
CA ASP A 8 -1.86 -15.23 4.67
C ASP A 8 -2.87 -16.28 4.23
N VAL A 9 -3.70 -15.87 3.28
CA VAL A 9 -4.72 -16.72 2.71
C VAL A 9 -4.06 -17.88 1.99
N ALA A 10 -3.07 -17.54 1.19
CA ALA A 10 -2.32 -18.52 0.41
C ALA A 10 -1.59 -19.50 1.31
N GLU A 11 -1.04 -18.99 2.40
CA GLU A 11 -0.35 -19.82 3.37
C GLU A 11 -1.33 -20.77 4.06
N TYR A 12 -2.44 -20.19 4.55
CA TYR A 12 -3.49 -20.96 5.22
C TYR A 12 -4.07 -22.02 4.30
N ALA A 13 -4.13 -21.69 3.02
CA ALA A 13 -4.71 -22.55 2.02
C ALA A 13 -3.70 -23.52 1.45
N GLY A 14 -2.42 -23.19 1.61
CA GLY A 14 -1.37 -24.04 1.09
C GLY A 14 -1.26 -23.87 -0.40
N VAL A 15 -1.54 -22.66 -0.86
CA VAL A 15 -1.54 -22.32 -2.27
C VAL A 15 -0.61 -21.15 -2.52
N SER A 16 -0.67 -20.60 -3.73
CA SER A 16 0.14 -19.45 -4.07
C SER A 16 -0.73 -18.22 -3.99
N TYR A 17 -0.13 -17.08 -3.68
CA TYR A 17 -0.90 -15.85 -3.56
C TYR A 17 -1.74 -15.62 -4.83
N GLN A 18 -1.19 -15.91 -5.99
CA GLN A 18 -1.94 -15.79 -7.23
C GLN A 18 -3.11 -16.79 -7.28
N THR A 19 -2.98 -17.91 -6.58
CA THR A 19 -4.05 -18.90 -6.54
C THR A 19 -5.26 -18.30 -5.84
N VAL A 20 -4.96 -17.58 -4.77
CA VAL A 20 -5.97 -16.86 -4.02
C VAL A 20 -6.59 -15.77 -4.89
N SER A 21 -5.76 -14.91 -5.44
CA SER A 21 -6.22 -13.81 -6.29
C SER A 21 -7.01 -14.31 -7.48
N ARG A 22 -6.72 -15.53 -7.89
CA ARG A 22 -7.40 -16.12 -9.03
C ARG A 22 -8.85 -16.41 -8.65
N VAL A 23 -9.07 -16.71 -7.37
CA VAL A 23 -10.39 -17.01 -6.87
C VAL A 23 -11.13 -15.74 -6.47
N VAL A 24 -10.41 -14.84 -5.83
CA VAL A 24 -10.98 -13.60 -5.35
C VAL A 24 -11.46 -12.73 -6.51
N ASN A 25 -10.63 -12.59 -7.52
CA ASN A 25 -10.96 -11.77 -8.68
C ASN A 25 -12.10 -12.34 -9.50
N GLN A 26 -12.11 -13.65 -9.73
CA GLN A 26 -13.17 -14.27 -10.53
C GLN A 26 -13.20 -15.78 -10.41
N ALA A 27 -12.15 -16.41 -10.94
CA ALA A 27 -11.92 -17.86 -10.94
C ALA A 27 -12.33 -18.51 -12.24
N SER A 28 -11.58 -19.52 -12.59
CA SER A 28 -11.80 -20.29 -13.81
C SER A 28 -10.88 -21.50 -13.78
N HIS A 29 -9.67 -21.34 -14.31
CA HIS A 29 -8.64 -22.35 -14.30
C HIS A 29 -8.12 -22.65 -12.90
N VAL A 30 -9.04 -22.96 -12.00
CA VAL A 30 -8.73 -23.29 -10.64
C VAL A 30 -9.66 -24.42 -10.23
N SER A 31 -9.09 -25.46 -9.68
CA SER A 31 -9.87 -26.60 -9.25
C SER A 31 -10.89 -26.16 -8.22
N ALA A 32 -12.13 -26.59 -8.40
CA ALA A 32 -13.21 -26.23 -7.47
C ALA A 32 -12.84 -26.54 -6.04
N LYS A 33 -12.13 -27.64 -5.86
CA LYS A 33 -11.70 -28.07 -4.54
C LYS A 33 -10.83 -27.00 -3.89
N THR A 34 -9.92 -26.43 -4.67
CA THR A 34 -9.01 -25.41 -4.16
C THR A 34 -9.75 -24.09 -3.90
N ARG A 35 -10.68 -23.71 -4.81
CA ARG A 35 -11.45 -22.48 -4.65
C ARG A 35 -12.18 -22.44 -3.32
N GLU A 36 -12.87 -23.53 -3.02
CA GLU A 36 -13.64 -23.64 -1.80
C GLU A 36 -12.73 -23.70 -0.59
N LYS A 37 -11.47 -24.05 -0.81
CA LYS A 37 -10.52 -24.13 0.28
C LYS A 37 -9.88 -22.78 0.54
N VAL A 38 -9.72 -21.97 -0.53
CA VAL A 38 -9.10 -20.68 -0.42
C VAL A 38 -10.05 -19.71 0.25
N GLU A 39 -11.30 -19.78 -0.18
CA GLU A 39 -12.34 -18.92 0.36
C GLU A 39 -12.59 -19.26 1.82
N ALA A 40 -12.21 -20.46 2.18
CA ALA A 40 -12.34 -20.91 3.54
C ALA A 40 -11.15 -20.42 4.35
N ALA A 41 -9.99 -20.37 3.71
CA ALA A 41 -8.78 -19.92 4.37
C ALA A 41 -8.87 -18.44 4.69
N MET A 42 -9.30 -17.68 3.69
CA MET A 42 -9.44 -16.23 3.82
C MET A 42 -10.56 -15.85 4.78
N ALA A 43 -11.44 -16.79 5.07
CA ALA A 43 -12.53 -16.51 5.99
C ALA A 43 -12.05 -16.75 7.41
N GLU A 44 -11.03 -17.59 7.53
CA GLU A 44 -10.44 -17.94 8.82
C GLU A 44 -9.65 -16.81 9.42
N LEU A 45 -8.59 -16.44 8.74
CA LEU A 45 -7.74 -15.35 9.23
C LEU A 45 -8.37 -13.99 8.98
N ASN A 46 -9.56 -13.98 8.35
CA ASN A 46 -10.34 -12.76 8.11
C ASN A 46 -9.63 -11.82 7.14
N TYR A 47 -9.50 -12.29 5.91
CA TYR A 47 -8.84 -11.55 4.88
C TYR A 47 -9.77 -10.55 4.21
N ILE A 48 -9.32 -9.31 4.20
CA ILE A 48 -10.06 -8.22 3.58
C ILE A 48 -9.29 -7.73 2.36
N PRO A 49 -9.83 -7.89 1.14
CA PRO A 49 -9.17 -7.41 -0.07
C PRO A 49 -8.97 -5.88 -0.02
N ASN A 50 -7.72 -5.45 0.01
CA ASN A 50 -7.38 -4.05 0.09
C ASN A 50 -7.55 -3.36 -1.25
N ARG A 51 -8.63 -2.60 -1.39
CA ARG A 51 -8.90 -1.87 -2.63
C ARG A 51 -7.84 -0.80 -2.86
N CYS A 52 -7.10 -0.47 -1.80
CA CYS A 52 -6.02 0.51 -1.89
C CYS A 52 -4.87 -0.07 -2.65
N ALA A 53 -4.53 -1.31 -2.32
CA ALA A 53 -3.46 -2.04 -2.98
C ALA A 53 -3.85 -2.33 -4.41
N GLN A 54 -5.11 -2.63 -4.59
CA GLN A 54 -5.64 -2.93 -5.92
C GLN A 54 -5.51 -1.72 -6.83
N GLN A 55 -5.85 -0.54 -6.29
CA GLN A 55 -5.74 0.71 -7.05
C GLN A 55 -4.28 0.99 -7.43
N LEU A 56 -3.37 0.51 -6.59
CA LEU A 56 -1.94 0.67 -6.82
C LEU A 56 -1.45 -0.30 -7.88
N ALA A 57 -1.87 -1.56 -7.75
CA ALA A 57 -1.48 -2.61 -8.68
C ALA A 57 -2.17 -2.44 -10.04
N GLY A 58 -3.26 -1.69 -10.06
CA GLY A 58 -3.99 -1.46 -11.28
C GLY A 58 -3.52 -0.22 -12.00
N LYS A 59 -2.63 -0.42 -12.97
CA LYS A 59 -2.08 0.68 -13.76
C LYS A 59 -3.19 1.51 -14.37
N GLN A 60 -4.22 0.82 -14.82
CA GLN A 60 -5.38 1.48 -15.40
C GLN A 60 -6.68 0.88 -14.84
N SER A 61 -6.62 0.40 -13.61
CA SER A 61 -7.76 -0.22 -12.96
C SER A 61 -7.78 0.06 -11.47
N LEU A 62 -8.91 0.55 -11.00
CA LEU A 62 -9.09 0.85 -9.60
C LEU A 62 -10.00 -0.20 -8.98
N MET B 1 -7.14 18.41 0.67
CA MET B 1 -8.06 18.75 -0.45
C MET B 1 -7.69 17.96 -1.69
N LYS B 2 -6.44 18.08 -2.09
CA LYS B 2 -5.95 17.37 -3.26
C LYS B 2 -5.08 16.19 -2.85
N PRO B 3 -5.21 15.07 -3.56
CA PRO B 3 -4.41 13.89 -3.29
C PRO B 3 -3.01 14.04 -3.86
N VAL B 4 -2.04 14.04 -2.98
CA VAL B 4 -0.65 14.20 -3.36
C VAL B 4 0.18 13.07 -2.76
N THR B 5 1.46 13.02 -3.12
CA THR B 5 2.33 11.98 -2.60
C THR B 5 3.69 12.54 -2.19
N LEU B 6 4.43 11.79 -1.37
CA LEU B 6 5.75 12.18 -0.96
C LEU B 6 6.64 12.47 -2.19
N TYR B 7 6.38 11.79 -3.27
CA TYR B 7 7.16 11.96 -4.50
C TYR B 7 6.94 13.34 -5.09
N ASP B 8 5.72 13.83 -5.01
CA ASP B 8 5.42 15.16 -5.55
C ASP B 8 6.04 16.22 -4.67
N VAL B 9 6.23 15.90 -3.39
CA VAL B 9 6.84 16.82 -2.45
C VAL B 9 8.34 16.91 -2.71
N ALA B 10 8.94 15.75 -2.91
CA ALA B 10 10.37 15.66 -3.19
C ALA B 10 10.74 16.48 -4.40
N GLU B 11 10.04 16.23 -5.49
CA GLU B 11 10.25 16.91 -6.75
C GLU B 11 10.11 18.41 -6.61
N TYR B 12 8.99 18.84 -6.04
CA TYR B 12 8.72 20.26 -5.87
C TYR B 12 9.74 20.96 -5.00
N ALA B 13 9.98 20.42 -3.79
CA ALA B 13 10.90 21.03 -2.87
C ALA B 13 12.33 21.00 -3.40
N GLY B 14 12.62 20.02 -4.23
CA GLY B 14 13.95 19.89 -4.79
C GLY B 14 14.87 19.18 -3.84
N VAL B 15 14.43 18.01 -3.38
CA VAL B 15 15.20 17.17 -2.48
C VAL B 15 15.08 15.74 -2.94
N SER B 16 15.95 14.88 -2.46
CA SER B 16 15.84 13.49 -2.83
C SER B 16 14.56 12.96 -2.21
N TYR B 17 14.04 11.90 -2.77
CA TYR B 17 12.81 11.32 -2.29
C TYR B 17 13.03 10.64 -0.93
N GLN B 18 14.30 10.45 -0.56
CA GLN B 18 14.63 9.81 0.71
C GLN B 18 14.63 10.90 1.78
N THR B 19 15.18 12.05 1.38
CA THR B 19 15.23 13.24 2.22
C THR B 19 13.85 13.55 2.80
N VAL B 20 12.84 13.28 1.99
CA VAL B 20 11.46 13.51 2.40
C VAL B 20 11.07 12.53 3.50
N SER B 21 11.33 11.24 3.26
CA SER B 21 11.03 10.23 4.27
C SER B 21 11.68 10.67 5.58
N ARG B 22 12.96 11.03 5.43
CA ARG B 22 13.75 11.53 6.57
C ARG B 22 13.09 12.70 7.31
N VAL B 23 12.58 13.66 6.55
CA VAL B 23 11.96 14.84 7.14
C VAL B 23 10.60 14.51 7.71
N VAL B 24 9.91 13.57 7.06
CA VAL B 24 8.59 13.16 7.47
C VAL B 24 8.64 12.39 8.80
N ASN B 25 9.74 11.70 9.04
CA ASN B 25 9.91 10.90 10.24
C ASN B 25 10.68 11.62 11.32
N GLN B 26 11.99 11.57 11.22
CA GLN B 26 12.85 12.19 12.20
C GLN B 26 14.14 12.63 11.54
N ALA B 27 14.16 13.87 11.12
CA ALA B 27 15.36 14.44 10.50
C ALA B 27 16.58 14.17 11.38
N SER B 28 17.61 13.55 10.82
CA SER B 28 18.80 13.25 11.57
C SER B 28 20.05 13.77 10.86
N HIS B 29 20.08 13.58 9.55
CA HIS B 29 21.19 14.02 8.73
C HIS B 29 20.66 14.95 7.66
N VAL B 30 19.70 15.77 8.05
CA VAL B 30 19.08 16.70 7.11
C VAL B 30 19.36 18.15 7.52
N SER B 31 19.90 18.92 6.58
CA SER B 31 20.21 20.32 6.81
C SER B 31 18.93 21.12 7.08
N ALA B 32 19.05 22.27 7.75
CA ALA B 32 17.88 23.08 8.12
C ALA B 32 17.01 23.47 6.93
N LYS B 33 17.60 24.14 5.96
CA LYS B 33 16.88 24.57 4.77
C LYS B 33 16.15 23.41 4.08
N THR B 34 16.88 22.32 3.87
CA THR B 34 16.31 21.13 3.24
C THR B 34 15.13 20.57 4.04
N ARG B 35 15.19 20.70 5.36
CA ARG B 35 14.12 20.24 6.23
C ARG B 35 12.93 21.18 6.11
N GLU B 36 13.21 22.46 6.09
CA GLU B 36 12.18 23.49 5.98
C GLU B 36 11.54 23.49 4.60
N LYS B 37 12.35 23.28 3.59
CA LYS B 37 11.92 23.29 2.21
C LYS B 37 10.85 22.24 1.94
N VAL B 38 11.07 21.06 2.49
CA VAL B 38 10.13 19.95 2.32
C VAL B 38 8.85 20.21 3.04
N GLU B 39 8.95 20.84 4.19
CA GLU B 39 7.78 21.18 4.98
C GLU B 39 6.96 22.24 4.25
N ALA B 40 7.63 23.15 3.55
CA ALA B 40 6.93 24.21 2.82
C ALA B 40 6.16 23.62 1.64
N ALA B 41 6.84 22.76 0.91
CA ALA B 41 6.24 22.07 -0.23
C ALA B 41 4.97 21.33 0.13
N MET B 42 4.89 20.90 1.36
CA MET B 42 3.72 20.17 1.83
C MET B 42 2.50 21.07 1.82
N ALA B 43 2.74 22.38 1.81
CA ALA B 43 1.66 23.36 1.87
C ALA B 43 1.16 23.72 0.49
N GLU B 44 2.09 24.14 -0.36
CA GLU B 44 1.80 24.54 -1.72
C GLU B 44 0.98 23.50 -2.46
N LEU B 45 1.55 22.33 -2.49
CA LEU B 45 0.97 21.18 -3.16
C LEU B 45 -0.17 20.56 -2.40
N ASN B 46 -0.40 20.99 -1.15
CA ASN B 46 -1.45 20.39 -0.32
C ASN B 46 -1.19 18.90 -0.19
N TYR B 47 0.06 18.57 0.12
CA TYR B 47 0.47 17.19 0.29
C TYR B 47 -0.38 16.55 1.35
N ILE B 48 -1.00 15.43 1.00
CA ILE B 48 -1.84 14.70 1.90
C ILE B 48 -1.42 13.24 1.70
N PRO B 49 -0.57 12.71 2.60
CA PRO B 49 -0.02 11.34 2.52
C PRO B 49 -0.91 10.30 1.81
N ASN B 50 -0.32 9.61 0.82
CA ASN B 50 -1.02 8.57 0.04
C ASN B 50 -1.43 7.43 0.96
N ARG B 51 -2.61 7.56 1.54
CA ARG B 51 -3.12 6.60 2.52
C ARG B 51 -3.13 5.16 2.04
N CYS B 52 -3.23 4.98 0.75
CA CYS B 52 -3.26 3.64 0.19
C CYS B 52 -1.86 3.02 0.12
N ALA B 53 -0.97 3.68 -0.64
CA ALA B 53 0.40 3.19 -0.83
C ALA B 53 1.15 3.14 0.48
N GLN B 54 0.97 4.17 1.27
CA GLN B 54 1.62 4.27 2.57
C GLN B 54 1.27 3.06 3.42
N GLN B 55 -0.03 2.88 3.66
CA GLN B 55 -0.51 1.72 4.43
C GLN B 55 0.06 0.42 3.89
N LEU B 56 0.37 0.42 2.61
CA LEU B 56 0.97 -0.74 1.97
C LEU B 56 2.45 -0.84 2.35
N ALA B 57 3.14 0.27 2.27
CA ALA B 57 4.56 0.33 2.59
C ALA B 57 4.84 0.23 4.09
N GLY B 58 3.81 0.00 4.90
CA GLY B 58 4.03 -0.12 6.33
C GLY B 58 3.89 1.20 7.10
N LYS B 59 2.95 2.03 6.69
CA LYS B 59 2.70 3.31 7.37
C LYS B 59 2.10 3.04 8.74
N GLN B 60 2.61 3.71 9.76
CA GLN B 60 2.12 3.53 11.13
C GLN B 60 0.75 4.15 11.33
N SER B 61 -0.24 3.60 10.64
CA SER B 61 -1.61 4.08 10.72
C SER B 61 -2.60 2.91 10.62
N LEU B 62 -2.08 1.73 10.34
CA LEU B 62 -2.91 0.54 10.20
C LEU B 62 -2.01 -0.68 10.20
N MET A 1 -7.70 -4.02 13.84
CA MET A 1 -6.90 -4.57 14.95
C MET A 1 -5.70 -5.36 14.45
N LYS A 2 -5.97 -6.47 13.82
CA LYS A 2 -4.93 -7.30 13.26
C LYS A 2 -5.16 -7.49 11.77
N PRO A 3 -4.43 -6.74 10.94
CA PRO A 3 -4.54 -6.84 9.48
C PRO A 3 -4.06 -8.19 8.99
N VAL A 4 -4.87 -8.83 8.17
CA VAL A 4 -4.55 -10.13 7.60
C VAL A 4 -4.48 -9.97 6.10
N THR A 5 -3.36 -10.37 5.52
CA THR A 5 -3.15 -10.21 4.10
C THR A 5 -3.39 -11.48 3.31
N LEU A 6 -3.24 -11.36 2.00
CA LEU A 6 -3.44 -12.48 1.11
C LEU A 6 -2.38 -13.54 1.35
N TYR A 7 -1.29 -13.14 2.02
CA TYR A 7 -0.19 -14.05 2.32
C TYR A 7 -0.57 -14.98 3.47
N ASP A 8 -1.23 -14.44 4.48
CA ASP A 8 -1.62 -15.26 5.62
C ASP A 8 -2.62 -16.29 5.13
N VAL A 9 -3.46 -15.80 4.24
CA VAL A 9 -4.49 -16.60 3.60
C VAL A 9 -3.86 -17.68 2.73
N ALA A 10 -2.91 -17.28 1.90
CA ALA A 10 -2.20 -18.19 1.02
C ALA A 10 -1.49 -19.28 1.82
N GLU A 11 -0.93 -18.90 2.95
CA GLU A 11 -0.22 -19.82 3.81
C GLU A 11 -1.17 -20.83 4.44
N TYR A 12 -2.25 -20.34 5.03
CA TYR A 12 -3.23 -21.20 5.65
C TYR A 12 -3.96 -22.07 4.62
N ALA A 13 -4.01 -21.59 3.39
CA ALA A 13 -4.71 -22.28 2.32
C ALA A 13 -3.78 -23.27 1.63
N GLY A 14 -2.49 -22.99 1.73
CA GLY A 14 -1.52 -23.85 1.10
C GLY A 14 -1.47 -23.60 -0.38
N VAL A 15 -1.49 -22.32 -0.72
CA VAL A 15 -1.46 -21.90 -2.10
C VAL A 15 -0.48 -20.77 -2.29
N SER A 16 -0.54 -20.11 -3.43
CA SER A 16 0.31 -18.97 -3.69
C SER A 16 -0.51 -17.72 -3.39
N TYR A 17 0.17 -16.64 -3.01
CA TYR A 17 -0.52 -15.39 -2.68
C TYR A 17 -1.37 -14.98 -3.85
N GLN A 18 -0.84 -15.19 -5.05
CA GLN A 18 -1.57 -14.90 -6.27
C GLN A 18 -2.81 -15.75 -6.39
N THR A 19 -2.75 -16.98 -5.90
CA THR A 19 -3.89 -17.87 -5.96
C THR A 19 -5.00 -17.29 -5.13
N VAL A 20 -4.64 -16.76 -3.97
CA VAL A 20 -5.58 -16.13 -3.08
C VAL A 20 -6.25 -14.95 -3.77
N SER A 21 -5.42 -14.07 -4.35
CA SER A 21 -5.91 -12.90 -5.09
C SER A 21 -6.76 -13.33 -6.26
N ARG A 22 -6.44 -14.49 -6.82
CA ARG A 22 -7.20 -15.02 -7.94
C ARG A 22 -8.58 -15.43 -7.44
N VAL A 23 -8.65 -15.87 -6.18
CA VAL A 23 -9.90 -16.28 -5.60
C VAL A 23 -10.69 -15.08 -5.14
N VAL A 24 -10.00 -14.10 -4.57
CA VAL A 24 -10.65 -12.89 -4.12
C VAL A 24 -11.25 -12.19 -5.32
N ASN A 25 -10.50 -12.20 -6.40
CA ASN A 25 -10.95 -11.59 -7.65
C ASN A 25 -12.07 -12.41 -8.31
N GLN A 26 -12.01 -13.74 -8.15
CA GLN A 26 -13.02 -14.67 -8.70
C GLN A 26 -13.04 -14.67 -10.23
N ALA A 27 -11.86 -14.90 -10.81
CA ALA A 27 -11.74 -14.94 -12.26
C ALA A 27 -11.52 -16.36 -12.77
N SER A 28 -11.01 -16.45 -13.98
CA SER A 28 -10.76 -17.72 -14.63
C SER A 28 -9.33 -18.17 -14.35
N HIS A 29 -8.91 -19.26 -14.98
CA HIS A 29 -7.56 -19.80 -14.80
C HIS A 29 -7.34 -20.19 -13.33
N VAL A 30 -8.45 -20.48 -12.65
CA VAL A 30 -8.45 -20.87 -11.27
C VAL A 30 -9.40 -22.05 -11.04
N SER A 31 -8.89 -23.12 -10.43
CA SER A 31 -9.69 -24.31 -10.12
C SER A 31 -10.62 -24.05 -8.94
N ALA A 32 -11.82 -24.63 -9.02
CA ALA A 32 -12.82 -24.48 -7.97
C ALA A 32 -12.30 -25.04 -6.63
N LYS A 33 -11.43 -26.06 -6.71
CA LYS A 33 -10.86 -26.67 -5.50
C LYS A 33 -10.08 -25.64 -4.69
N THR A 34 -9.17 -24.94 -5.36
CA THR A 34 -8.36 -23.94 -4.70
C THR A 34 -9.21 -22.75 -4.24
N ARG A 35 -10.21 -22.40 -5.04
CA ARG A 35 -11.09 -21.27 -4.72
C ARG A 35 -11.78 -21.47 -3.39
N GLU A 36 -12.32 -22.66 -3.17
CA GLU A 36 -13.03 -22.97 -1.93
C GLU A 36 -12.10 -23.10 -0.73
N LYS A 37 -10.86 -23.47 -0.97
CA LYS A 37 -9.93 -23.65 0.14
C LYS A 37 -9.34 -22.32 0.56
N VAL A 38 -9.32 -21.38 -0.37
CA VAL A 38 -8.80 -20.05 -0.08
C VAL A 38 -9.88 -19.24 0.62
N GLU A 39 -11.09 -19.40 0.15
CA GLU A 39 -12.23 -18.71 0.73
C GLU A 39 -12.38 -19.11 2.20
N ALA A 40 -12.05 -20.37 2.46
CA ALA A 40 -12.12 -20.94 3.79
C ALA A 40 -11.06 -20.31 4.69
N ALA A 41 -9.90 -20.06 4.11
CA ALA A 41 -8.81 -19.47 4.83
C ALA A 41 -9.15 -18.03 5.25
N MET A 42 -9.78 -17.30 4.35
CA MET A 42 -10.17 -15.92 4.62
C MET A 42 -11.12 -15.78 5.80
N ALA A 43 -11.91 -16.81 6.05
CA ALA A 43 -12.87 -16.76 7.13
C ALA A 43 -12.21 -17.12 8.44
N GLU A 44 -11.24 -18.00 8.34
CA GLU A 44 -10.49 -18.45 9.50
C GLU A 44 -9.70 -17.33 10.08
N LEU A 45 -8.87 -16.77 9.25
CA LEU A 45 -7.99 -15.70 9.67
C LEU A 45 -8.69 -14.33 9.66
N ASN A 46 -9.90 -14.25 9.10
CA ASN A 46 -10.62 -12.97 9.00
C ASN A 46 -9.82 -12.01 8.15
N TYR A 47 -9.57 -12.43 6.92
CA TYR A 47 -8.81 -11.66 5.95
C TYR A 47 -9.63 -10.53 5.38
N ILE A 48 -9.10 -9.33 5.48
CA ILE A 48 -9.76 -8.15 4.96
C ILE A 48 -9.03 -7.69 3.69
N PRO A 49 -9.69 -7.78 2.53
CA PRO A 49 -9.10 -7.38 1.24
C PRO A 49 -8.80 -5.89 1.19
N ASN A 50 -7.56 -5.52 0.86
CA ASN A 50 -7.17 -4.13 0.81
C ASN A 50 -7.49 -3.49 -0.55
N ARG A 51 -8.61 -2.79 -0.60
CA ARG A 51 -9.03 -2.11 -1.81
C ARG A 51 -8.02 -1.05 -2.22
N CYS A 52 -7.21 -0.64 -1.27
CA CYS A 52 -6.21 0.36 -1.50
C CYS A 52 -5.02 -0.25 -2.24
N ALA A 53 -4.69 -1.49 -1.89
CA ALA A 53 -3.58 -2.19 -2.53
C ALA A 53 -4.02 -2.70 -3.88
N GLN A 54 -5.22 -3.24 -3.93
CA GLN A 54 -5.78 -3.77 -5.16
C GLN A 54 -5.90 -2.66 -6.21
N GLN A 55 -6.14 -1.43 -5.76
CA GLN A 55 -6.23 -0.32 -6.69
C GLN A 55 -4.82 0.10 -7.11
N LEU A 56 -3.85 -0.18 -6.24
CA LEU A 56 -2.44 0.13 -6.50
C LEU A 56 -1.94 -0.66 -7.70
N ALA A 57 -2.13 -1.98 -7.65
CA ALA A 57 -1.70 -2.86 -8.73
C ALA A 57 -2.71 -2.83 -9.88
N GLY A 58 -3.89 -2.30 -9.59
CA GLY A 58 -4.92 -2.18 -10.59
C GLY A 58 -5.01 -0.77 -11.11
N LYS A 59 -6.23 -0.29 -11.29
CA LYS A 59 -6.46 1.05 -11.79
C LYS A 59 -7.34 1.85 -10.82
N GLN A 60 -7.47 3.15 -11.10
CA GLN A 60 -8.27 4.05 -10.27
C GLN A 60 -7.54 4.41 -8.99
N SER A 61 -6.20 4.46 -9.08
CA SER A 61 -5.36 4.80 -7.93
C SER A 61 -5.41 6.31 -7.67
N LEU A 62 -4.86 7.08 -8.59
CA LEU A 62 -4.87 8.55 -8.46
C LEU A 62 -6.09 9.16 -9.13
N MET B 1 -6.46 12.42 -11.29
CA MET B 1 -5.53 12.58 -10.15
C MET B 1 -6.20 13.38 -9.03
N LYS B 2 -6.34 12.78 -7.87
CA LYS B 2 -6.94 13.45 -6.72
C LYS B 2 -5.97 13.52 -5.54
N PRO B 3 -5.47 12.37 -5.03
CA PRO B 3 -4.53 12.38 -3.91
C PRO B 3 -3.10 12.65 -4.38
N VAL B 4 -2.28 13.14 -3.45
CA VAL B 4 -0.88 13.44 -3.73
C VAL B 4 0.00 12.38 -3.08
N THR B 5 1.27 12.29 -3.49
CA THR B 5 2.13 11.28 -2.95
C THR B 5 3.46 11.88 -2.53
N LEU B 6 4.21 11.16 -1.70
CA LEU B 6 5.52 11.63 -1.28
C LEU B 6 6.41 11.90 -2.47
N TYR B 7 6.18 11.18 -3.57
CA TYR B 7 6.96 11.33 -4.78
C TYR B 7 6.75 12.69 -5.42
N ASP B 8 5.53 13.18 -5.32
CA ASP B 8 5.19 14.49 -5.88
C ASP B 8 5.85 15.58 -5.03
N VAL B 9 5.93 15.30 -3.74
CA VAL B 9 6.53 16.22 -2.79
C VAL B 9 8.03 16.32 -3.02
N ALA B 10 8.64 15.18 -3.28
CA ALA B 10 10.08 15.10 -3.53
C ALA B 10 10.47 15.89 -4.76
N GLU B 11 9.79 15.61 -5.85
CA GLU B 11 10.03 16.26 -7.12
C GLU B 11 9.83 17.77 -7.05
N TYR B 12 8.69 18.18 -6.50
CA TYR B 12 8.36 19.59 -6.38
C TYR B 12 9.40 20.36 -5.58
N ALA B 13 9.85 19.79 -4.49
CA ALA B 13 10.80 20.47 -3.64
C ALA B 13 12.20 20.46 -4.25
N GLY B 14 12.46 19.50 -5.15
CA GLY B 14 13.77 19.41 -5.77
C GLY B 14 14.76 18.65 -4.92
N VAL B 15 14.32 17.50 -4.42
CA VAL B 15 15.14 16.65 -3.62
C VAL B 15 14.95 15.22 -4.09
N SER B 16 15.80 14.31 -3.64
CA SER B 16 15.64 12.93 -4.01
C SER B 16 14.48 12.32 -3.24
N TYR B 17 14.01 11.19 -3.69
CA TYR B 17 12.88 10.52 -3.06
C TYR B 17 13.23 10.07 -1.64
N GLN B 18 14.44 9.56 -1.43
CA GLN B 18 14.84 9.18 -0.08
C GLN B 18 14.86 10.39 0.85
N THR B 19 15.17 11.54 0.28
CA THR B 19 15.25 12.80 1.01
C THR B 19 13.92 13.17 1.67
N VAL B 20 12.84 13.11 0.87
CA VAL B 20 11.50 13.46 1.34
C VAL B 20 11.04 12.51 2.46
N SER B 21 11.28 11.20 2.27
CA SER B 21 10.95 10.19 3.27
C SER B 21 11.63 10.57 4.59
N ARG B 22 12.91 10.87 4.48
CA ARG B 22 13.72 11.30 5.62
C ARG B 22 13.08 12.48 6.37
N VAL B 23 12.45 13.41 5.65
CA VAL B 23 11.81 14.55 6.27
C VAL B 23 10.59 14.09 7.05
N VAL B 24 9.86 13.14 6.46
CA VAL B 24 8.67 12.58 7.07
C VAL B 24 9.08 11.76 8.30
N ASN B 25 10.21 11.10 8.19
CA ASN B 25 10.75 10.30 9.30
C ASN B 25 11.38 11.21 10.35
N GLN B 26 11.50 12.49 10.02
CA GLN B 26 12.11 13.47 10.90
C GLN B 26 13.50 13.00 11.28
N ALA B 27 14.22 12.53 10.27
CA ALA B 27 15.57 12.00 10.46
C ALA B 27 16.54 13.11 10.83
N SER B 28 17.68 12.71 11.39
CA SER B 28 18.70 13.64 11.81
C SER B 28 19.61 14.05 10.67
N HIS B 29 19.75 13.17 9.69
CA HIS B 29 20.63 13.43 8.53
C HIS B 29 19.89 14.25 7.48
N VAL B 30 19.24 15.31 7.92
CA VAL B 30 18.50 16.19 7.03
C VAL B 30 18.74 17.64 7.42
N SER B 31 19.27 18.41 6.48
CA SER B 31 19.57 19.81 6.72
C SER B 31 18.26 20.60 6.91
N ALA B 32 18.31 21.70 7.68
CA ALA B 32 17.11 22.49 7.95
C ALA B 32 16.44 22.95 6.67
N LYS B 33 17.23 23.51 5.76
CA LYS B 33 16.71 24.01 4.48
C LYS B 33 15.92 22.93 3.74
N THR B 34 16.60 21.82 3.48
CA THR B 34 16.01 20.68 2.79
C THR B 34 14.76 20.18 3.50
N ARG B 35 14.83 20.14 4.84
CA ARG B 35 13.71 19.68 5.64
C ARG B 35 12.49 20.56 5.42
N GLU B 36 12.69 21.86 5.53
CA GLU B 36 11.60 22.83 5.37
C GLU B 36 11.09 22.90 3.93
N LYS B 37 11.99 22.67 2.98
CA LYS B 37 11.62 22.71 1.58
C LYS B 37 10.60 21.62 1.27
N VAL B 38 10.83 20.47 1.85
CA VAL B 38 9.98 19.32 1.63
C VAL B 38 8.64 19.48 2.32
N GLU B 39 8.67 19.97 3.57
CA GLU B 39 7.46 20.21 4.36
C GLU B 39 6.61 21.27 3.71
N ALA B 40 7.27 22.25 3.10
CA ALA B 40 6.57 23.33 2.43
C ALA B 40 5.88 22.80 1.18
N ALA B 41 6.61 22.01 0.40
CA ALA B 41 6.10 21.40 -0.82
C ALA B 41 4.83 20.60 -0.55
N MET B 42 4.74 20.06 0.66
CA MET B 42 3.58 19.26 1.06
C MET B 42 2.33 20.11 1.04
N ALA B 43 2.52 21.42 1.14
CA ALA B 43 1.39 22.32 1.18
C ALA B 43 1.00 22.75 -0.22
N GLU B 44 1.99 23.13 -1.03
CA GLU B 44 1.76 23.56 -2.40
C GLU B 44 1.08 22.43 -3.15
N LEU B 45 1.59 21.22 -2.93
CA LEU B 45 1.08 20.02 -3.57
C LEU B 45 -0.22 19.54 -2.99
N ASN B 46 -0.55 19.98 -1.77
CA ASN B 46 -1.75 19.50 -1.08
C ASN B 46 -1.54 18.02 -0.82
N TYR B 47 -0.31 17.70 -0.41
CA TYR B 47 0.06 16.34 -0.11
C TYR B 47 -0.86 15.72 0.92
N ILE B 48 -1.45 14.58 0.57
CA ILE B 48 -2.30 13.84 1.47
C ILE B 48 -1.84 12.40 1.30
N PRO B 49 -1.00 11.92 2.24
CA PRO B 49 -0.37 10.59 2.20
C PRO B 49 -1.18 9.49 1.50
N ASN B 50 -0.53 8.82 0.55
CA ASN B 50 -1.13 7.71 -0.21
C ASN B 50 -1.29 6.48 0.69
N ARG B 51 -2.32 6.52 1.52
CA ARG B 51 -2.63 5.46 2.51
C ARG B 51 -2.70 4.07 1.88
N CYS B 52 -2.82 4.02 0.58
CA CYS B 52 -2.87 2.75 -0.11
C CYS B 52 -1.51 2.07 -0.02
N ALA B 53 -0.50 2.73 -0.56
CA ALA B 53 0.85 2.20 -0.56
C ALA B 53 1.52 2.41 0.80
N GLN B 54 1.06 3.43 1.51
CA GLN B 54 1.61 3.74 2.83
C GLN B 54 1.37 2.57 3.78
N GLN B 55 0.22 1.92 3.62
CA GLN B 55 -0.10 0.78 4.43
C GLN B 55 0.80 -0.37 4.01
N LEU B 56 0.82 -0.61 2.70
CA LEU B 56 1.65 -1.65 2.11
C LEU B 56 3.10 -1.52 2.56
N ALA B 57 3.59 -0.31 2.59
CA ALA B 57 4.97 -0.07 2.96
C ALA B 57 5.23 -0.15 4.46
N GLY B 58 4.20 -0.30 5.28
CA GLY B 58 4.44 -0.44 6.71
C GLY B 58 3.37 0.17 7.58
N LYS B 59 3.00 1.42 7.29
CA LYS B 59 2.00 2.09 8.10
C LYS B 59 0.61 1.66 7.72
N GLN B 60 0.23 0.53 8.26
CA GLN B 60 -1.09 -0.02 8.01
C GLN B 60 -2.10 0.60 8.95
N SER B 61 -3.33 0.72 8.49
CA SER B 61 -4.37 1.29 9.32
C SER B 61 -5.66 0.51 9.17
N LEU B 62 -5.59 -0.78 9.49
CA LEU B 62 -6.74 -1.66 9.43
C LEU B 62 -7.14 -2.08 10.85
N MET A 1 0.01 -2.42 7.41
CA MET A 1 -0.44 -3.61 8.18
C MET A 1 -1.65 -3.26 9.04
N LYS A 2 -2.73 -4.01 8.85
CA LYS A 2 -3.98 -3.81 9.59
C LYS A 2 -4.99 -4.90 9.20
N PRO A 3 -5.37 -5.02 7.91
CA PRO A 3 -6.29 -6.05 7.47
C PRO A 3 -5.54 -7.29 6.97
N VAL A 4 -6.12 -8.48 7.14
CA VAL A 4 -5.54 -9.71 6.65
C VAL A 4 -5.22 -9.53 5.17
N THR A 5 -4.37 -10.37 4.62
CA THR A 5 -3.94 -10.18 3.26
C THR A 5 -4.17 -11.43 2.45
N LEU A 6 -3.97 -11.30 1.15
CA LEU A 6 -4.11 -12.41 0.24
C LEU A 6 -3.10 -13.49 0.59
N TYR A 7 -2.03 -13.09 1.29
CA TYR A 7 -1.00 -14.03 1.68
C TYR A 7 -1.44 -14.88 2.86
N ASP A 8 -2.20 -14.26 3.77
CA ASP A 8 -2.69 -14.98 4.94
C ASP A 8 -3.65 -16.05 4.47
N VAL A 9 -4.47 -15.63 3.53
CA VAL A 9 -5.44 -16.49 2.90
C VAL A 9 -4.73 -17.62 2.17
N ALA A 10 -3.69 -17.25 1.43
CA ALA A 10 -2.90 -18.21 0.68
C ALA A 10 -2.26 -19.23 1.61
N GLU A 11 -1.88 -18.80 2.80
CA GLU A 11 -1.30 -19.68 3.80
C GLU A 11 -2.37 -20.61 4.38
N TYR A 12 -3.51 -20.02 4.73
CA TYR A 12 -4.61 -20.75 5.31
C TYR A 12 -5.17 -21.76 4.32
N ALA A 13 -5.19 -21.34 3.07
CA ALA A 13 -5.72 -22.14 2.00
C ALA A 13 -4.67 -23.06 1.45
N GLY A 14 -3.42 -22.77 1.77
CA GLY A 14 -2.33 -23.59 1.31
C GLY A 14 -2.16 -23.47 -0.17
N VAL A 15 -2.15 -22.24 -0.63
CA VAL A 15 -2.02 -21.93 -2.03
C VAL A 15 -1.03 -20.81 -2.20
N SER A 16 -0.94 -20.28 -3.40
CA SER A 16 -0.06 -19.16 -3.64
C SER A 16 -0.89 -17.90 -3.56
N TYR A 17 -0.26 -16.75 -3.43
CA TYR A 17 -1.04 -15.53 -3.29
C TYR A 17 -1.77 -15.25 -4.59
N GLN A 18 -1.15 -15.58 -5.72
CA GLN A 18 -1.79 -15.41 -7.00
C GLN A 18 -3.03 -16.30 -7.08
N THR A 19 -2.97 -17.46 -6.43
CA THR A 19 -4.08 -18.38 -6.44
C THR A 19 -5.31 -17.72 -5.83
N VAL A 20 -5.10 -17.08 -4.69
CA VAL A 20 -6.16 -16.37 -4.02
C VAL A 20 -6.78 -15.32 -4.94
N SER A 21 -5.92 -14.54 -5.59
CA SER A 21 -6.39 -13.50 -6.49
C SER A 21 -7.08 -14.09 -7.70
N ARG A 22 -6.78 -15.35 -7.98
CA ARG A 22 -7.40 -16.03 -9.11
C ARG A 22 -8.88 -16.24 -8.82
N VAL A 23 -9.19 -16.55 -7.57
CA VAL A 23 -10.55 -16.83 -7.18
C VAL A 23 -11.32 -15.58 -6.81
N VAL A 24 -10.66 -14.70 -6.07
CA VAL A 24 -11.28 -13.47 -5.60
C VAL A 24 -11.69 -12.59 -6.77
N ASN A 25 -10.80 -12.47 -7.73
CA ASN A 25 -11.02 -11.61 -8.90
C ASN A 25 -12.07 -12.17 -9.85
N GLN A 26 -12.07 -13.48 -10.06
CA GLN A 26 -13.01 -14.08 -11.01
C GLN A 26 -13.21 -15.57 -10.79
N ALA A 27 -12.10 -16.32 -10.91
CA ALA A 27 -12.07 -17.78 -10.78
C ALA A 27 -12.37 -18.42 -12.12
N SER A 28 -11.54 -19.37 -12.49
CA SER A 28 -11.67 -20.07 -13.76
C SER A 28 -10.74 -21.28 -13.73
N HIS A 29 -9.48 -21.07 -14.15
CA HIS A 29 -8.46 -22.08 -14.13
C HIS A 29 -8.02 -22.39 -12.69
N VAL A 30 -9.00 -22.66 -11.83
CA VAL A 30 -8.77 -23.01 -10.46
C VAL A 30 -9.71 -24.15 -10.13
N SER A 31 -9.16 -25.23 -9.62
CA SER A 31 -9.99 -26.37 -9.29
C SER A 31 -10.93 -26.02 -8.13
N ALA A 32 -12.15 -26.52 -8.22
CA ALA A 32 -13.15 -26.30 -7.18
C ALA A 32 -12.61 -26.66 -5.81
N LYS A 33 -11.79 -27.71 -5.77
CA LYS A 33 -11.17 -28.17 -4.54
C LYS A 33 -10.47 -27.03 -3.80
N THR A 34 -9.79 -26.21 -4.57
CA THR A 34 -9.04 -25.09 -4.05
C THR A 34 -9.90 -23.84 -3.89
N ARG A 35 -10.68 -23.52 -4.92
CA ARG A 35 -11.53 -22.33 -4.91
C ARG A 35 -12.41 -22.23 -3.67
N GLU A 36 -13.02 -23.33 -3.32
CA GLU A 36 -13.92 -23.38 -2.17
C GLU A 36 -13.14 -23.42 -0.87
N LYS A 37 -11.87 -23.75 -0.97
CA LYS A 37 -11.02 -23.82 0.18
C LYS A 37 -10.37 -22.47 0.45
N VAL A 38 -10.17 -21.67 -0.59
CA VAL A 38 -9.56 -20.37 -0.43
C VAL A 38 -10.58 -19.39 0.10
N GLU A 39 -11.77 -19.42 -0.49
CA GLU A 39 -12.86 -18.55 -0.08
C GLU A 39 -13.27 -18.88 1.34
N ALA A 40 -12.97 -20.10 1.75
CA ALA A 40 -13.28 -20.56 3.09
C ALA A 40 -12.24 -20.03 4.06
N ALA A 41 -11.00 -19.92 3.56
CA ALA A 41 -9.89 -19.44 4.34
C ALA A 41 -10.09 -17.98 4.72
N MET A 42 -10.57 -17.19 3.75
CA MET A 42 -10.81 -15.76 3.95
C MET A 42 -11.83 -15.48 5.02
N ALA A 43 -12.67 -16.46 5.28
CA ALA A 43 -13.72 -16.31 6.26
C ALA A 43 -13.15 -16.55 7.63
N GLU A 44 -12.15 -17.41 7.66
CA GLU A 44 -11.51 -17.80 8.89
C GLU A 44 -10.71 -16.67 9.51
N LEU A 45 -9.70 -16.23 8.79
CA LEU A 45 -8.86 -15.15 9.29
C LEU A 45 -9.51 -13.78 9.07
N ASN A 46 -10.63 -13.75 8.34
CA ASN A 46 -11.35 -12.51 8.08
C ASN A 46 -10.55 -11.56 7.19
N TYR A 47 -10.38 -11.96 5.93
CA TYR A 47 -9.64 -11.19 4.96
C TYR A 47 -10.50 -10.12 4.31
N ILE A 48 -9.98 -8.90 4.31
CA ILE A 48 -10.63 -7.75 3.70
C ILE A 48 -9.83 -7.31 2.47
N PRO A 49 -10.36 -7.53 1.24
CA PRO A 49 -9.65 -7.15 0.01
C PRO A 49 -9.40 -5.65 -0.10
N ASN A 50 -8.12 -5.27 -0.16
CA ASN A 50 -7.74 -3.88 -0.25
C ASN A 50 -7.88 -3.33 -1.67
N ARG A 51 -8.98 -2.64 -1.93
CA ARG A 51 -9.22 -2.04 -3.25
C ARG A 51 -8.20 -0.94 -3.52
N CYS A 52 -7.42 -0.60 -2.51
CA CYS A 52 -6.41 0.42 -2.63
C CYS A 52 -5.15 -0.16 -3.24
N ALA A 53 -4.86 -1.42 -2.89
CA ALA A 53 -3.68 -2.10 -3.40
C ALA A 53 -3.94 -2.61 -4.80
N GLN A 54 -5.20 -2.94 -5.04
CA GLN A 54 -5.66 -3.39 -6.35
C GLN A 54 -5.45 -2.26 -7.34
N GLN A 55 -5.76 -1.04 -6.89
CA GLN A 55 -5.60 0.15 -7.69
C GLN A 55 -4.11 0.44 -7.93
N LEU A 56 -3.27 -0.01 -7.01
CA LEU A 56 -1.84 0.19 -7.11
C LEU A 56 -1.26 -0.74 -8.17
N ALA A 57 -1.63 -2.01 -8.08
CA ALA A 57 -1.15 -3.04 -9.00
C ALA A 57 -1.63 -2.82 -10.42
N GLY A 58 -2.69 -2.05 -10.59
CA GLY A 58 -3.22 -1.84 -11.92
C GLY A 58 -4.28 -0.76 -11.97
N LYS A 59 -3.86 0.47 -11.73
CA LYS A 59 -4.75 1.62 -11.75
C LYS A 59 -5.44 1.77 -13.10
N GLN A 60 -6.68 1.33 -13.16
CA GLN A 60 -7.47 1.39 -14.40
C GLN A 60 -8.21 2.72 -14.49
N SER A 61 -8.31 3.38 -13.34
CA SER A 61 -8.99 4.67 -13.25
C SER A 61 -8.49 5.44 -12.03
N LEU A 62 -8.95 6.68 -11.88
CA LEU A 62 -8.55 7.53 -10.76
C LEU A 62 -8.92 6.90 -9.42
N MET B 1 -9.45 15.72 -0.85
CA MET B 1 -9.74 16.51 -2.06
C MET B 1 -8.82 16.07 -3.19
N LYS B 2 -7.52 16.20 -2.96
CA LYS B 2 -6.53 15.81 -3.97
C LYS B 2 -5.51 14.86 -3.38
N PRO B 3 -5.53 13.58 -3.80
CA PRO B 3 -4.58 12.59 -3.30
C PRO B 3 -3.20 12.75 -3.92
N VAL B 4 -2.26 13.12 -3.08
CA VAL B 4 -0.89 13.32 -3.49
C VAL B 4 -0.04 12.21 -2.92
N THR B 5 1.23 12.20 -3.24
CA THR B 5 2.12 11.16 -2.80
C THR B 5 3.43 11.77 -2.34
N LEU B 6 4.16 11.03 -1.53
CA LEU B 6 5.47 11.47 -1.06
C LEU B 6 6.37 11.83 -2.24
N TYR B 7 6.17 11.16 -3.36
CA TYR B 7 6.96 11.39 -4.54
C TYR B 7 6.69 12.76 -5.13
N ASP B 8 5.42 13.17 -5.14
CA ASP B 8 5.08 14.49 -5.66
C ASP B 8 5.74 15.55 -4.79
N VAL B 9 5.80 15.27 -3.50
CA VAL B 9 6.42 16.16 -2.54
C VAL B 9 7.91 16.26 -2.84
N ALA B 10 8.52 15.10 -3.10
CA ALA B 10 9.96 15.03 -3.42
C ALA B 10 10.30 15.92 -4.61
N GLU B 11 9.65 15.66 -5.74
CA GLU B 11 9.89 16.42 -6.96
C GLU B 11 9.63 17.92 -6.78
N TYR B 12 8.57 18.25 -6.06
CA TYR B 12 8.21 19.64 -5.83
C TYR B 12 9.23 20.33 -4.95
N ALA B 13 9.56 19.70 -3.83
CA ALA B 13 10.47 20.26 -2.86
C ALA B 13 11.89 20.40 -3.42
N GLY B 14 12.23 19.57 -4.40
CA GLY B 14 13.55 19.64 -4.99
C GLY B 14 14.56 18.85 -4.17
N VAL B 15 14.17 17.64 -3.81
CA VAL B 15 15.00 16.75 -3.02
C VAL B 15 14.82 15.33 -3.51
N SER B 16 15.67 14.43 -3.05
CA SER B 16 15.50 13.04 -3.41
C SER B 16 14.27 12.50 -2.68
N TYR B 17 13.69 11.44 -3.20
CA TYR B 17 12.50 10.86 -2.58
C TYR B 17 12.83 10.38 -1.15
N GLN B 18 13.95 9.68 -0.98
CA GLN B 18 14.39 9.24 0.36
C GLN B 18 14.53 10.44 1.31
N THR B 19 14.93 11.57 0.75
CA THR B 19 15.08 12.80 1.51
C THR B 19 13.76 13.15 2.21
N VAL B 20 12.66 12.88 1.53
CA VAL B 20 11.32 13.12 2.04
C VAL B 20 11.01 12.18 3.20
N SER B 21 11.24 10.88 2.99
CA SER B 21 11.01 9.90 4.06
C SER B 21 11.85 10.31 5.26
N ARG B 22 13.11 10.65 4.95
CA ARG B 22 14.06 11.12 5.95
C ARG B 22 13.47 12.20 6.86
N VAL B 23 12.71 13.11 6.26
CA VAL B 23 12.07 14.19 7.00
C VAL B 23 10.88 13.65 7.77
N VAL B 24 10.11 12.81 7.11
CA VAL B 24 8.91 12.21 7.67
C VAL B 24 9.21 11.43 8.94
N ASN B 25 10.19 10.55 8.87
CA ASN B 25 10.57 9.71 10.01
C ASN B 25 11.14 10.55 11.13
N GLN B 26 12.39 10.90 10.95
CA GLN B 26 13.14 11.65 11.93
C GLN B 26 14.44 12.11 11.30
N ALA B 27 14.40 13.25 10.63
CA ALA B 27 15.58 13.81 9.99
C ALA B 27 16.72 13.96 10.99
N SER B 28 17.93 13.67 10.52
CA SER B 28 19.12 13.74 11.35
C SER B 28 20.22 14.41 10.56
N HIS B 29 20.74 13.69 9.59
CA HIS B 29 21.77 14.21 8.70
C HIS B 29 21.11 15.06 7.61
N VAL B 30 20.21 15.96 8.02
CA VAL B 30 19.50 16.83 7.09
C VAL B 30 19.56 18.28 7.54
N SER B 31 19.56 19.19 6.59
CA SER B 31 19.59 20.62 6.89
C SER B 31 18.18 21.11 7.18
N ALA B 32 18.06 22.03 8.14
CA ALA B 32 16.77 22.58 8.54
C ALA B 32 16.00 23.13 7.34
N LYS B 33 16.70 23.87 6.49
CA LYS B 33 16.12 24.44 5.28
C LYS B 33 15.39 23.37 4.46
N THR B 34 16.12 22.33 4.10
CA THR B 34 15.58 21.25 3.32
C THR B 34 14.45 20.52 4.05
N ARG B 35 14.59 20.41 5.36
CA ARG B 35 13.60 19.75 6.20
C ARG B 35 12.27 20.48 6.16
N GLU B 36 12.33 21.78 6.36
CA GLU B 36 11.13 22.60 6.36
C GLU B 36 10.56 22.74 4.96
N LYS B 37 11.42 22.65 3.96
CA LYS B 37 10.98 22.78 2.58
C LYS B 37 10.09 21.62 2.19
N VAL B 38 10.47 20.43 2.62
CA VAL B 38 9.69 19.24 2.32
C VAL B 38 8.33 19.31 2.98
N GLU B 39 8.30 19.74 4.22
CA GLU B 39 7.05 19.83 4.94
C GLU B 39 6.17 20.95 4.37
N ALA B 40 6.79 22.02 3.88
CA ALA B 40 6.04 23.11 3.26
C ALA B 40 5.39 22.61 1.98
N ALA B 41 6.12 21.79 1.23
CA ALA B 41 5.62 21.21 -0.01
C ALA B 41 4.39 20.37 0.27
N MET B 42 4.35 19.80 1.46
CA MET B 42 3.24 18.98 1.89
C MET B 42 1.96 19.82 1.97
N ALA B 43 2.15 21.12 2.08
CA ALA B 43 1.04 22.06 2.17
C ALA B 43 0.62 22.52 0.78
N GLU B 44 1.62 22.91 -0.01
CA GLU B 44 1.41 23.41 -1.37
C GLU B 44 0.55 22.48 -2.19
N LEU B 45 1.04 21.28 -2.34
CA LEU B 45 0.39 20.27 -3.13
C LEU B 45 -0.74 19.59 -2.38
N ASN B 46 -0.99 19.97 -1.13
CA ASN B 46 -2.01 19.32 -0.32
C ASN B 46 -1.70 17.83 -0.20
N TYR B 47 -0.44 17.52 0.12
CA TYR B 47 0.00 16.13 0.23
C TYR B 47 -0.80 15.42 1.29
N ILE B 48 -1.47 14.33 0.92
CA ILE B 48 -2.25 13.55 1.83
C ILE B 48 -1.76 12.14 1.59
N PRO B 49 -0.93 11.63 2.50
CA PRO B 49 -0.29 10.30 2.43
C PRO B 49 -1.13 9.24 1.69
N ASN B 50 -0.53 8.67 0.64
CA ASN B 50 -1.17 7.65 -0.21
C ASN B 50 -1.64 6.46 0.62
N ARG B 51 -2.88 6.54 1.06
CA ARG B 51 -3.49 5.52 1.92
C ARG B 51 -3.30 4.11 1.37
N CYS B 52 -3.31 3.99 0.06
CA CYS B 52 -3.17 2.69 -0.57
C CYS B 52 -1.79 2.10 -0.34
N ALA B 53 -0.79 2.79 -0.85
CA ALA B 53 0.59 2.33 -0.74
C ALA B 53 1.13 2.46 0.67
N GLN B 54 0.67 3.45 1.41
CA GLN B 54 1.13 3.65 2.77
C GLN B 54 0.72 2.48 3.65
N GLN B 55 -0.44 1.89 3.38
CA GLN B 55 -0.89 0.73 4.13
C GLN B 55 0.05 -0.41 3.84
N LEU B 56 0.33 -0.57 2.55
CA LEU B 56 1.24 -1.60 2.07
C LEU B 56 2.61 -1.47 2.71
N ALA B 57 3.17 -0.27 2.67
CA ALA B 57 4.48 -0.04 3.24
C ALA B 57 4.44 -0.06 4.78
N GLY B 58 3.24 -0.15 5.33
CA GLY B 58 3.07 -0.18 6.78
C GLY B 58 3.36 1.17 7.41
N LYS B 59 3.34 2.22 6.59
CA LYS B 59 3.61 3.58 7.05
C LYS B 59 4.95 3.65 7.77
N GLN B 60 4.93 3.89 9.07
CA GLN B 60 6.16 3.96 9.82
C GLN B 60 6.39 2.67 10.59
N SER B 61 7.37 1.91 10.15
CA SER B 61 7.70 0.65 10.79
C SER B 61 8.23 0.87 12.20
N LEU B 62 8.93 1.97 12.39
CA LEU B 62 9.46 2.30 13.69
C LEU B 62 8.34 2.82 14.59
N MET A 1 -13.23 -7.39 11.18
CA MET A 1 -12.90 -8.13 12.43
C MET A 1 -11.41 -8.44 12.48
N LYS A 2 -10.89 -8.97 11.38
CA LYS A 2 -9.49 -9.31 11.29
C LYS A 2 -8.93 -8.93 9.93
N PRO A 3 -7.95 -8.03 9.89
CA PRO A 3 -7.31 -7.66 8.64
C PRO A 3 -6.35 -8.77 8.23
N VAL A 4 -6.70 -9.44 7.15
CA VAL A 4 -5.95 -10.58 6.64
C VAL A 4 -5.40 -10.25 5.24
N THR A 5 -4.61 -11.16 4.66
CA THR A 5 -4.01 -10.93 3.36
C THR A 5 -4.22 -12.16 2.49
N LEU A 6 -4.02 -12.01 1.19
CA LEU A 6 -4.19 -13.12 0.26
C LEU A 6 -3.19 -14.22 0.54
N TYR A 7 -2.16 -13.88 1.30
CA TYR A 7 -1.13 -14.84 1.66
C TYR A 7 -1.62 -15.72 2.79
N ASP A 8 -2.33 -15.14 3.75
CA ASP A 8 -2.86 -15.90 4.88
C ASP A 8 -3.91 -16.89 4.38
N VAL A 9 -4.63 -16.43 3.37
CA VAL A 9 -5.65 -17.22 2.72
C VAL A 9 -4.98 -18.36 1.99
N ALA A 10 -3.89 -18.05 1.33
CA ALA A 10 -3.13 -19.04 0.58
C ALA A 10 -2.58 -20.11 1.51
N GLU A 11 -2.10 -19.69 2.66
CA GLU A 11 -1.53 -20.60 3.64
C GLU A 11 -2.60 -21.55 4.18
N TYR A 12 -3.71 -21.01 4.64
CA TYR A 12 -4.77 -21.81 5.21
C TYR A 12 -5.45 -22.66 4.15
N ALA A 13 -5.38 -22.22 2.89
CA ALA A 13 -6.00 -22.94 1.82
C ALA A 13 -5.06 -24.02 1.30
N GLY A 14 -3.77 -23.78 1.48
CA GLY A 14 -2.77 -24.70 1.01
C GLY A 14 -2.53 -24.50 -0.46
N VAL A 15 -2.51 -23.24 -0.85
CA VAL A 15 -2.34 -22.85 -2.23
C VAL A 15 -1.30 -21.75 -2.34
N SER A 16 -1.09 -21.25 -3.53
CA SER A 16 -0.17 -20.15 -3.73
C SER A 16 -0.97 -18.84 -3.62
N TYR A 17 -0.32 -17.75 -3.25
CA TYR A 17 -1.04 -16.49 -3.12
C TYR A 17 -1.77 -16.14 -4.42
N GLN A 18 -1.10 -16.36 -5.55
CA GLN A 18 -1.71 -16.12 -6.84
C GLN A 18 -2.90 -17.04 -7.04
N THR A 19 -2.90 -18.17 -6.36
CA THR A 19 -4.00 -19.10 -6.46
C THR A 19 -5.22 -18.47 -5.83
N VAL A 20 -4.99 -17.80 -4.72
CA VAL A 20 -6.03 -17.10 -4.01
C VAL A 20 -6.58 -15.96 -4.85
N SER A 21 -5.68 -15.10 -5.31
CA SER A 21 -6.04 -13.95 -6.13
C SER A 21 -6.71 -14.40 -7.43
N ARG A 22 -6.37 -15.60 -7.88
CA ARG A 22 -6.97 -16.14 -9.10
C ARG A 22 -8.41 -16.55 -8.80
N VAL A 23 -8.66 -16.89 -7.55
CA VAL A 23 -9.98 -17.28 -7.13
C VAL A 23 -10.84 -16.06 -6.84
N VAL A 24 -10.22 -15.07 -6.22
CA VAL A 24 -10.92 -13.84 -5.90
C VAL A 24 -11.31 -13.05 -7.14
N ASN A 25 -10.33 -12.75 -7.97
CA ASN A 25 -10.55 -11.94 -9.16
C ASN A 25 -11.19 -12.71 -10.31
N GLN A 26 -10.99 -14.02 -10.37
CA GLN A 26 -11.56 -14.78 -11.47
C GLN A 26 -12.18 -16.08 -10.99
N ALA A 27 -11.57 -17.19 -11.39
CA ALA A 27 -12.03 -18.54 -11.09
C ALA A 27 -11.47 -19.46 -12.14
N SER A 28 -11.34 -18.92 -13.34
CA SER A 28 -10.77 -19.64 -14.45
C SER A 28 -9.30 -19.84 -14.18
N HIS A 29 -8.74 -20.90 -14.76
CA HIS A 29 -7.33 -21.24 -14.56
C HIS A 29 -7.15 -21.70 -13.11
N VAL A 30 -8.25 -22.18 -12.54
CA VAL A 30 -8.30 -22.68 -11.19
C VAL A 30 -9.27 -23.85 -11.13
N SER A 31 -8.85 -24.87 -10.44
CA SER A 31 -9.65 -26.05 -10.26
C SER A 31 -10.78 -25.76 -9.27
N ALA A 32 -11.93 -26.36 -9.48
CA ALA A 32 -13.09 -26.17 -8.59
C ALA A 32 -12.71 -26.52 -7.15
N LYS A 33 -11.92 -27.58 -6.97
CA LYS A 33 -11.49 -28.01 -5.64
C LYS A 33 -10.74 -26.87 -4.93
N THR A 34 -9.90 -26.17 -5.66
CA THR A 34 -9.12 -25.08 -5.12
C THR A 34 -9.95 -23.81 -4.90
N ARG A 35 -10.83 -23.48 -5.84
CA ARG A 35 -11.69 -22.30 -5.73
C ARG A 35 -12.50 -22.29 -4.45
N GLU A 36 -13.15 -23.40 -4.18
CA GLU A 36 -14.00 -23.52 -3.02
C GLU A 36 -13.21 -23.54 -1.72
N LYS A 37 -12.00 -24.08 -1.78
CA LYS A 37 -11.18 -24.21 -0.60
C LYS A 37 -10.53 -22.88 -0.26
N VAL A 38 -10.36 -22.06 -1.28
CA VAL A 38 -9.76 -20.77 -1.09
C VAL A 38 -10.81 -19.79 -0.63
N GLU A 39 -11.98 -19.89 -1.22
CA GLU A 39 -13.10 -19.02 -0.86
C GLU A 39 -13.51 -19.30 0.58
N ALA A 40 -13.27 -20.52 1.02
CA ALA A 40 -13.58 -20.92 2.37
C ALA A 40 -12.57 -20.33 3.34
N ALA A 41 -11.31 -20.30 2.91
CA ALA A 41 -10.23 -19.78 3.75
C ALA A 41 -10.48 -18.31 4.11
N MET A 42 -10.96 -17.55 3.13
CA MET A 42 -11.24 -16.13 3.32
C MET A 42 -12.30 -15.91 4.40
N ALA A 43 -13.19 -16.86 4.53
CA ALA A 43 -14.27 -16.74 5.50
C ALA A 43 -13.76 -17.12 6.87
N GLU A 44 -12.89 -18.11 6.87
CA GLU A 44 -12.28 -18.61 8.08
C GLU A 44 -11.49 -17.54 8.79
N LEU A 45 -10.51 -17.05 8.06
CA LEU A 45 -9.60 -16.04 8.57
C LEU A 45 -10.17 -14.62 8.49
N ASN A 46 -11.27 -14.45 7.75
CA ASN A 46 -11.86 -13.12 7.56
C ASN A 46 -10.94 -12.23 6.70
N TYR A 47 -10.74 -12.65 5.46
CA TYR A 47 -9.92 -11.92 4.53
C TYR A 47 -10.71 -10.81 3.87
N ILE A 48 -10.22 -9.59 3.97
CA ILE A 48 -10.88 -8.44 3.37
C ILE A 48 -10.01 -7.89 2.24
N PRO A 49 -10.47 -8.01 0.98
CA PRO A 49 -9.75 -7.49 -0.20
C PRO A 49 -9.39 -6.01 -0.04
N ASN A 50 -8.08 -5.75 0.03
CA ASN A 50 -7.59 -4.39 0.20
C ASN A 50 -7.74 -3.58 -1.07
N ARG A 51 -8.78 -2.76 -1.10
CA ARG A 51 -9.09 -1.91 -2.24
C ARG A 51 -7.94 -0.96 -2.58
N CYS A 52 -7.17 -0.53 -1.58
CA CYS A 52 -6.06 0.38 -1.84
C CYS A 52 -4.93 -0.37 -2.52
N ALA A 53 -4.68 -1.58 -2.06
CA ALA A 53 -3.66 -2.40 -2.66
C ALA A 53 -4.04 -2.69 -4.10
N GLN A 54 -5.28 -3.10 -4.27
CA GLN A 54 -5.80 -3.38 -5.61
C GLN A 54 -5.63 -2.16 -6.50
N GLN A 55 -6.03 -0.99 -5.98
CA GLN A 55 -5.90 0.27 -6.72
C GLN A 55 -4.44 0.57 -7.05
N LEU A 56 -3.55 0.16 -6.16
CA LEU A 56 -2.12 0.38 -6.35
C LEU A 56 -1.54 -0.52 -7.45
N ALA A 57 -1.78 -1.82 -7.33
CA ALA A 57 -1.27 -2.81 -8.30
C ALA A 57 -2.06 -2.79 -9.61
N GLY A 58 -3.24 -2.22 -9.59
CA GLY A 58 -4.05 -2.17 -10.79
C GLY A 58 -5.46 -1.69 -10.54
N LYS A 59 -6.43 -2.54 -10.81
CA LYS A 59 -7.83 -2.19 -10.60
C LYS A 59 -8.50 -3.17 -9.64
N GLN A 60 -9.53 -2.72 -8.95
CA GLN A 60 -10.22 -3.56 -7.97
C GLN A 60 -10.93 -4.74 -8.62
N SER A 61 -11.43 -4.54 -9.83
CA SER A 61 -12.14 -5.56 -10.59
C SER A 61 -13.40 -6.06 -9.85
N LEU A 62 -13.24 -7.02 -8.94
CA LEU A 62 -14.38 -7.55 -8.19
C LEU A 62 -14.31 -7.13 -6.73
N MET B 1 -10.43 17.51 -2.72
CA MET B 1 -9.07 17.48 -2.15
C MET B 1 -8.03 17.12 -3.20
N LYS B 2 -6.83 17.65 -3.04
CA LYS B 2 -5.75 17.38 -3.97
C LYS B 2 -4.86 16.27 -3.43
N PRO B 3 -4.85 15.11 -4.08
CA PRO B 3 -4.01 14.01 -3.65
C PRO B 3 -2.57 14.23 -4.09
N VAL B 4 -1.71 14.44 -3.13
CA VAL B 4 -0.32 14.68 -3.41
C VAL B 4 0.51 13.53 -2.86
N THR B 5 1.74 13.44 -3.32
CA THR B 5 2.64 12.41 -2.88
C THR B 5 3.95 13.04 -2.44
N LEU B 6 4.67 12.35 -1.57
CA LEU B 6 5.97 12.83 -1.13
C LEU B 6 6.90 13.12 -2.29
N TYR B 7 6.63 12.45 -3.41
CA TYR B 7 7.40 12.61 -4.65
C TYR B 7 7.25 14.02 -5.18
N ASP B 8 6.05 14.58 -5.00
CA ASP B 8 5.75 15.93 -5.46
C ASP B 8 6.51 16.95 -4.62
N VAL B 9 6.63 16.64 -3.32
CA VAL B 9 7.30 17.51 -2.37
C VAL B 9 8.79 17.55 -2.65
N ALA B 10 9.39 16.37 -2.83
CA ALA B 10 10.83 16.26 -3.12
C ALA B 10 11.18 17.09 -4.34
N GLU B 11 10.45 16.83 -5.41
CA GLU B 11 10.64 17.50 -6.68
C GLU B 11 10.56 19.02 -6.53
N TYR B 12 9.45 19.47 -5.97
CA TYR B 12 9.18 20.88 -5.77
C TYR B 12 10.28 21.61 -5.01
N ALA B 13 10.66 21.06 -3.85
CA ALA B 13 11.67 21.64 -3.00
C ALA B 13 13.05 21.61 -3.64
N GLY B 14 13.24 20.72 -4.60
CA GLY B 14 14.52 20.63 -5.25
C GLY B 14 15.49 19.77 -4.47
N VAL B 15 15.00 18.63 -3.96
CA VAL B 15 15.81 17.74 -3.18
C VAL B 15 15.51 16.31 -3.62
N SER B 16 16.35 15.37 -3.22
CA SER B 16 16.11 14.00 -3.60
C SER B 16 15.03 13.39 -2.70
N TYR B 17 14.53 12.24 -3.12
CA TYR B 17 13.50 11.49 -2.42
C TYR B 17 13.90 11.25 -0.97
N GLN B 18 15.09 10.67 -0.80
CA GLN B 18 15.64 10.36 0.51
C GLN B 18 15.77 11.62 1.39
N THR B 19 15.99 12.76 0.75
CA THR B 19 16.14 14.03 1.45
C THR B 19 14.87 14.32 2.24
N VAL B 20 13.77 14.14 1.56
CA VAL B 20 12.46 14.37 2.12
C VAL B 20 12.11 13.29 3.12
N SER B 21 12.29 12.04 2.71
CA SER B 21 12.00 10.90 3.54
C SER B 21 12.81 10.87 4.81
N ARG B 22 13.93 11.58 4.93
CA ARG B 22 14.70 11.44 6.16
C ARG B 22 14.22 12.54 7.13
N VAL B 23 13.61 13.57 6.55
CA VAL B 23 13.07 14.69 7.32
C VAL B 23 11.79 14.25 7.99
N VAL B 24 11.02 13.45 7.25
CA VAL B 24 9.80 12.90 7.75
C VAL B 24 10.13 11.93 8.88
N ASN B 25 11.33 11.33 8.81
CA ASN B 25 11.79 10.40 9.83
C ASN B 25 12.38 11.15 11.01
N GLN B 26 12.69 12.43 10.78
CA GLN B 26 13.29 13.29 11.79
C GLN B 26 14.71 12.82 12.10
N ALA B 27 15.38 12.28 11.08
CA ALA B 27 16.74 11.77 11.22
C ALA B 27 17.76 12.93 11.23
N SER B 28 19.02 12.58 11.49
CA SER B 28 20.11 13.55 11.51
C SER B 28 20.83 13.57 10.16
N HIS B 29 21.87 14.41 10.05
CA HIS B 29 22.65 14.58 8.82
C HIS B 29 21.83 15.28 7.75
N VAL B 30 21.12 16.31 8.15
CA VAL B 30 20.29 17.09 7.25
C VAL B 30 20.45 18.57 7.56
N SER B 31 20.66 19.35 6.53
CA SER B 31 20.84 20.79 6.69
C SER B 31 19.53 21.45 7.11
N ALA B 32 19.63 22.57 7.81
CA ALA B 32 18.46 23.29 8.27
C ALA B 32 17.61 23.77 7.11
N LYS B 33 18.25 24.44 6.15
CA LYS B 33 17.54 24.94 4.98
C LYS B 33 16.76 23.83 4.29
N THR B 34 17.46 22.76 3.97
CA THR B 34 16.88 21.62 3.31
C THR B 34 15.66 21.07 4.05
N ARG B 35 15.73 21.06 5.37
CA ARG B 35 14.63 20.57 6.21
C ARG B 35 13.42 21.47 6.06
N GLU B 36 13.66 22.75 6.19
CA GLU B 36 12.60 23.76 6.11
C GLU B 36 12.02 23.86 4.72
N LYS B 37 12.86 23.62 3.73
CA LYS B 37 12.44 23.66 2.34
C LYS B 37 11.37 22.61 2.08
N VAL B 38 11.57 21.45 2.67
CA VAL B 38 10.63 20.33 2.50
C VAL B 38 9.34 20.58 3.26
N GLU B 39 9.46 21.15 4.45
CA GLU B 39 8.29 21.44 5.26
C GLU B 39 7.41 22.48 4.56
N ALA B 40 8.07 23.39 3.85
CA ALA B 40 7.38 24.44 3.12
C ALA B 40 6.63 23.86 1.92
N ALA B 41 7.34 23.05 1.16
CA ALA B 41 6.77 22.42 -0.05
C ALA B 41 5.51 21.64 0.23
N MET B 42 5.42 21.11 1.43
CA MET B 42 4.28 20.31 1.84
C MET B 42 3.03 21.16 1.86
N ALA B 43 3.24 22.47 1.96
CA ALA B 43 2.13 23.39 2.02
C ALA B 43 1.68 23.79 0.63
N GLU B 44 2.64 24.18 -0.20
CA GLU B 44 2.38 24.59 -1.57
C GLU B 44 1.69 23.48 -2.37
N LEU B 45 2.32 22.31 -2.37
CA LEU B 45 1.77 21.17 -3.08
C LEU B 45 0.48 20.68 -2.46
N ASN B 46 0.25 21.07 -1.21
CA ASN B 46 -0.92 20.60 -0.47
C ASN B 46 -0.75 19.10 -0.27
N TYR B 47 0.50 18.71 0.10
CA TYR B 47 0.88 17.33 0.31
C TYR B 47 -0.08 16.66 1.26
N ILE B 48 -0.74 15.58 0.82
CA ILE B 48 -1.66 14.86 1.63
C ILE B 48 -1.29 13.40 1.41
N PRO B 49 -0.44 12.86 2.28
CA PRO B 49 0.09 11.50 2.20
C PRO B 49 -0.81 10.47 1.52
N ASN B 50 -0.26 9.81 0.48
CA ASN B 50 -0.98 8.76 -0.28
C ASN B 50 -1.37 7.62 0.67
N ARG B 51 -2.51 7.79 1.33
CA ARG B 51 -3.01 6.81 2.31
C ARG B 51 -3.11 5.39 1.77
N CYS B 52 -3.17 5.24 0.46
CA CYS B 52 -3.24 3.91 -0.13
C CYS B 52 -1.88 3.23 -0.01
N ALA B 53 -0.88 3.82 -0.66
CA ALA B 53 0.48 3.29 -0.64
C ALA B 53 1.06 3.37 0.77
N GLN B 54 0.73 4.44 1.46
CA GLN B 54 1.22 4.69 2.81
C GLN B 54 0.72 3.63 3.80
N GLN B 55 -0.45 3.04 3.56
CA GLN B 55 -0.94 2.02 4.47
C GLN B 55 -0.29 0.68 4.12
N LEU B 56 0.20 0.59 2.88
CA LEU B 56 0.87 -0.60 2.41
C LEU B 56 2.31 -0.60 2.87
N ALA B 57 2.95 0.57 2.81
CA ALA B 57 4.35 0.70 3.21
C ALA B 57 4.48 0.90 4.73
N GLY B 58 3.34 1.02 5.43
CA GLY B 58 3.34 1.21 6.86
C GLY B 58 3.61 2.65 7.29
N LYS B 59 4.03 3.50 6.35
CA LYS B 59 4.33 4.90 6.65
C LYS B 59 5.52 5.00 7.61
N GLN B 60 5.25 4.88 8.90
CA GLN B 60 6.30 4.98 9.91
C GLN B 60 5.98 4.07 11.08
N SER B 61 4.91 4.38 11.78
CA SER B 61 4.50 3.58 12.92
C SER B 61 2.98 3.57 13.03
N LEU B 62 2.36 4.71 12.83
CA LEU B 62 0.91 4.81 12.91
C LEU B 62 0.40 5.71 11.79
N MET A 1 -2.89 -6.57 15.14
CA MET A 1 -3.28 -6.98 13.78
C MET A 1 -4.76 -6.78 13.58
N LYS A 2 -5.14 -6.18 12.45
CA LYS A 2 -6.54 -5.96 12.15
C LYS A 2 -6.89 -6.57 10.78
N PRO A 3 -6.14 -6.25 9.70
CA PRO A 3 -6.40 -6.82 8.40
C PRO A 3 -5.63 -8.10 8.14
N VAL A 4 -6.06 -8.82 7.14
CA VAL A 4 -5.47 -10.08 6.73
C VAL A 4 -4.92 -9.88 5.31
N THR A 5 -4.25 -10.88 4.77
CA THR A 5 -3.68 -10.74 3.44
C THR A 5 -4.01 -11.96 2.63
N LEU A 6 -3.87 -11.87 1.32
CA LEU A 6 -4.15 -13.01 0.45
C LEU A 6 -3.10 -14.08 0.70
N TYR A 7 -1.99 -13.68 1.33
CA TYR A 7 -0.92 -14.63 1.64
C TYR A 7 -1.31 -15.48 2.85
N ASP A 8 -1.98 -14.85 3.82
CA ASP A 8 -2.44 -15.59 5.00
C ASP A 8 -3.41 -16.67 4.54
N VAL A 9 -4.23 -16.26 3.59
CA VAL A 9 -5.22 -17.12 3.00
C VAL A 9 -4.56 -18.22 2.20
N ALA A 10 -3.58 -17.82 1.40
CA ALA A 10 -2.83 -18.76 0.59
C ALA A 10 -2.13 -19.79 1.46
N GLU A 11 -1.74 -19.35 2.64
CA GLU A 11 -1.07 -20.21 3.59
C GLU A 11 -2.09 -21.14 4.25
N TYR A 12 -3.20 -20.56 4.68
CA TYR A 12 -4.28 -21.29 5.33
C TYR A 12 -4.88 -22.32 4.37
N ALA A 13 -4.89 -21.96 3.12
CA ALA A 13 -5.47 -22.81 2.10
C ALA A 13 -4.44 -23.78 1.55
N GLY A 14 -3.17 -23.48 1.73
CA GLY A 14 -2.13 -24.35 1.21
C GLY A 14 -2.02 -24.19 -0.30
N VAL A 15 -2.03 -22.94 -0.74
CA VAL A 15 -1.97 -22.59 -2.15
C VAL A 15 -1.02 -21.43 -2.35
N SER A 16 -1.05 -20.84 -3.53
CA SER A 16 -0.24 -19.67 -3.82
C SER A 16 -1.10 -18.42 -3.75
N TYR A 17 -0.49 -17.28 -3.50
CA TYR A 17 -1.26 -16.03 -3.41
C TYR A 17 -2.08 -15.81 -4.67
N GLN A 18 -1.48 -16.04 -5.85
CA GLN A 18 -2.21 -15.92 -7.11
C GLN A 18 -3.37 -16.91 -7.15
N THR A 19 -3.25 -18.01 -6.41
CA THR A 19 -4.32 -18.99 -6.37
C THR A 19 -5.54 -18.36 -5.70
N VAL A 20 -5.26 -17.73 -4.57
CA VAL A 20 -6.27 -17.04 -3.79
C VAL A 20 -6.91 -15.93 -4.59
N SER A 21 -6.09 -15.03 -5.14
CA SER A 21 -6.60 -13.93 -5.94
C SER A 21 -7.33 -14.45 -7.16
N ARG A 22 -7.01 -15.66 -7.58
CA ARG A 22 -7.67 -16.24 -8.72
C ARG A 22 -9.04 -16.78 -8.30
N VAL A 23 -9.20 -17.10 -7.04
CA VAL A 23 -10.48 -17.59 -6.54
C VAL A 23 -11.39 -16.41 -6.17
N VAL A 24 -10.77 -15.38 -5.60
CA VAL A 24 -11.48 -14.19 -5.15
C VAL A 24 -12.00 -13.34 -6.30
N ASN A 25 -11.11 -13.07 -7.25
CA ASN A 25 -11.45 -12.18 -8.37
C ASN A 25 -11.73 -12.87 -9.71
N GLN A 26 -10.94 -13.86 -10.08
CA GLN A 26 -11.12 -14.48 -11.40
C GLN A 26 -11.18 -15.99 -11.34
N ALA A 27 -12.23 -16.50 -10.70
CA ALA A 27 -12.40 -17.93 -10.57
C ALA A 27 -12.65 -18.57 -11.93
N SER A 28 -11.73 -19.42 -12.29
CA SER A 28 -11.77 -20.16 -13.55
C SER A 28 -10.77 -21.33 -13.49
N HIS A 29 -9.55 -21.12 -14.00
CA HIS A 29 -8.49 -22.11 -13.99
C HIS A 29 -8.02 -22.43 -12.56
N VAL A 30 -8.97 -22.80 -11.70
CA VAL A 30 -8.70 -23.16 -10.32
C VAL A 30 -9.53 -24.38 -9.98
N SER A 31 -8.84 -25.44 -9.60
CA SER A 31 -9.48 -26.69 -9.23
C SER A 31 -10.52 -26.46 -8.12
N ALA A 32 -11.69 -27.06 -8.28
CA ALA A 32 -12.77 -26.93 -7.30
C ALA A 32 -12.30 -27.29 -5.90
N LYS A 33 -11.44 -28.30 -5.82
CA LYS A 33 -10.89 -28.79 -4.56
C LYS A 33 -10.15 -27.67 -3.81
N THR A 34 -9.39 -26.86 -4.55
CA THR A 34 -8.64 -25.77 -3.96
C THR A 34 -9.51 -24.53 -3.82
N ARG A 35 -10.34 -24.26 -4.83
CA ARG A 35 -11.22 -23.08 -4.84
C ARG A 35 -12.07 -23.00 -3.59
N GLU A 36 -12.75 -24.09 -3.30
CA GLU A 36 -13.64 -24.16 -2.13
C GLU A 36 -12.83 -24.24 -0.84
N LYS A 37 -11.55 -24.56 -0.96
CA LYS A 37 -10.67 -24.65 0.18
C LYS A 37 -10.09 -23.29 0.51
N VAL A 38 -9.94 -22.46 -0.50
CA VAL A 38 -9.39 -21.11 -0.32
C VAL A 38 -10.48 -20.20 0.21
N GLU A 39 -11.69 -20.38 -0.32
CA GLU A 39 -12.83 -19.57 0.10
C GLU A 39 -13.12 -19.85 1.57
N ALA A 40 -12.84 -21.08 1.98
CA ALA A 40 -13.06 -21.49 3.34
C ALA A 40 -11.98 -20.88 4.23
N ALA A 41 -10.78 -20.74 3.69
CA ALA A 41 -9.66 -20.18 4.43
C ALA A 41 -9.95 -18.74 4.82
N MET A 42 -10.49 -17.98 3.87
CA MET A 42 -10.83 -16.56 4.09
C MET A 42 -11.76 -16.38 5.27
N ALA A 43 -12.62 -17.34 5.48
CA ALA A 43 -13.60 -17.26 6.55
C ALA A 43 -12.96 -17.56 7.88
N GLU A 44 -11.93 -18.36 7.83
CA GLU A 44 -11.21 -18.77 9.00
C GLU A 44 -10.45 -17.63 9.64
N LEU A 45 -9.56 -17.06 8.86
CA LEU A 45 -8.74 -15.97 9.36
C LEU A 45 -9.40 -14.61 9.11
N ASN A 46 -10.57 -14.61 8.47
CA ASN A 46 -11.31 -13.38 8.19
C ASN A 46 -10.53 -12.46 7.26
N TYR A 47 -10.36 -12.90 6.03
CA TYR A 47 -9.65 -12.13 5.04
C TYR A 47 -10.54 -11.08 4.39
N ILE A 48 -10.15 -9.84 4.52
CA ILE A 48 -10.86 -8.72 3.92
C ILE A 48 -9.95 -8.10 2.88
N PRO A 49 -10.30 -8.21 1.59
CA PRO A 49 -9.46 -7.68 0.50
C PRO A 49 -9.16 -6.19 0.67
N ASN A 50 -7.86 -5.88 0.72
CA ASN A 50 -7.38 -4.51 0.89
C ASN A 50 -7.71 -3.65 -0.32
N ARG A 51 -8.75 -2.85 -0.20
CA ARG A 51 -9.19 -1.97 -1.28
C ARG A 51 -8.14 -0.93 -1.62
N CYS A 52 -7.27 -0.64 -0.66
CA CYS A 52 -6.23 0.35 -0.86
C CYS A 52 -5.14 -0.21 -1.77
N ALA A 53 -4.84 -1.48 -1.59
CA ALA A 53 -3.85 -2.15 -2.41
C ALA A 53 -4.46 -2.39 -3.78
N GLN A 54 -5.76 -2.61 -3.78
CA GLN A 54 -6.51 -2.82 -5.00
C GLN A 54 -6.48 -1.56 -5.85
N GLN A 55 -6.50 -0.41 -5.18
CA GLN A 55 -6.43 0.87 -5.87
C GLN A 55 -5.02 1.12 -6.37
N LEU A 56 -4.06 0.43 -5.76
CA LEU A 56 -2.67 0.56 -6.13
C LEU A 56 -2.36 -0.28 -7.36
N ALA A 57 -2.72 -1.55 -7.27
CA ALA A 57 -2.51 -2.48 -8.35
C ALA A 57 -3.49 -2.15 -9.49
N GLY A 58 -4.48 -1.34 -9.16
CA GLY A 58 -5.46 -0.90 -10.13
C GLY A 58 -5.15 0.50 -10.59
N LYS A 59 -6.17 1.28 -10.99
CA LYS A 59 -5.94 2.65 -11.45
C LYS A 59 -4.82 2.70 -12.49
N GLN A 60 -4.76 1.67 -13.32
CA GLN A 60 -3.73 1.57 -14.35
C GLN A 60 -4.06 2.47 -15.53
N SER A 61 -3.69 3.74 -15.43
CA SER A 61 -3.94 4.69 -16.50
C SER A 61 -2.65 4.95 -17.26
N LEU A 62 -1.95 3.89 -17.59
CA LEU A 62 -0.71 4.01 -18.32
C LEU A 62 -0.92 3.69 -19.79
N MET B 1 -9.79 17.99 -6.57
CA MET B 1 -8.81 17.60 -5.53
C MET B 1 -8.06 16.34 -5.93
N LYS B 2 -6.77 16.50 -6.15
CA LYS B 2 -5.90 15.40 -6.53
C LYS B 2 -5.03 15.00 -5.34
N PRO B 3 -5.04 13.71 -5.01
CA PRO B 3 -4.23 13.20 -3.91
C PRO B 3 -2.73 13.30 -4.23
N VAL B 4 -2.01 14.01 -3.39
CA VAL B 4 -0.59 14.21 -3.57
C VAL B 4 0.18 13.08 -2.89
N THR B 5 1.42 12.88 -3.28
CA THR B 5 2.20 11.81 -2.71
C THR B 5 3.61 12.30 -2.41
N LEU B 6 4.32 11.57 -1.57
CA LEU B 6 5.69 11.90 -1.24
C LEU B 6 6.53 12.16 -2.51
N TYR B 7 6.19 11.49 -3.59
CA TYR B 7 6.94 11.66 -4.85
C TYR B 7 6.68 13.04 -5.43
N ASP B 8 5.46 13.52 -5.28
CA ASP B 8 5.10 14.85 -5.77
C ASP B 8 5.86 15.90 -4.99
N VAL B 9 5.98 15.65 -3.68
CA VAL B 9 6.69 16.57 -2.78
C VAL B 9 8.18 16.62 -3.13
N ALA B 10 8.75 15.44 -3.38
CA ALA B 10 10.16 15.31 -3.77
C ALA B 10 10.46 16.13 -5.02
N GLU B 11 9.64 15.93 -6.04
CA GLU B 11 9.79 16.62 -7.32
C GLU B 11 9.69 18.14 -7.20
N TYR B 12 8.73 18.61 -6.42
CA TYR B 12 8.52 20.04 -6.24
C TYR B 12 9.67 20.71 -5.53
N ALA B 13 10.01 20.18 -4.38
CA ALA B 13 11.05 20.75 -3.55
C ALA B 13 12.42 20.71 -4.21
N GLY B 14 12.62 19.77 -5.12
CA GLY B 14 13.90 19.65 -5.78
C GLY B 14 14.90 18.94 -4.89
N VAL B 15 14.49 17.80 -4.35
CA VAL B 15 15.31 17.00 -3.49
C VAL B 15 15.21 15.56 -3.93
N SER B 16 15.99 14.68 -3.32
CA SER B 16 15.89 13.28 -3.64
C SER B 16 14.60 12.76 -3.01
N TYR B 17 14.05 11.71 -3.58
CA TYR B 17 12.82 11.14 -3.06
C TYR B 17 13.05 10.49 -1.69
N GLN B 18 14.30 10.23 -1.33
CA GLN B 18 14.59 9.62 -0.05
C GLN B 18 14.64 10.70 1.00
N THR B 19 15.12 11.88 0.56
CA THR B 19 15.22 13.07 1.42
C THR B 19 13.87 13.39 2.05
N VAL B 20 12.82 13.12 1.30
CA VAL B 20 11.45 13.37 1.77
C VAL B 20 11.15 12.42 2.93
N SER B 21 11.40 11.13 2.73
CA SER B 21 11.22 10.14 3.77
C SER B 21 12.07 10.53 4.98
N ARG B 22 13.32 10.88 4.70
CA ARG B 22 14.26 11.32 5.75
C ARG B 22 13.67 12.41 6.65
N VAL B 23 12.95 13.34 6.05
CA VAL B 23 12.34 14.43 6.80
C VAL B 23 11.07 13.96 7.50
N VAL B 24 10.37 13.02 6.89
CA VAL B 24 9.13 12.48 7.44
C VAL B 24 9.41 11.55 8.62
N ASN B 25 10.57 10.93 8.58
CA ASN B 25 10.96 9.99 9.62
C ASN B 25 11.51 10.73 10.81
N GLN B 26 12.80 11.02 10.72
CA GLN B 26 13.52 11.69 11.78
C GLN B 26 14.70 12.45 11.21
N ALA B 27 14.48 13.70 10.87
CA ALA B 27 15.54 14.53 10.34
C ALA B 27 16.63 14.67 11.39
N SER B 28 17.84 14.38 11.00
CA SER B 28 18.97 14.43 11.90
C SER B 28 20.26 14.70 11.11
N HIS B 29 20.25 14.29 9.85
CA HIS B 29 21.40 14.50 8.97
C HIS B 29 20.96 15.33 7.78
N VAL B 30 19.99 16.18 8.02
CA VAL B 30 19.48 17.03 6.98
C VAL B 30 19.60 18.50 7.39
N SER B 31 19.98 19.30 6.42
CA SER B 31 20.17 20.72 6.64
C SER B 31 18.85 21.41 6.94
N ALA B 32 18.91 22.53 7.65
CA ALA B 32 17.72 23.27 8.04
C ALA B 32 16.91 23.66 6.80
N LYS B 33 17.59 24.20 5.80
CA LYS B 33 16.93 24.61 4.56
C LYS B 33 16.19 23.45 3.90
N THR B 34 16.92 22.37 3.69
CA THR B 34 16.38 21.16 3.07
C THR B 34 15.17 20.62 3.84
N ARG B 35 15.23 20.69 5.16
CA ARG B 35 14.14 20.23 5.99
C ARG B 35 12.93 21.14 5.81
N GLU B 36 13.19 22.43 5.80
CA GLU B 36 12.17 23.46 5.64
C GLU B 36 11.51 23.38 4.27
N LYS B 37 12.27 22.97 3.29
CA LYS B 37 11.78 22.88 1.92
C LYS B 37 10.71 21.79 1.80
N VAL B 38 10.95 20.64 2.40
CA VAL B 38 10.02 19.53 2.33
C VAL B 38 8.76 19.81 3.14
N GLU B 39 8.93 20.44 4.29
CA GLU B 39 7.81 20.75 5.15
C GLU B 39 6.92 21.79 4.48
N ALA B 40 7.55 22.72 3.79
CA ALA B 40 6.84 23.77 3.08
C ALA B 40 6.09 23.19 1.88
N ALA B 41 6.79 22.37 1.11
CA ALA B 41 6.23 21.72 -0.08
C ALA B 41 4.95 20.95 0.24
N MET B 42 4.83 20.52 1.47
CA MET B 42 3.64 19.78 1.89
C MET B 42 2.43 20.71 1.91
N ALA B 43 2.69 22.01 1.95
CA ALA B 43 1.63 22.99 2.00
C ALA B 43 1.17 23.41 0.60
N GLU B 44 2.11 23.86 -0.23
CA GLU B 44 1.80 24.31 -1.60
C GLU B 44 1.01 23.26 -2.37
N LEU B 45 1.57 22.08 -2.38
CA LEU B 45 1.00 20.94 -3.07
C LEU B 45 -0.17 20.31 -2.33
N ASN B 46 -0.43 20.72 -1.10
CA ASN B 46 -1.49 20.11 -0.32
C ASN B 46 -1.23 18.61 -0.19
N TYR B 47 0.00 18.27 0.19
CA TYR B 47 0.40 16.87 0.35
C TYR B 47 -0.53 16.19 1.33
N ILE B 48 -1.13 15.08 0.92
CA ILE B 48 -2.02 14.31 1.75
C ILE B 48 -1.53 12.88 1.61
N PRO B 49 -0.73 12.40 2.58
CA PRO B 49 -0.12 11.07 2.55
C PRO B 49 -0.98 9.97 1.93
N ASN B 50 -0.40 9.30 0.91
CA ASN B 50 -1.05 8.19 0.19
C ASN B 50 -1.26 7.02 1.14
N ARG B 51 -2.25 7.14 2.00
CA ARG B 51 -2.56 6.15 3.04
C ARG B 51 -2.68 4.72 2.49
N CYS B 52 -2.89 4.58 1.19
CA CYS B 52 -3.02 3.26 0.61
C CYS B 52 -1.66 2.59 0.50
N ALA B 53 -0.77 3.21 -0.26
CA ALA B 53 0.57 2.66 -0.45
C ALA B 53 1.36 2.78 0.84
N GLN B 54 0.98 3.75 1.67
CA GLN B 54 1.65 3.96 2.94
C GLN B 54 1.46 2.79 3.88
N GLN B 55 0.28 2.19 3.84
CA GLN B 55 -0.03 1.06 4.70
C GLN B 55 0.64 -0.19 4.15
N LEU B 56 0.85 -0.20 2.85
CA LEU B 56 1.50 -1.31 2.19
C LEU B 56 2.97 -1.29 2.55
N ALA B 57 3.57 -0.12 2.47
CA ALA B 57 4.99 0.05 2.75
C ALA B 57 5.31 -0.05 4.25
N GLY B 58 4.29 -0.28 5.07
CA GLY B 58 4.50 -0.39 6.49
C GLY B 58 3.57 0.51 7.27
N LYS B 59 3.97 1.76 7.38
CA LYS B 59 3.23 2.79 8.10
C LYS B 59 3.10 2.46 9.59
N GLN B 60 3.46 3.41 10.43
CA GLN B 60 3.39 3.23 11.87
C GLN B 60 1.94 3.25 12.33
N SER B 61 1.42 2.09 12.69
CA SER B 61 0.04 1.98 13.15
C SER B 61 -0.05 2.22 14.65
N LEU B 62 0.99 1.83 15.37
CA LEU B 62 1.04 1.97 16.82
C LEU B 62 2.07 3.01 17.23
N MET A 1 -11.22 -4.11 14.19
CA MET A 1 -10.99 -4.51 12.78
C MET A 1 -9.78 -5.44 12.67
N LYS A 2 -9.88 -6.46 11.82
CA LYS A 2 -8.79 -7.41 11.61
C LYS A 2 -8.27 -7.32 10.18
N PRO A 3 -7.11 -6.66 9.97
CA PRO A 3 -6.51 -6.53 8.66
C PRO A 3 -5.76 -7.80 8.28
N VAL A 4 -6.26 -8.47 7.27
CA VAL A 4 -5.70 -9.70 6.76
C VAL A 4 -5.13 -9.46 5.38
N THR A 5 -4.47 -10.44 4.83
CA THR A 5 -3.86 -10.31 3.52
C THR A 5 -4.20 -11.52 2.68
N LEU A 6 -4.03 -11.40 1.38
CA LEU A 6 -4.31 -12.51 0.50
C LEU A 6 -3.29 -13.61 0.73
N TYR A 7 -2.21 -13.25 1.44
CA TYR A 7 -1.18 -14.21 1.76
C TYR A 7 -1.63 -15.11 2.89
N ASP A 8 -2.32 -14.51 3.88
CA ASP A 8 -2.83 -15.27 5.03
C ASP A 8 -3.83 -16.28 4.51
N VAL A 9 -4.58 -15.82 3.53
CA VAL A 9 -5.59 -16.61 2.87
C VAL A 9 -4.92 -17.71 2.09
N ALA A 10 -3.90 -17.33 1.33
CA ALA A 10 -3.15 -18.28 0.52
C ALA A 10 -2.53 -19.36 1.37
N GLU A 11 -1.98 -18.99 2.50
CA GLU A 11 -1.35 -19.95 3.38
C GLU A 11 -2.38 -20.87 4.02
N TYR A 12 -3.46 -20.31 4.52
CA TYR A 12 -4.51 -21.10 5.17
C TYR A 12 -5.22 -21.99 4.18
N ALA A 13 -5.24 -21.58 2.92
CA ALA A 13 -5.92 -22.32 1.91
C ALA A 13 -4.96 -23.32 1.28
N GLY A 14 -3.67 -23.05 1.45
CA GLY A 14 -2.64 -23.91 0.90
C GLY A 14 -2.53 -23.71 -0.59
N VAL A 15 -2.47 -22.44 -0.97
CA VAL A 15 -2.38 -22.03 -2.36
C VAL A 15 -1.41 -20.86 -2.50
N SER A 16 -1.36 -20.27 -3.69
CA SER A 16 -0.50 -19.13 -3.92
C SER A 16 -1.33 -17.85 -3.88
N TYR A 17 -0.70 -16.72 -3.56
CA TYR A 17 -1.43 -15.47 -3.48
C TYR A 17 -2.21 -15.21 -4.78
N GLN A 18 -1.57 -15.45 -5.92
CA GLN A 18 -2.24 -15.30 -7.21
C GLN A 18 -3.44 -16.24 -7.28
N THR A 19 -3.35 -17.37 -6.59
CA THR A 19 -4.45 -18.35 -6.59
C THR A 19 -5.64 -17.77 -5.85
N VAL A 20 -5.34 -17.18 -4.71
CA VAL A 20 -6.36 -16.53 -3.90
C VAL A 20 -7.04 -15.43 -4.69
N SER A 21 -6.23 -14.54 -5.27
CA SER A 21 -6.75 -13.42 -6.06
C SER A 21 -7.58 -13.91 -7.24
N ARG A 22 -7.26 -15.12 -7.70
CA ARG A 22 -7.99 -15.70 -8.82
C ARG A 22 -9.33 -16.18 -8.34
N VAL A 23 -9.42 -16.51 -7.06
CA VAL A 23 -10.67 -16.94 -6.47
C VAL A 23 -11.50 -15.73 -6.06
N VAL A 24 -10.83 -14.75 -5.46
CA VAL A 24 -11.46 -13.53 -4.98
C VAL A 24 -12.08 -12.70 -6.11
N ASN A 25 -11.31 -12.48 -7.18
CA ASN A 25 -11.78 -11.64 -8.29
C ASN A 25 -12.15 -12.42 -9.56
N GLN A 26 -11.90 -13.73 -9.63
CA GLN A 26 -12.22 -14.49 -10.83
C GLN A 26 -12.89 -15.80 -10.46
N ALA A 27 -12.35 -16.88 -11.01
CA ALA A 27 -12.86 -18.24 -10.81
C ALA A 27 -12.24 -19.21 -11.81
N SER A 28 -12.08 -18.75 -13.04
CA SER A 28 -11.50 -19.56 -14.11
C SER A 28 -10.01 -19.79 -13.88
N HIS A 29 -9.48 -20.87 -14.47
CA HIS A 29 -8.07 -21.22 -14.33
C HIS A 29 -7.79 -21.57 -12.87
N VAL A 30 -8.85 -21.97 -12.17
CA VAL A 30 -8.80 -22.38 -10.78
C VAL A 30 -9.64 -23.62 -10.57
N SER A 31 -9.01 -24.63 -10.03
CA SER A 31 -9.69 -25.88 -9.74
C SER A 31 -10.76 -25.63 -8.68
N ALA A 32 -11.91 -26.26 -8.85
CA ALA A 32 -13.03 -26.09 -7.92
C ALA A 32 -12.63 -26.44 -6.48
N LYS A 33 -11.89 -27.54 -6.33
CA LYS A 33 -11.45 -28.02 -5.01
C LYS A 33 -10.67 -26.94 -4.27
N THR A 34 -9.88 -26.21 -5.03
CA THR A 34 -9.07 -25.14 -4.48
C THR A 34 -9.90 -23.88 -4.21
N ARG A 35 -10.74 -23.53 -5.17
CA ARG A 35 -11.59 -22.35 -5.06
C ARG A 35 -12.42 -22.33 -3.79
N GLU A 36 -13.09 -23.42 -3.51
CA GLU A 36 -13.95 -23.54 -2.32
C GLU A 36 -13.13 -23.55 -1.04
N LYS A 37 -11.87 -23.94 -1.14
CA LYS A 37 -11.00 -24.02 0.03
C LYS A 37 -10.34 -22.69 0.31
N VAL A 38 -10.28 -21.85 -0.71
CA VAL A 38 -9.69 -20.53 -0.55
C VAL A 38 -10.75 -19.59 -0.01
N GLU A 39 -11.97 -19.75 -0.52
CA GLU A 39 -13.11 -18.95 -0.06
C GLU A 39 -13.33 -19.19 1.43
N ALA A 40 -13.05 -20.41 1.84
CA ALA A 40 -13.20 -20.83 3.20
C ALA A 40 -12.18 -20.16 4.09
N ALA A 41 -10.96 -19.98 3.56
CA ALA A 41 -9.88 -19.37 4.31
C ALA A 41 -10.22 -17.92 4.65
N MET A 42 -10.86 -17.24 3.71
CA MET A 42 -11.26 -15.85 3.92
C MET A 42 -12.34 -15.72 4.98
N ALA A 43 -13.07 -16.80 5.18
CA ALA A 43 -14.13 -16.80 6.14
C ALA A 43 -13.56 -17.02 7.51
N GLU A 44 -12.51 -17.80 7.55
CA GLU A 44 -11.82 -18.13 8.77
C GLU A 44 -11.08 -16.93 9.32
N LEU A 45 -10.18 -16.44 8.51
CA LEU A 45 -9.32 -15.34 8.88
C LEU A 45 -9.98 -13.99 8.73
N ASN A 46 -11.15 -13.96 8.10
CA ASN A 46 -11.87 -12.70 7.91
C ASN A 46 -11.07 -11.78 7.02
N TYR A 47 -10.75 -12.28 5.83
CA TYR A 47 -9.97 -11.52 4.89
C TYR A 47 -10.82 -10.48 4.18
N ILE A 48 -10.37 -9.24 4.25
CA ILE A 48 -11.01 -8.13 3.57
C ILE A 48 -10.02 -7.63 2.51
N PRO A 49 -10.37 -7.72 1.22
CA PRO A 49 -9.50 -7.29 0.12
C PRO A 49 -9.10 -5.82 0.28
N ASN A 50 -7.80 -5.55 0.26
CA ASN A 50 -7.32 -4.19 0.43
C ASN A 50 -7.56 -3.35 -0.81
N ARG A 51 -8.65 -2.59 -0.78
CA ARG A 51 -9.02 -1.72 -1.90
C ARG A 51 -7.94 -0.68 -2.18
N CYS A 52 -7.06 -0.47 -1.20
CA CYS A 52 -5.98 0.49 -1.34
C CYS A 52 -4.87 -0.10 -2.19
N ALA A 53 -4.47 -1.32 -1.86
CA ALA A 53 -3.45 -2.02 -2.61
C ALA A 53 -4.01 -2.40 -3.97
N GLN A 54 -5.30 -2.73 -3.96
CA GLN A 54 -6.02 -3.04 -5.19
C GLN A 54 -5.96 -1.87 -6.16
N GLN A 55 -5.98 -0.65 -5.61
CA GLN A 55 -5.91 0.53 -6.44
C GLN A 55 -4.45 0.80 -6.83
N LEU A 56 -3.51 0.39 -5.97
CA LEU A 56 -2.09 0.58 -6.26
C LEU A 56 -1.66 -0.26 -7.45
N ALA A 57 -1.98 -1.55 -7.41
CA ALA A 57 -1.63 -2.45 -8.50
C ALA A 57 -2.60 -2.27 -9.66
N GLY A 58 -3.74 -1.67 -9.36
CA GLY A 58 -4.75 -1.45 -10.35
C GLY A 58 -5.45 -2.74 -10.73
N LYS A 59 -6.68 -2.93 -10.22
CA LYS A 59 -7.43 -4.14 -10.50
C LYS A 59 -7.70 -4.30 -12.01
N GLN A 60 -7.48 -3.22 -12.74
CA GLN A 60 -7.62 -3.23 -14.19
C GLN A 60 -6.71 -2.16 -14.77
N SER A 61 -5.47 -2.13 -14.27
CA SER A 61 -4.46 -1.17 -14.69
C SER A 61 -4.87 0.25 -14.32
N LEU A 62 -4.38 0.68 -13.18
CA LEU A 62 -4.70 2.02 -12.67
C LEU A 62 -4.14 3.09 -13.58
N MET B 1 -8.53 17.11 -4.44
CA MET B 1 -9.27 16.12 -5.27
C MET B 1 -8.33 15.08 -5.86
N LYS B 2 -7.20 14.87 -5.20
CA LYS B 2 -6.21 13.92 -5.65
C LYS B 2 -5.29 13.56 -4.49
N PRO B 3 -5.17 12.27 -4.15
CA PRO B 3 -4.28 11.86 -3.06
C PRO B 3 -2.83 12.19 -3.41
N VAL B 4 -2.21 13.06 -2.62
CA VAL B 4 -0.84 13.46 -2.86
C VAL B 4 0.08 12.40 -2.28
N THR B 5 1.33 12.40 -2.72
CA THR B 5 2.28 11.42 -2.25
C THR B 5 3.61 12.06 -1.92
N LEU B 6 4.44 11.33 -1.18
CA LEU B 6 5.79 11.77 -0.84
C LEU B 6 6.55 12.15 -2.11
N TYR B 7 6.24 11.46 -3.23
CA TYR B 7 6.90 11.72 -4.50
C TYR B 7 6.49 13.07 -5.08
N ASP B 8 5.24 13.48 -4.84
CA ASP B 8 4.78 14.78 -5.32
C ASP B 8 5.51 15.88 -4.55
N VAL B 9 5.75 15.62 -3.27
CA VAL B 9 6.42 16.55 -2.39
C VAL B 9 7.88 16.75 -2.81
N ALA B 10 8.56 15.64 -3.06
CA ALA B 10 9.95 15.64 -3.49
C ALA B 10 10.13 16.49 -4.74
N GLU B 11 9.33 16.20 -5.73
CA GLU B 11 9.37 16.90 -7.01
C GLU B 11 9.18 18.41 -6.85
N TYR B 12 8.25 18.81 -5.99
CA TYR B 12 7.98 20.22 -5.77
C TYR B 12 9.09 20.92 -5.00
N ALA B 13 9.54 20.29 -3.91
CA ALA B 13 10.59 20.88 -3.08
C ALA B 13 11.94 20.92 -3.79
N GLY B 14 12.15 20.01 -4.74
CA GLY B 14 13.41 19.97 -5.44
C GLY B 14 14.45 19.21 -4.67
N VAL B 15 14.06 18.05 -4.15
CA VAL B 15 14.95 17.22 -3.38
C VAL B 15 14.76 15.78 -3.81
N SER B 16 15.61 14.91 -3.35
CA SER B 16 15.45 13.51 -3.67
C SER B 16 14.31 12.94 -2.84
N TYR B 17 13.68 11.90 -3.35
CA TYR B 17 12.56 11.28 -2.68
C TYR B 17 12.95 10.84 -1.26
N GLN B 18 14.14 10.26 -1.11
CA GLN B 18 14.64 9.81 0.19
C GLN B 18 14.75 10.98 1.18
N THR B 19 15.00 12.16 0.63
CA THR B 19 15.12 13.37 1.43
C THR B 19 13.80 13.64 2.13
N VAL B 20 12.72 13.36 1.42
CA VAL B 20 11.38 13.56 1.96
C VAL B 20 11.13 12.57 3.10
N SER B 21 11.50 11.31 2.87
CA SER B 21 11.39 10.29 3.88
C SER B 21 12.17 10.78 5.09
N ARG B 22 13.41 11.18 4.82
CA ARG B 22 14.31 11.71 5.86
C ARG B 22 13.67 12.81 6.70
N VAL B 23 12.89 13.67 6.07
CA VAL B 23 12.22 14.75 6.77
C VAL B 23 11.00 14.22 7.54
N VAL B 24 10.27 13.29 6.93
CA VAL B 24 9.10 12.72 7.55
C VAL B 24 9.49 11.93 8.80
N ASN B 25 10.61 11.23 8.71
CA ASN B 25 11.11 10.44 9.83
C ASN B 25 11.81 11.32 10.86
N GLN B 26 12.05 12.59 10.49
CA GLN B 26 12.74 13.54 11.36
C GLN B 26 14.11 13.00 11.73
N ALA B 27 14.73 12.39 10.74
CA ALA B 27 16.03 11.76 10.87
C ALA B 27 17.16 12.77 10.90
N SER B 28 18.35 12.29 11.19
CA SER B 28 19.53 13.14 11.23
C SER B 28 20.15 13.27 9.84
N HIS B 29 21.23 14.05 9.77
CA HIS B 29 21.96 14.29 8.53
C HIS B 29 21.09 15.08 7.55
N VAL B 30 20.19 15.89 8.10
CA VAL B 30 19.31 16.71 7.29
C VAL B 30 19.48 18.18 7.62
N SER B 31 19.83 18.97 6.61
CA SER B 31 20.01 20.39 6.79
C SER B 31 18.66 21.06 7.02
N ALA B 32 18.67 22.18 7.73
CA ALA B 32 17.45 22.93 8.03
C ALA B 32 16.69 23.29 6.76
N LYS B 33 17.38 23.89 5.79
CA LYS B 33 16.75 24.30 4.52
C LYS B 33 16.00 23.15 3.89
N THR B 34 16.71 22.08 3.60
CA THR B 34 16.12 20.90 3.00
C THR B 34 14.94 20.39 3.82
N ARG B 35 15.07 20.47 5.13
CA ARG B 35 14.01 20.04 6.03
C ARG B 35 12.77 20.91 5.89
N GLU B 36 12.98 22.20 5.99
CA GLU B 36 11.90 23.17 5.89
C GLU B 36 11.34 23.28 4.49
N LYS B 37 12.16 22.98 3.49
CA LYS B 37 11.73 23.03 2.10
C LYS B 37 10.68 21.96 1.84
N VAL B 38 10.97 20.76 2.32
CA VAL B 38 10.08 19.62 2.16
C VAL B 38 8.80 19.83 2.94
N GLU B 39 8.91 20.44 4.11
CA GLU B 39 7.76 20.69 4.94
C GLU B 39 6.87 21.75 4.30
N ALA B 40 7.50 22.68 3.56
CA ALA B 40 6.77 23.72 2.87
C ALA B 40 5.93 23.11 1.74
N ALA B 41 6.61 22.28 0.96
CA ALA B 41 5.96 21.58 -0.16
C ALA B 41 4.73 20.81 0.31
N MET B 42 4.76 20.37 1.56
CA MET B 42 3.64 19.63 2.15
C MET B 42 2.37 20.47 2.16
N ALA B 43 2.54 21.79 2.13
CA ALA B 43 1.42 22.69 2.18
C ALA B 43 0.88 22.99 0.78
N GLU B 44 1.77 23.40 -0.13
CA GLU B 44 1.40 23.72 -1.49
C GLU B 44 0.76 22.53 -2.19
N LEU B 45 1.31 21.37 -1.90
CA LEU B 45 0.81 20.14 -2.49
C LEU B 45 -0.41 19.62 -1.77
N ASN B 46 -0.65 20.07 -0.54
CA ASN B 46 -1.76 19.55 0.24
C ASN B 46 -1.50 18.06 0.45
N TYR B 47 -0.22 17.73 0.70
CA TYR B 47 0.22 16.37 0.89
C TYR B 47 -0.52 15.72 2.03
N ILE B 48 -1.13 14.60 1.75
CA ILE B 48 -1.84 13.83 2.74
C ILE B 48 -1.37 12.42 2.49
N PRO B 49 -0.45 11.95 3.35
CA PRO B 49 0.22 10.65 3.22
C PRO B 49 -0.60 9.54 2.53
N ASN B 50 0.00 8.99 1.46
CA ASN B 50 -0.61 7.93 0.64
C ASN B 50 -0.84 6.67 1.46
N ARG B 51 -1.91 6.71 2.26
CA ARG B 51 -2.26 5.60 3.18
C ARG B 51 -2.29 4.25 2.48
N CYS B 52 -2.57 4.22 1.19
CA CYS B 52 -2.62 2.97 0.47
C CYS B 52 -1.24 2.33 0.40
N ALA B 53 -0.32 3.02 -0.25
CA ALA B 53 1.04 2.54 -0.40
C ALA B 53 1.77 2.55 0.93
N GLN B 54 1.49 3.55 1.73
CA GLN B 54 2.13 3.68 3.03
C GLN B 54 1.82 2.51 3.94
N GLN B 55 0.66 1.90 3.77
CA GLN B 55 0.29 0.77 4.61
C GLN B 55 0.92 -0.49 4.08
N LEU B 56 1.15 -0.49 2.78
CA LEU B 56 1.76 -1.63 2.13
C LEU B 56 3.22 -1.72 2.54
N ALA B 57 3.87 -0.56 2.56
CA ALA B 57 5.28 -0.46 2.89
C ALA B 57 5.58 -0.65 4.38
N GLY B 58 4.57 -0.98 5.17
CA GLY B 58 4.81 -1.22 6.59
C GLY B 58 3.85 -0.50 7.53
N LYS B 59 2.68 -0.11 7.01
CA LYS B 59 1.65 0.56 7.81
C LYS B 59 2.03 2.00 8.15
N GLN B 60 2.60 2.21 9.32
CA GLN B 60 2.99 3.54 9.76
C GLN B 60 4.22 3.48 10.65
N SER B 61 5.10 4.44 10.49
CA SER B 61 6.31 4.52 11.28
C SER B 61 6.03 5.20 12.62
N LEU B 62 4.99 4.74 13.31
CA LEU B 62 4.60 5.31 14.60
C LEU B 62 5.25 4.56 15.74
N MET A 1 -7.32 -4.35 15.15
CA MET A 1 -7.72 -5.48 14.28
C MET A 1 -6.51 -6.04 13.55
N LYS A 2 -6.49 -7.35 13.32
CA LYS A 2 -5.38 -7.97 12.61
C LYS A 2 -5.76 -8.19 11.16
N PRO A 3 -5.20 -7.40 10.25
CA PRO A 3 -5.46 -7.56 8.83
C PRO A 3 -4.81 -8.84 8.31
N VAL A 4 -5.53 -9.54 7.47
CA VAL A 4 -5.05 -10.78 6.90
C VAL A 4 -4.55 -10.48 5.51
N THR A 5 -3.85 -11.41 4.88
CA THR A 5 -3.32 -11.16 3.57
C THR A 5 -3.58 -12.34 2.67
N LEU A 6 -3.42 -12.13 1.38
CA LEU A 6 -3.63 -13.18 0.41
C LEU A 6 -2.62 -14.31 0.62
N TYR A 7 -1.57 -14.02 1.36
CA TYR A 7 -0.54 -14.99 1.66
C TYR A 7 -0.99 -15.93 2.76
N ASP A 8 -1.70 -15.39 3.76
CA ASP A 8 -2.19 -16.23 4.85
C ASP A 8 -3.21 -17.21 4.29
N VAL A 9 -3.94 -16.72 3.31
CA VAL A 9 -4.93 -17.49 2.62
C VAL A 9 -4.26 -18.57 1.80
N ALA A 10 -3.20 -18.17 1.11
CA ALA A 10 -2.45 -19.10 0.29
C ALA A 10 -1.81 -20.17 1.15
N GLU A 11 -1.29 -19.79 2.30
CA GLU A 11 -0.67 -20.74 3.21
C GLU A 11 -1.70 -21.72 3.74
N TYR A 12 -2.78 -21.19 4.28
CA TYR A 12 -3.82 -22.02 4.87
C TYR A 12 -4.51 -22.90 3.84
N ALA A 13 -4.49 -22.49 2.59
CA ALA A 13 -5.15 -23.25 1.55
C ALA A 13 -4.17 -24.18 0.87
N GLY A 14 -2.87 -23.95 1.05
CA GLY A 14 -1.87 -24.80 0.45
C GLY A 14 -1.68 -24.45 -1.00
N VAL A 15 -1.79 -23.16 -1.28
CA VAL A 15 -1.67 -22.65 -2.63
C VAL A 15 -0.72 -21.45 -2.66
N SER A 16 -0.66 -20.81 -3.80
CA SER A 16 0.17 -19.65 -3.98
C SER A 16 -0.70 -18.40 -3.95
N TYR A 17 -0.12 -17.29 -3.53
CA TYR A 17 -0.87 -16.04 -3.48
C TYR A 17 -1.53 -15.75 -4.82
N GLN A 18 -0.82 -16.02 -5.91
CA GLN A 18 -1.37 -15.86 -7.25
C GLN A 18 -2.61 -16.73 -7.41
N THR A 19 -2.60 -17.88 -6.76
CA THR A 19 -3.70 -18.81 -6.84
C THR A 19 -4.91 -18.21 -6.13
N VAL A 20 -4.65 -17.62 -4.97
CA VAL A 20 -5.66 -16.96 -4.17
C VAL A 20 -6.32 -15.84 -4.97
N SER A 21 -5.51 -14.97 -5.54
CA SER A 21 -6.02 -13.85 -6.32
C SER A 21 -6.74 -14.34 -7.55
N ARG A 22 -6.35 -15.51 -8.02
CA ARG A 22 -6.98 -16.08 -9.19
C ARG A 22 -8.40 -16.48 -8.83
N VAL A 23 -8.58 -16.88 -7.59
CA VAL A 23 -9.88 -17.32 -7.08
C VAL A 23 -10.72 -16.12 -6.68
N VAL A 24 -10.08 -15.18 -5.98
CA VAL A 24 -10.74 -13.99 -5.51
C VAL A 24 -11.25 -13.12 -6.66
N ASN A 25 -10.42 -12.95 -7.67
CA ASN A 25 -10.77 -12.10 -8.81
C ASN A 25 -11.34 -12.87 -10.00
N GLN A 26 -11.00 -14.14 -10.13
CA GLN A 26 -11.49 -14.93 -11.25
C GLN A 26 -12.09 -16.22 -10.74
N ALA A 27 -11.51 -17.32 -11.21
CA ALA A 27 -11.93 -18.68 -10.90
C ALA A 27 -11.46 -19.61 -12.00
N SER A 28 -11.45 -19.08 -13.22
CA SER A 28 -11.00 -19.82 -14.38
C SER A 28 -9.50 -20.06 -14.27
N HIS A 29 -9.06 -21.19 -14.81
CA HIS A 29 -7.66 -21.57 -14.77
C HIS A 29 -7.25 -21.98 -13.35
N VAL A 30 -8.24 -22.30 -12.54
CA VAL A 30 -8.02 -22.72 -11.17
C VAL A 30 -8.83 -23.98 -10.91
N SER A 31 -8.16 -24.99 -10.36
CA SER A 31 -8.82 -26.25 -10.04
C SER A 31 -10.06 -26.00 -9.17
N ALA A 32 -11.13 -26.69 -9.53
CA ALA A 32 -12.41 -26.58 -8.84
C ALA A 32 -12.33 -27.14 -7.44
N LYS A 33 -11.20 -27.76 -7.10
CA LYS A 33 -11.09 -28.36 -5.80
C LYS A 33 -10.44 -27.34 -4.86
N THR A 34 -9.36 -26.73 -5.36
CA THR A 34 -8.62 -25.73 -4.61
C THR A 34 -9.41 -24.43 -4.48
N ARG A 35 -10.21 -24.07 -5.50
CA ARG A 35 -10.98 -22.82 -5.47
C ARG A 35 -11.81 -22.72 -4.19
N GLU A 36 -12.52 -23.79 -3.90
CA GLU A 36 -13.37 -23.83 -2.73
C GLU A 36 -12.57 -23.97 -1.44
N LYS A 37 -11.31 -24.41 -1.57
CA LYS A 37 -10.44 -24.57 -0.41
C LYS A 37 -9.81 -23.23 -0.06
N VAL A 38 -9.62 -22.41 -1.08
CA VAL A 38 -9.01 -21.09 -0.91
C VAL A 38 -10.06 -20.16 -0.33
N GLU A 39 -11.28 -20.25 -0.87
CA GLU A 39 -12.37 -19.45 -0.38
C GLU A 39 -12.63 -19.82 1.07
N ALA A 40 -12.37 -21.09 1.38
CA ALA A 40 -12.53 -21.60 2.73
C ALA A 40 -11.48 -21.02 3.65
N ALA A 41 -10.26 -20.89 3.12
CA ALA A 41 -9.14 -20.36 3.89
C ALA A 41 -9.41 -18.90 4.28
N MET A 42 -10.07 -18.17 3.39
CA MET A 42 -10.41 -16.78 3.61
C MET A 42 -11.44 -16.62 4.71
N ALA A 43 -12.20 -17.65 4.95
CA ALA A 43 -13.25 -17.60 5.94
C ALA A 43 -12.66 -17.93 7.30
N GLU A 44 -11.68 -18.81 7.27
CA GLU A 44 -10.99 -19.23 8.47
C GLU A 44 -10.22 -18.09 9.08
N LEU A 45 -9.36 -17.54 8.26
CA LEU A 45 -8.48 -16.47 8.68
C LEU A 45 -9.16 -15.11 8.65
N ASN A 46 -10.33 -15.01 8.02
CA ASN A 46 -11.07 -13.75 7.92
C ASN A 46 -10.29 -12.77 7.04
N TYR A 47 -9.98 -13.20 5.83
CA TYR A 47 -9.23 -12.40 4.89
C TYR A 47 -10.07 -11.25 4.38
N ILE A 48 -9.58 -10.03 4.54
CA ILE A 48 -10.28 -8.87 4.04
C ILE A 48 -9.54 -8.28 2.86
N PRO A 49 -10.18 -8.26 1.69
CA PRO A 49 -9.57 -7.70 0.47
C PRO A 49 -9.24 -6.21 0.63
N ASN A 50 -7.97 -5.85 0.51
CA ASN A 50 -7.55 -4.47 0.67
C ASN A 50 -7.80 -3.66 -0.60
N ARG A 51 -8.89 -2.89 -0.57
CA ARG A 51 -9.30 -2.03 -1.68
C ARG A 51 -8.17 -1.07 -2.09
N CYS A 52 -7.49 -0.52 -1.09
CA CYS A 52 -6.40 0.43 -1.34
C CYS A 52 -5.30 -0.25 -2.13
N ALA A 53 -4.99 -1.48 -1.74
CA ALA A 53 -3.95 -2.27 -2.39
C ALA A 53 -4.35 -2.56 -3.82
N GLN A 54 -5.58 -3.03 -3.99
CA GLN A 54 -6.12 -3.34 -5.31
C GLN A 54 -6.09 -2.11 -6.21
N GLN A 55 -6.32 -0.95 -5.60
CA GLN A 55 -6.30 0.29 -6.34
C GLN A 55 -4.86 0.72 -6.60
N LEU A 56 -3.95 0.33 -5.71
CA LEU A 56 -2.55 0.66 -5.86
C LEU A 56 -1.92 -0.19 -6.96
N ALA A 57 -2.08 -1.50 -6.83
CA ALA A 57 -1.52 -2.46 -7.79
C ALA A 57 -2.25 -2.46 -9.13
N GLY A 58 -3.45 -1.87 -9.18
CA GLY A 58 -4.18 -1.88 -10.41
C GLY A 58 -5.25 -0.81 -10.46
N LYS A 59 -6.49 -1.24 -10.65
CA LYS A 59 -7.65 -0.37 -10.75
C LYS A 59 -8.93 -1.18 -10.94
N GLN A 60 -9.98 -0.81 -10.24
CA GLN A 60 -11.26 -1.51 -10.37
C GLN A 60 -12.36 -0.54 -10.78
N SER A 61 -11.97 0.42 -11.62
CA SER A 61 -12.88 1.45 -12.10
C SER A 61 -13.44 2.28 -10.94
N LEU A 62 -12.63 2.48 -9.91
CA LEU A 62 -13.05 3.26 -8.76
C LEU A 62 -12.35 4.62 -8.74
N MET B 1 -8.44 19.32 -6.83
CA MET B 1 -8.22 18.49 -5.63
C MET B 1 -7.60 17.17 -6.03
N LYS B 2 -6.29 17.09 -5.94
CA LYS B 2 -5.59 15.88 -6.29
C LYS B 2 -4.71 15.43 -5.13
N PRO B 3 -4.90 14.20 -4.62
CA PRO B 3 -4.11 13.67 -3.51
C PRO B 3 -2.63 13.68 -3.83
N VAL B 4 -1.87 14.36 -2.99
CA VAL B 4 -0.45 14.52 -3.19
C VAL B 4 0.31 13.37 -2.55
N THR B 5 1.56 13.24 -2.94
CA THR B 5 2.41 12.19 -2.45
C THR B 5 3.76 12.77 -2.06
N LEU B 6 4.51 12.03 -1.22
CA LEU B 6 5.85 12.44 -0.83
C LEU B 6 6.72 12.70 -2.05
N TYR B 7 6.38 12.02 -3.15
CA TYR B 7 7.12 12.12 -4.39
C TYR B 7 6.93 13.50 -5.02
N ASP B 8 5.72 14.05 -4.88
CA ASP B 8 5.41 15.36 -5.42
C ASP B 8 6.19 16.42 -4.64
N VAL B 9 6.35 16.13 -3.35
CA VAL B 9 7.08 17.00 -2.45
C VAL B 9 8.56 16.99 -2.82
N ALA B 10 9.08 15.80 -3.07
CA ALA B 10 10.48 15.61 -3.47
C ALA B 10 10.80 16.42 -4.72
N GLU B 11 9.95 16.29 -5.71
CA GLU B 11 10.12 16.97 -6.97
C GLU B 11 10.08 18.49 -6.82
N TYR B 12 9.07 19.00 -6.13
CA TYR B 12 8.94 20.43 -5.94
C TYR B 12 10.10 21.02 -5.15
N ALA B 13 10.45 20.38 -4.04
CA ALA B 13 11.51 20.86 -3.18
C ALA B 13 12.88 20.78 -3.85
N GLY B 14 13.00 19.89 -4.82
CA GLY B 14 14.27 19.76 -5.50
C GLY B 14 15.26 18.96 -4.69
N VAL B 15 14.79 17.86 -4.14
CA VAL B 15 15.60 16.98 -3.34
C VAL B 15 15.31 15.57 -3.76
N SER B 16 16.08 14.63 -3.26
CA SER B 16 15.84 13.25 -3.56
C SER B 16 14.65 12.77 -2.77
N TYR B 17 13.96 11.77 -3.30
CA TYR B 17 12.79 11.24 -2.65
C TYR B 17 13.16 10.77 -1.22
N GLN B 18 14.31 10.11 -1.08
CA GLN B 18 14.78 9.65 0.24
C GLN B 18 14.87 10.84 1.21
N THR B 19 15.26 11.99 0.68
CA THR B 19 15.40 13.22 1.45
C THR B 19 14.08 13.59 2.11
N VAL B 20 13.01 13.39 1.37
CA VAL B 20 11.66 13.69 1.86
C VAL B 20 11.26 12.76 3.00
N SER B 21 11.53 11.46 2.85
CA SER B 21 11.26 10.51 3.93
C SER B 21 12.05 10.97 5.15
N ARG B 22 13.30 11.35 4.89
CA ARG B 22 14.21 11.86 5.92
C ARG B 22 13.62 13.04 6.67
N VAL B 23 12.96 13.94 5.96
CA VAL B 23 12.36 15.10 6.60
C VAL B 23 11.05 14.72 7.26
N VAL B 24 10.34 13.82 6.62
CA VAL B 24 9.06 13.34 7.12
C VAL B 24 9.23 12.67 8.48
N ASN B 25 10.40 12.11 8.69
CA ASN B 25 10.72 11.45 9.94
C ASN B 25 11.54 12.38 10.82
N GLN B 26 11.95 13.53 10.28
CA GLN B 26 12.77 14.50 11.01
C GLN B 26 14.00 13.81 11.55
N ALA B 27 14.64 13.07 10.66
CA ALA B 27 15.82 12.30 11.00
C ALA B 27 17.11 13.09 10.86
N SER B 28 18.23 12.41 11.12
CA SER B 28 19.54 13.01 11.06
C SER B 28 20.07 12.96 9.62
N HIS B 29 21.27 13.50 9.42
CA HIS B 29 21.92 13.50 8.12
C HIS B 29 21.21 14.45 7.15
N VAL B 30 20.45 15.40 7.69
CA VAL B 30 19.72 16.34 6.86
C VAL B 30 20.08 17.76 7.25
N SER B 31 20.37 18.57 6.24
CA SER B 31 20.72 19.95 6.48
C SER B 31 19.48 20.74 6.89
N ALA B 32 19.65 21.81 7.65
CA ALA B 32 18.51 22.60 8.11
C ALA B 32 17.71 23.19 6.95
N LYS B 33 18.39 23.88 6.06
CA LYS B 33 17.75 24.50 4.91
C LYS B 33 17.02 23.48 4.06
N THR B 34 17.74 22.47 3.57
CA THR B 34 17.15 21.42 2.75
C THR B 34 15.93 20.79 3.43
N ARG B 35 15.96 20.71 4.75
CA ARG B 35 14.85 20.15 5.51
C ARG B 35 13.68 21.12 5.49
N GLU B 36 13.99 22.38 5.73
CA GLU B 36 13.00 23.44 5.75
C GLU B 36 12.32 23.59 4.40
N LYS B 37 13.09 23.40 3.32
CA LYS B 37 12.55 23.50 1.98
C LYS B 37 11.49 22.42 1.74
N VAL B 38 11.76 21.21 2.20
CA VAL B 38 10.83 20.09 2.05
C VAL B 38 9.52 20.32 2.80
N GLU B 39 9.63 20.89 4.00
CA GLU B 39 8.46 21.14 4.82
C GLU B 39 7.58 22.21 4.15
N ALA B 40 8.23 23.16 3.48
CA ALA B 40 7.51 24.21 2.77
C ALA B 40 6.73 23.64 1.59
N ALA B 41 7.42 22.80 0.83
CA ALA B 41 6.81 22.14 -0.34
C ALA B 41 5.55 21.38 0.05
N MET B 42 5.50 20.95 1.30
CA MET B 42 4.34 20.21 1.81
C MET B 42 3.10 21.09 1.75
N ALA B 43 3.32 22.41 1.69
CA ALA B 43 2.23 23.38 1.63
C ALA B 43 1.84 23.69 0.21
N GLU B 44 2.83 23.99 -0.62
CA GLU B 44 2.61 24.33 -2.02
C GLU B 44 1.81 23.25 -2.72
N LEU B 45 2.30 22.05 -2.58
CA LEU B 45 1.65 20.89 -3.19
C LEU B 45 0.40 20.51 -2.45
N ASN B 46 0.25 20.98 -1.23
CA ASN B 46 -0.87 20.58 -0.39
C ASN B 46 -0.73 19.07 -0.13
N TYR B 47 0.50 18.68 0.24
CA TYR B 47 0.84 17.30 0.51
C TYR B 47 -0.12 16.68 1.51
N ILE B 48 -0.83 15.64 1.11
CA ILE B 48 -1.73 14.94 1.98
C ILE B 48 -1.33 13.48 1.83
N PRO B 49 -0.62 12.91 2.81
CA PRO B 49 -0.12 11.53 2.77
C PRO B 49 -1.04 10.53 2.09
N ASN B 50 -0.48 9.80 1.11
CA ASN B 50 -1.19 8.78 0.32
C ASN B 50 -1.65 7.63 1.22
N ARG B 51 -2.82 7.83 1.84
CA ARG B 51 -3.42 6.86 2.77
C ARG B 51 -3.45 5.42 2.24
N CYS B 52 -3.52 5.25 0.93
CA CYS B 52 -3.57 3.91 0.36
C CYS B 52 -2.21 3.24 0.44
N ALA B 53 -1.21 3.91 -0.13
CA ALA B 53 0.14 3.40 -0.13
C ALA B 53 0.72 3.45 1.27
N GLN B 54 0.35 4.48 2.02
CA GLN B 54 0.86 4.68 3.36
C GLN B 54 0.37 3.59 4.29
N GLN B 55 -0.85 3.10 4.07
CA GLN B 55 -1.40 2.05 4.94
C GLN B 55 -0.73 0.76 4.57
N LEU B 56 -0.27 0.70 3.34
CA LEU B 56 0.38 -0.48 2.83
C LEU B 56 1.85 -0.50 3.24
N ALA B 57 2.52 0.64 3.15
CA ALA B 57 3.94 0.73 3.46
C ALA B 57 4.19 0.79 4.97
N GLY B 58 3.14 0.93 5.75
CA GLY B 58 3.31 1.04 7.19
C GLY B 58 2.02 1.43 7.91
N LYS B 59 1.76 2.73 8.02
CA LYS B 59 0.57 3.22 8.72
C LYS B 59 -0.19 4.23 7.88
N GLN B 60 -1.48 4.36 8.15
CA GLN B 60 -2.37 5.26 7.43
C GLN B 60 -1.80 6.66 7.28
N SER B 61 -1.14 7.17 8.31
CA SER B 61 -0.57 8.50 8.26
C SER B 61 0.75 8.55 9.02
N LEU B 62 1.81 8.88 8.32
CA LEU B 62 3.12 8.97 8.93
C LEU B 62 3.61 10.40 8.94
N MET A 1 -7.38 -6.28 15.67
CA MET A 1 -7.18 -7.39 14.72
C MET A 1 -6.18 -7.01 13.64
N LYS A 2 -5.10 -7.77 13.56
CA LYS A 2 -4.08 -7.51 12.55
C LYS A 2 -4.58 -7.87 11.16
N PRO A 3 -4.25 -7.06 10.14
CA PRO A 3 -4.66 -7.33 8.77
C PRO A 3 -4.05 -8.64 8.27
N VAL A 4 -4.72 -9.24 7.33
CA VAL A 4 -4.29 -10.51 6.76
C VAL A 4 -4.13 -10.33 5.27
N THR A 5 -3.03 -10.79 4.76
CA THR A 5 -2.75 -10.66 3.36
C THR A 5 -3.12 -11.88 2.55
N LEU A 6 -3.04 -11.71 1.24
CA LEU A 6 -3.35 -12.78 0.32
C LEU A 6 -2.33 -13.90 0.46
N TYR A 7 -1.18 -13.58 1.06
CA TYR A 7 -0.14 -14.55 1.28
C TYR A 7 -0.49 -15.44 2.43
N ASP A 8 -1.08 -14.85 3.47
CA ASP A 8 -1.47 -15.63 4.63
C ASP A 8 -2.56 -16.60 4.20
N VAL A 9 -3.43 -16.07 3.36
CA VAL A 9 -4.52 -16.84 2.78
C VAL A 9 -3.98 -17.97 1.93
N ALA A 10 -2.98 -17.64 1.13
CA ALA A 10 -2.33 -18.63 0.26
C ALA A 10 -1.58 -19.67 1.09
N GLU A 11 -1.05 -19.24 2.22
CA GLU A 11 -0.35 -20.11 3.13
C GLU A 11 -1.30 -21.13 3.75
N TYR A 12 -2.38 -20.64 4.35
CA TYR A 12 -3.37 -21.49 5.00
C TYR A 12 -4.14 -22.34 3.99
N ALA A 13 -4.21 -21.84 2.77
CA ALA A 13 -4.92 -22.51 1.70
C ALA A 13 -3.99 -23.51 1.04
N GLY A 14 -2.70 -23.34 1.27
CA GLY A 14 -1.72 -24.22 0.68
C GLY A 14 -1.74 -24.06 -0.82
N VAL A 15 -1.77 -22.81 -1.22
CA VAL A 15 -1.81 -22.44 -2.61
C VAL A 15 -0.81 -21.33 -2.86
N SER A 16 -0.89 -20.73 -4.01
CA SER A 16 -0.02 -19.61 -4.33
C SER A 16 -0.81 -18.33 -4.16
N TYR A 17 -0.12 -17.27 -3.82
CA TYR A 17 -0.79 -15.99 -3.60
C TYR A 17 -1.58 -15.61 -4.85
N GLN A 18 -1.02 -15.89 -6.02
CA GLN A 18 -1.72 -15.63 -7.27
C GLN A 18 -2.97 -16.49 -7.37
N THR A 19 -2.95 -17.67 -6.76
CA THR A 19 -4.10 -18.56 -6.80
C THR A 19 -5.24 -17.94 -6.01
N VAL A 20 -4.88 -17.35 -4.88
CA VAL A 20 -5.83 -16.67 -4.04
C VAL A 20 -6.52 -15.57 -4.81
N SER A 21 -5.72 -14.73 -5.43
CA SER A 21 -6.23 -13.61 -6.21
C SER A 21 -7.07 -14.12 -7.37
N ARG A 22 -6.78 -15.32 -7.81
CA ARG A 22 -7.52 -15.92 -8.89
C ARG A 22 -8.91 -16.26 -8.41
N VAL A 23 -9.01 -16.68 -7.16
CA VAL A 23 -10.28 -17.04 -6.56
C VAL A 23 -11.07 -15.81 -6.16
N VAL A 24 -10.37 -14.86 -5.57
CA VAL A 24 -10.97 -13.63 -5.11
C VAL A 24 -11.58 -12.82 -6.26
N ASN A 25 -10.81 -12.64 -7.32
CA ASN A 25 -11.26 -11.81 -8.45
C ASN A 25 -11.85 -12.59 -9.62
N GLN A 26 -11.63 -13.89 -9.71
CA GLN A 26 -12.13 -14.64 -10.84
C GLN A 26 -12.87 -15.90 -10.40
N ALA A 27 -12.31 -17.04 -10.82
CA ALA A 27 -12.85 -18.37 -10.59
C ALA A 27 -12.40 -19.30 -11.71
N SER A 28 -12.42 -18.78 -12.93
CA SER A 28 -11.99 -19.55 -14.08
C SER A 28 -10.48 -19.79 -13.99
N HIS A 29 -10.03 -20.91 -14.55
CA HIS A 29 -8.62 -21.27 -14.51
C HIS A 29 -8.24 -21.68 -13.08
N VAL A 30 -9.28 -21.94 -12.30
CA VAL A 30 -9.13 -22.36 -10.92
C VAL A 30 -10.05 -23.52 -10.68
N SER A 31 -9.49 -24.62 -10.25
CA SER A 31 -10.30 -25.79 -9.96
C SER A 31 -11.11 -25.55 -8.69
N ALA A 32 -12.32 -26.07 -8.68
CA ALA A 32 -13.22 -25.93 -7.54
C ALA A 32 -12.57 -26.34 -6.23
N LYS A 33 -11.71 -27.37 -6.27
CA LYS A 33 -11.04 -27.84 -5.07
C LYS A 33 -10.29 -26.71 -4.35
N THR A 34 -9.53 -25.94 -5.12
CA THR A 34 -8.77 -24.84 -4.55
C THR A 34 -9.65 -23.63 -4.24
N ARG A 35 -10.55 -23.29 -5.15
CA ARG A 35 -11.43 -22.14 -4.98
C ARG A 35 -12.13 -22.14 -3.63
N GLU A 36 -12.77 -23.25 -3.33
CA GLU A 36 -13.52 -23.41 -2.11
C GLU A 36 -12.61 -23.53 -0.89
N LYS A 37 -11.34 -23.84 -1.15
CA LYS A 37 -10.38 -23.98 -0.08
C LYS A 37 -9.77 -22.62 0.25
N VAL A 38 -9.69 -21.73 -0.74
CA VAL A 38 -9.13 -20.41 -0.51
C VAL A 38 -10.17 -19.51 0.15
N GLU A 39 -11.42 -19.62 -0.31
CA GLU A 39 -12.50 -18.84 0.26
C GLU A 39 -12.69 -19.22 1.73
N ALA A 40 -12.33 -20.47 2.03
CA ALA A 40 -12.41 -20.98 3.38
C ALA A 40 -11.27 -20.44 4.22
N ALA A 41 -10.12 -20.23 3.59
CA ALA A 41 -8.93 -19.72 4.26
C ALA A 41 -9.16 -18.30 4.75
N MET A 42 -9.76 -17.50 3.88
CA MET A 42 -10.06 -16.11 4.15
C MET A 42 -10.94 -15.92 5.38
N ALA A 43 -11.76 -16.91 5.66
CA ALA A 43 -12.69 -16.82 6.77
C ALA A 43 -12.00 -17.17 8.05
N GLU A 44 -11.00 -18.03 7.92
CA GLU A 44 -10.24 -18.50 9.06
C GLU A 44 -9.36 -17.41 9.64
N LEU A 45 -8.47 -16.95 8.80
CA LEU A 45 -7.51 -15.94 9.20
C LEU A 45 -8.12 -14.55 9.20
N ASN A 46 -9.29 -14.42 8.58
CA ASN A 46 -9.98 -13.15 8.46
C ASN A 46 -9.22 -12.23 7.51
N TYR A 47 -9.24 -12.60 6.25
CA TYR A 47 -8.58 -11.85 5.19
C TYR A 47 -9.42 -10.68 4.78
N ILE A 48 -8.84 -9.50 4.80
CA ILE A 48 -9.53 -8.30 4.37
C ILE A 48 -8.88 -7.79 3.10
N PRO A 49 -9.53 -7.95 1.93
CA PRO A 49 -8.99 -7.50 0.64
C PRO A 49 -8.63 -6.03 0.65
N ASN A 50 -7.36 -5.72 0.44
CA ASN A 50 -6.91 -4.35 0.44
C ASN A 50 -7.26 -3.67 -0.87
N ARG A 51 -8.36 -2.94 -0.84
CA ARG A 51 -8.84 -2.23 -2.02
C ARG A 51 -7.85 -1.18 -2.51
N CYS A 52 -7.06 -0.62 -1.59
CA CYS A 52 -6.08 0.40 -1.94
C CYS A 52 -4.92 -0.26 -2.69
N ALA A 53 -4.59 -1.49 -2.30
CA ALA A 53 -3.54 -2.24 -2.94
C ALA A 53 -3.98 -2.64 -4.34
N GLN A 54 -5.23 -3.04 -4.41
CA GLN A 54 -5.85 -3.42 -5.67
C GLN A 54 -5.80 -2.25 -6.63
N GLN A 55 -6.09 -1.07 -6.10
CA GLN A 55 -6.06 0.15 -6.88
C GLN A 55 -4.65 0.52 -7.32
N LEU A 56 -3.67 0.23 -6.47
CA LEU A 56 -2.28 0.53 -6.79
C LEU A 56 -1.80 -0.36 -7.94
N ALA A 57 -2.14 -1.65 -7.90
CA ALA A 57 -1.75 -2.58 -8.94
C ALA A 57 -2.61 -2.41 -10.20
N GLY A 58 -3.78 -1.79 -10.03
CA GLY A 58 -4.67 -1.59 -11.14
C GLY A 58 -6.12 -1.55 -10.71
N LYS A 59 -6.86 -2.58 -11.08
CA LYS A 59 -8.25 -2.71 -10.70
C LYS A 59 -8.55 -4.15 -10.30
N GLN A 60 -9.82 -4.51 -10.17
CA GLN A 60 -10.19 -5.87 -9.77
C GLN A 60 -10.56 -6.71 -10.98
N SER A 61 -11.36 -6.12 -11.86
CA SER A 61 -11.80 -6.80 -13.08
C SER A 61 -12.66 -8.03 -12.75
N LEU A 62 -13.56 -7.87 -11.76
CA LEU A 62 -14.46 -8.95 -11.36
C LEU A 62 -15.66 -9.01 -12.31
N MET B 1 -8.98 16.49 -7.38
CA MET B 1 -7.61 16.76 -6.89
C MET B 1 -6.99 15.48 -6.40
N LYS B 2 -5.88 15.10 -7.02
CA LYS B 2 -5.21 13.86 -6.65
C LYS B 2 -4.40 14.06 -5.38
N PRO B 3 -4.38 13.05 -4.51
CA PRO B 3 -3.63 13.12 -3.26
C PRO B 3 -2.14 13.32 -3.53
N VAL B 4 -1.59 14.39 -3.01
CA VAL B 4 -0.18 14.67 -3.19
C VAL B 4 0.64 13.58 -2.53
N THR B 5 1.90 13.45 -2.91
CA THR B 5 2.72 12.41 -2.38
C THR B 5 4.08 12.95 -2.03
N LEU B 6 4.80 12.18 -1.23
CA LEU B 6 6.17 12.50 -0.84
C LEU B 6 7.02 12.81 -2.06
N TYR B 7 6.71 12.15 -3.18
CA TYR B 7 7.46 12.34 -4.42
C TYR B 7 7.23 13.74 -4.96
N ASP B 8 6.01 14.24 -4.83
CA ASP B 8 5.68 15.57 -5.31
C ASP B 8 6.42 16.60 -4.49
N VAL B 9 6.47 16.37 -3.18
CA VAL B 9 7.14 17.27 -2.25
C VAL B 9 8.63 17.30 -2.53
N ALA B 10 9.19 16.13 -2.74
CA ALA B 10 10.61 15.99 -3.04
C ALA B 10 11.00 16.82 -4.25
N GLU B 11 10.28 16.63 -5.33
CA GLU B 11 10.52 17.34 -6.57
C GLU B 11 10.48 18.85 -6.37
N TYR B 12 9.43 19.31 -5.72
CA TYR B 12 9.25 20.73 -5.48
C TYR B 12 10.32 21.29 -4.58
N ALA B 13 10.56 20.64 -3.46
CA ALA B 13 11.55 21.09 -2.50
C ALA B 13 12.94 21.09 -3.08
N GLY B 14 13.18 20.23 -4.05
CA GLY B 14 14.49 20.15 -4.66
C GLY B 14 15.43 19.31 -3.82
N VAL B 15 14.94 18.18 -3.36
CA VAL B 15 15.71 17.27 -2.55
C VAL B 15 15.48 15.88 -3.09
N SER B 16 16.23 14.92 -2.58
CA SER B 16 16.02 13.55 -2.97
C SER B 16 14.75 13.06 -2.27
N TYR B 17 14.10 12.07 -2.82
CA TYR B 17 12.88 11.57 -2.24
C TYR B 17 13.15 11.02 -0.83
N GLN B 18 14.24 10.27 -0.67
CA GLN B 18 14.65 9.74 0.64
C GLN B 18 14.76 10.88 1.66
N THR B 19 15.29 11.99 1.19
CA THR B 19 15.44 13.20 1.99
C THR B 19 14.13 13.59 2.65
N VAL B 20 13.06 13.46 1.88
CA VAL B 20 11.72 13.81 2.36
C VAL B 20 11.27 12.85 3.45
N SER B 21 11.49 11.55 3.22
CA SER B 21 11.17 10.55 4.23
C SER B 21 11.85 10.98 5.54
N ARG B 22 13.12 11.35 5.38
CA ARG B 22 13.94 11.80 6.51
C ARG B 22 13.31 13.00 7.22
N VAL B 23 12.75 13.94 6.46
CA VAL B 23 12.15 15.13 7.04
C VAL B 23 10.80 14.84 7.69
N VAL B 24 10.03 13.96 7.06
CA VAL B 24 8.73 13.59 7.54
C VAL B 24 8.81 12.87 8.88
N ASN B 25 9.90 12.14 9.07
CA ASN B 25 10.11 11.39 10.29
C ASN B 25 10.99 12.17 11.27
N GLN B 26 11.42 13.36 10.84
CA GLN B 26 12.29 14.21 11.66
C GLN B 26 13.55 13.44 12.08
N ALA B 27 14.11 12.72 11.11
CA ALA B 27 15.29 11.91 11.33
C ALA B 27 16.53 12.79 11.40
N SER B 28 17.67 12.20 11.71
CA SER B 28 18.92 12.93 11.80
C SER B 28 19.63 12.96 10.44
N HIS B 29 20.73 13.70 10.38
CA HIS B 29 21.54 13.82 9.18
C HIS B 29 20.82 14.65 8.12
N VAL B 30 20.07 15.66 8.57
CA VAL B 30 19.34 16.55 7.68
C VAL B 30 19.63 18.00 8.06
N SER B 31 19.98 18.81 7.09
CA SER B 31 20.26 20.21 7.34
C SER B 31 18.96 20.95 7.66
N ALA B 32 19.06 22.02 8.44
CA ALA B 32 17.89 22.80 8.85
C ALA B 32 17.18 23.45 7.68
N LYS B 33 17.92 24.24 6.89
CA LYS B 33 17.33 24.93 5.75
C LYS B 33 16.63 23.94 4.82
N THR B 34 17.37 22.91 4.45
CA THR B 34 16.85 21.86 3.58
C THR B 34 15.58 21.23 4.14
N ARG B 35 15.50 21.12 5.46
CA ARG B 35 14.32 20.54 6.09
C ARG B 35 13.12 21.46 5.92
N GLU B 36 13.34 22.73 6.18
CA GLU B 36 12.30 23.74 6.07
C GLU B 36 11.79 23.87 4.64
N LYS B 37 12.67 23.68 3.67
CA LYS B 37 12.28 23.77 2.27
C LYS B 37 11.29 22.66 1.93
N VAL B 38 11.49 21.50 2.53
CA VAL B 38 10.61 20.37 2.31
C VAL B 38 9.26 20.60 2.98
N GLU B 39 9.28 21.14 4.19
CA GLU B 39 8.06 21.42 4.92
C GLU B 39 7.28 22.52 4.22
N ALA B 40 7.99 23.41 3.53
CA ALA B 40 7.35 24.50 2.80
C ALA B 40 6.61 23.93 1.61
N ALA B 41 7.27 23.03 0.92
CA ALA B 41 6.71 22.35 -0.23
C ALA B 41 5.42 21.63 0.13
N MET B 42 5.36 21.18 1.38
CA MET B 42 4.18 20.49 1.88
C MET B 42 2.97 21.41 1.85
N ALA B 43 3.23 22.72 1.82
CA ALA B 43 2.17 23.70 1.79
C ALA B 43 1.76 24.04 0.37
N GLU B 44 2.75 24.30 -0.47
CA GLU B 44 2.51 24.64 -1.86
C GLU B 44 1.85 23.50 -2.62
N LEU B 45 2.35 22.29 -2.40
CA LEU B 45 1.79 21.12 -3.07
C LEU B 45 0.49 20.70 -2.42
N ASN B 46 0.27 21.14 -1.18
CA ASN B 46 -0.90 20.70 -0.43
C ASN B 46 -0.78 19.20 -0.22
N TYR B 47 0.43 18.79 0.19
CA TYR B 47 0.76 17.39 0.43
C TYR B 47 -0.28 16.74 1.31
N ILE B 48 -0.94 15.70 0.82
CA ILE B 48 -1.93 14.98 1.59
C ILE B 48 -1.57 13.52 1.41
N PRO B 49 -0.82 12.97 2.38
CA PRO B 49 -0.28 11.60 2.36
C PRO B 49 -1.14 10.54 1.64
N ASN B 50 -0.53 9.91 0.62
CA ASN B 50 -1.18 8.84 -0.17
C ASN B 50 -1.69 7.77 0.79
N ARG B 51 -2.96 7.42 0.77
CA ARG B 51 -3.46 6.45 1.74
C ARG B 51 -3.33 5.03 1.24
N CYS B 52 -3.28 4.88 -0.06
CA CYS B 52 -3.20 3.57 -0.66
C CYS B 52 -1.75 3.08 -0.67
N ALA B 53 -0.87 3.91 -1.19
CA ALA B 53 0.55 3.58 -1.25
C ALA B 53 1.16 3.49 0.14
N GLN B 54 0.87 4.48 0.96
CA GLN B 54 1.44 4.53 2.30
C GLN B 54 0.94 3.41 3.19
N GLN B 55 -0.29 2.91 2.99
CA GLN B 55 -0.77 1.82 3.81
C GLN B 55 0.10 0.62 3.55
N LEU B 56 0.26 0.30 2.26
CA LEU B 56 1.11 -0.80 1.81
C LEU B 56 2.51 -0.68 2.36
N ALA B 57 3.07 0.52 2.34
CA ALA B 57 4.44 0.72 2.80
C ALA B 57 4.50 0.76 4.33
N GLY B 58 3.35 0.75 4.99
CA GLY B 58 3.34 0.80 6.43
C GLY B 58 3.59 2.18 6.98
N LYS B 59 2.90 3.16 6.42
CA LYS B 59 3.02 4.55 6.85
C LYS B 59 1.70 5.29 6.65
N GLN B 60 1.52 6.40 7.38
CA GLN B 60 0.32 7.23 7.27
C GLN B 60 0.70 8.68 7.57
N SER B 61 1.28 8.89 8.74
CA SER B 61 1.73 10.21 9.17
C SER B 61 2.94 10.07 10.08
N LEU B 62 2.70 9.55 11.27
CA LEU B 62 3.77 9.35 12.23
C LEU B 62 4.00 7.86 12.42
N MET A 1 -7.37 -4.27 15.17
CA MET A 1 -7.64 -5.60 14.57
C MET A 1 -6.43 -6.06 13.77
N LYS A 2 -5.98 -7.29 14.04
CA LYS A 2 -4.85 -7.87 13.34
C LYS A 2 -5.24 -8.17 11.89
N PRO A 3 -4.62 -7.47 10.94
CA PRO A 3 -4.90 -7.67 9.52
C PRO A 3 -4.34 -9.00 9.02
N VAL A 4 -5.02 -9.58 8.06
CA VAL A 4 -4.61 -10.83 7.48
C VAL A 4 -4.45 -10.64 5.99
N THR A 5 -3.33 -11.06 5.45
CA THR A 5 -3.05 -10.90 4.04
C THR A 5 -3.37 -12.13 3.22
N LEU A 6 -3.28 -11.95 1.91
CA LEU A 6 -3.55 -13.01 0.96
C LEU A 6 -2.49 -14.08 1.10
N TYR A 7 -1.38 -13.70 1.73
CA TYR A 7 -0.28 -14.62 1.96
C TYR A 7 -0.63 -15.60 3.07
N ASP A 8 -1.26 -15.09 4.12
CA ASP A 8 -1.67 -15.94 5.23
C ASP A 8 -2.69 -16.92 4.71
N VAL A 9 -3.57 -16.36 3.88
CA VAL A 9 -4.61 -17.12 3.23
C VAL A 9 -3.98 -18.20 2.38
N ALA A 10 -2.98 -17.79 1.62
CA ALA A 10 -2.26 -18.71 0.73
C ALA A 10 -1.56 -19.82 1.51
N GLU A 11 -1.03 -19.49 2.68
CA GLU A 11 -0.34 -20.46 3.50
C GLU A 11 -1.30 -21.50 4.07
N TYR A 12 -2.41 -21.03 4.62
CA TYR A 12 -3.43 -21.89 5.22
C TYR A 12 -4.17 -22.67 4.15
N ALA A 13 -4.26 -22.10 2.96
CA ALA A 13 -4.96 -22.73 1.88
C ALA A 13 -4.04 -23.70 1.17
N GLY A 14 -2.73 -23.50 1.37
CA GLY A 14 -1.74 -24.35 0.75
C GLY A 14 -1.66 -24.08 -0.72
N VAL A 15 -1.62 -22.80 -1.03
CA VAL A 15 -1.56 -22.32 -2.38
C VAL A 15 -0.59 -21.18 -2.48
N SER A 16 -0.59 -20.49 -3.62
CA SER A 16 0.26 -19.35 -3.79
C SER A 16 -0.58 -18.10 -3.65
N TYR A 17 0.06 -17.03 -3.18
CA TYR A 17 -0.66 -15.76 -3.00
C TYR A 17 -1.40 -15.38 -4.27
N GLN A 18 -0.78 -15.64 -5.42
CA GLN A 18 -1.41 -15.40 -6.72
C GLN A 18 -2.68 -16.21 -6.87
N THR A 19 -2.69 -17.40 -6.28
CA THR A 19 -3.84 -18.28 -6.36
C THR A 19 -4.99 -17.70 -5.57
N VAL A 20 -4.67 -17.22 -4.40
CA VAL A 20 -5.64 -16.60 -3.53
C VAL A 20 -6.23 -15.39 -4.21
N SER A 21 -5.36 -14.57 -4.77
CA SER A 21 -5.77 -13.34 -5.46
C SER A 21 -6.66 -13.66 -6.63
N ARG A 22 -6.41 -14.79 -7.27
CA ARG A 22 -7.21 -15.19 -8.40
C ARG A 22 -8.61 -15.55 -7.91
N VAL A 23 -8.69 -16.04 -6.67
CA VAL A 23 -9.96 -16.41 -6.05
C VAL A 23 -10.67 -15.16 -5.57
N VAL A 24 -9.91 -14.28 -4.94
CA VAL A 24 -10.46 -13.03 -4.46
C VAL A 24 -11.00 -12.23 -5.64
N ASN A 25 -10.22 -12.22 -6.71
CA ASN A 25 -10.60 -11.52 -7.94
C ASN A 25 -11.84 -12.15 -8.57
N GLN A 26 -11.99 -13.48 -8.40
CA GLN A 26 -13.12 -14.22 -8.94
C GLN A 26 -13.07 -14.26 -10.47
N ALA A 27 -11.91 -14.56 -11.02
CA ALA A 27 -11.77 -14.64 -12.46
C ALA A 27 -11.65 -16.10 -12.91
N SER A 28 -10.96 -16.30 -14.02
CA SER A 28 -10.77 -17.63 -14.56
C SER A 28 -9.39 -18.12 -14.17
N HIS A 29 -8.96 -19.28 -14.71
CA HIS A 29 -7.67 -19.86 -14.41
C HIS A 29 -7.63 -20.30 -12.94
N VAL A 30 -8.81 -20.59 -12.40
CA VAL A 30 -8.96 -21.03 -11.03
C VAL A 30 -9.92 -22.20 -10.96
N SER A 31 -9.43 -23.31 -10.46
CA SER A 31 -10.24 -24.49 -10.33
C SER A 31 -11.12 -24.34 -9.09
N ALA A 32 -12.38 -24.73 -9.24
CA ALA A 32 -13.37 -24.63 -8.17
C ALA A 32 -12.88 -25.23 -6.86
N LYS A 33 -12.20 -26.36 -6.95
CA LYS A 33 -11.68 -27.05 -5.77
C LYS A 33 -10.84 -26.12 -4.90
N THR A 34 -9.90 -25.45 -5.55
CA THR A 34 -9.00 -24.54 -4.89
C THR A 34 -9.71 -23.24 -4.48
N ARG A 35 -10.64 -22.79 -5.31
CA ARG A 35 -11.39 -21.57 -5.02
C ARG A 35 -12.11 -21.67 -3.68
N GLU A 36 -12.81 -22.77 -3.49
CA GLU A 36 -13.58 -22.99 -2.29
C GLU A 36 -12.71 -23.25 -1.06
N LYS A 37 -11.47 -23.63 -1.27
CA LYS A 37 -10.58 -23.89 -0.16
C LYS A 37 -9.93 -22.58 0.28
N VAL A 38 -9.78 -21.68 -0.68
CA VAL A 38 -9.16 -20.39 -0.42
C VAL A 38 -10.19 -19.46 0.21
N GLU A 39 -11.42 -19.51 -0.31
CA GLU A 39 -12.51 -18.70 0.23
C GLU A 39 -12.74 -19.12 1.66
N ALA A 40 -12.44 -20.39 1.92
CA ALA A 40 -12.58 -20.97 3.24
C ALA A 40 -11.48 -20.45 4.16
N ALA A 41 -10.27 -20.34 3.62
CA ALA A 41 -9.12 -19.87 4.37
C ALA A 41 -9.35 -18.46 4.89
N MET A 42 -9.97 -17.64 4.05
CA MET A 42 -10.29 -16.25 4.38
C MET A 42 -11.28 -16.17 5.55
N ALA A 43 -12.05 -17.23 5.75
CA ALA A 43 -13.04 -17.24 6.83
C ALA A 43 -12.40 -17.70 8.12
N GLU A 44 -11.44 -18.58 7.97
CA GLU A 44 -10.71 -19.13 9.10
C GLU A 44 -9.87 -18.08 9.78
N LEU A 45 -8.97 -17.54 8.99
CA LEU A 45 -8.03 -16.54 9.47
C LEU A 45 -8.65 -15.16 9.53
N ASN A 46 -9.84 -15.01 8.93
CA ASN A 46 -10.55 -13.73 8.89
C ASN A 46 -9.80 -12.72 8.02
N TYR A 47 -9.66 -13.07 6.75
CA TYR A 47 -8.95 -12.25 5.78
C TYR A 47 -9.81 -11.10 5.29
N ILE A 48 -9.24 -9.90 5.33
CA ILE A 48 -9.89 -8.71 4.84
C ILE A 48 -9.14 -8.18 3.63
N PRO A 49 -9.75 -8.22 2.43
CA PRO A 49 -9.14 -7.72 1.20
C PRO A 49 -8.87 -6.23 1.26
N ASN A 50 -7.62 -5.87 1.12
CA ASN A 50 -7.21 -4.47 1.16
C ASN A 50 -7.52 -3.77 -0.15
N ARG A 51 -8.62 -3.02 -0.17
CA ARG A 51 -9.04 -2.28 -1.37
C ARG A 51 -7.98 -1.29 -1.83
N CYS A 52 -7.22 -0.77 -0.89
CA CYS A 52 -6.20 0.21 -1.21
C CYS A 52 -5.06 -0.42 -1.99
N ALA A 53 -4.78 -1.68 -1.69
CA ALA A 53 -3.72 -2.41 -2.36
C ALA A 53 -4.18 -2.79 -3.75
N GLN A 54 -5.44 -3.18 -3.83
CA GLN A 54 -6.05 -3.55 -5.09
C GLN A 54 -6.11 -2.33 -5.99
N GLN A 55 -6.38 -1.18 -5.38
CA GLN A 55 -6.47 0.05 -6.14
C GLN A 55 -5.08 0.46 -6.61
N LEU A 56 -4.09 0.12 -5.78
CA LEU A 56 -2.70 0.41 -6.09
C LEU A 56 -2.19 -0.41 -7.26
N ALA A 57 -2.36 -1.72 -7.18
CA ALA A 57 -1.88 -2.63 -8.21
C ALA A 57 -2.68 -2.58 -9.50
N GLY A 58 -3.87 -1.98 -9.48
CA GLY A 58 -4.65 -1.92 -10.70
C GLY A 58 -5.61 -0.77 -10.75
N LYS A 59 -5.10 0.44 -10.60
CA LYS A 59 -5.93 1.62 -10.66
C LYS A 59 -6.42 1.87 -12.09
N GLN A 60 -5.66 1.40 -13.05
CA GLN A 60 -5.98 1.59 -14.46
C GLN A 60 -7.19 0.76 -14.89
N SER A 61 -7.79 0.01 -13.96
CA SER A 61 -8.97 -0.79 -14.26
C SER A 61 -10.20 0.11 -14.30
N LEU A 62 -10.09 1.26 -13.65
CA LEU A 62 -11.16 2.24 -13.60
C LEU A 62 -11.08 3.16 -14.81
N MET B 1 -4.25 11.59 -10.13
CA MET B 1 -5.54 12.07 -9.59
C MET B 1 -5.29 13.24 -8.64
N LYS B 2 -6.31 13.62 -7.87
CA LYS B 2 -6.17 14.74 -6.94
C LYS B 2 -5.28 14.40 -5.72
N PRO B 3 -5.44 13.21 -5.07
CA PRO B 3 -4.62 12.85 -3.91
C PRO B 3 -3.14 12.97 -4.23
N VAL B 4 -2.43 13.69 -3.40
CA VAL B 4 -1.03 13.93 -3.59
C VAL B 4 -0.20 12.78 -3.02
N THR B 5 1.06 12.72 -3.41
CA THR B 5 1.93 11.65 -2.99
C THR B 5 3.26 12.21 -2.55
N LEU B 6 4.00 11.46 -1.74
CA LEU B 6 5.32 11.88 -1.31
C LEU B 6 6.21 12.21 -2.51
N TYR B 7 5.96 11.52 -3.62
CA TYR B 7 6.75 11.70 -4.84
C TYR B 7 6.55 13.10 -5.42
N ASP B 8 5.34 13.63 -5.30
CA ASP B 8 5.05 14.97 -5.81
C ASP B 8 5.75 16.00 -4.95
N VAL B 9 5.79 15.72 -3.66
CA VAL B 9 6.43 16.61 -2.73
C VAL B 9 7.92 16.70 -3.00
N ALA B 10 8.54 15.55 -3.23
CA ALA B 10 9.95 15.47 -3.53
C ALA B 10 10.30 16.35 -4.72
N GLU B 11 9.61 16.10 -5.81
CA GLU B 11 9.82 16.83 -7.06
C GLU B 11 9.59 18.33 -6.92
N TYR B 12 8.52 18.71 -6.25
CA TYR B 12 8.19 20.11 -6.05
C TYR B 12 9.25 20.82 -5.23
N ALA B 13 9.70 20.16 -4.18
CA ALA B 13 10.69 20.73 -3.29
C ALA B 13 12.08 20.74 -3.92
N GLY B 14 12.30 19.88 -4.89
CA GLY B 14 13.58 19.82 -5.55
C GLY B 14 14.58 19.00 -4.76
N VAL B 15 14.14 17.85 -4.27
CA VAL B 15 14.97 16.98 -3.47
C VAL B 15 14.86 15.57 -4.00
N SER B 16 15.70 14.67 -3.50
CA SER B 16 15.60 13.29 -3.93
C SER B 16 14.41 12.66 -3.20
N TYR B 17 13.93 11.53 -3.70
CA TYR B 17 12.80 10.89 -3.08
C TYR B 17 13.15 10.36 -1.68
N GLN B 18 14.35 9.80 -1.52
CA GLN B 18 14.81 9.36 -0.19
C GLN B 18 14.81 10.55 0.79
N THR B 19 14.99 11.73 0.22
CA THR B 19 15.04 12.97 1.01
C THR B 19 13.69 13.32 1.63
N VAL B 20 12.63 13.30 0.82
CA VAL B 20 11.30 13.64 1.28
C VAL B 20 10.83 12.64 2.36
N SER B 21 11.06 11.35 2.14
CA SER B 21 10.72 10.33 3.13
C SER B 21 11.43 10.66 4.44
N ARG B 22 12.74 10.90 4.33
CA ARG B 22 13.59 11.24 5.49
C ARG B 22 13.01 12.38 6.31
N VAL B 23 12.45 13.37 5.64
CA VAL B 23 11.88 14.52 6.32
C VAL B 23 10.63 14.14 7.07
N VAL B 24 9.84 13.26 6.49
CA VAL B 24 8.61 12.83 7.07
C VAL B 24 8.86 12.16 8.43
N ASN B 25 9.98 11.46 8.55
CA ASN B 25 10.33 10.77 9.79
C ASN B 25 11.35 11.55 10.61
N GLN B 26 11.71 12.73 10.10
CA GLN B 26 12.72 13.61 10.71
C GLN B 26 14.09 13.04 10.45
N ALA B 27 14.22 11.78 10.82
CA ALA B 27 15.44 11.00 10.65
C ALA B 27 16.56 11.58 11.49
N SER B 28 17.71 11.81 10.87
CA SER B 28 18.86 12.37 11.56
C SER B 28 19.80 13.00 10.55
N HIS B 29 20.01 12.31 9.44
CA HIS B 29 20.89 12.81 8.38
C HIS B 29 20.11 13.74 7.45
N VAL B 30 19.53 14.77 8.03
CA VAL B 30 18.75 15.74 7.27
C VAL B 30 19.08 17.16 7.71
N SER B 31 19.36 18.02 6.75
CA SER B 31 19.65 19.40 7.03
C SER B 31 18.35 20.15 7.30
N ALA B 32 18.42 21.19 8.13
CA ALA B 32 17.24 21.98 8.49
C ALA B 32 16.50 22.51 7.25
N LYS B 33 17.25 23.17 6.38
CA LYS B 33 16.70 23.74 5.16
C LYS B 33 15.98 22.67 4.33
N THR B 34 16.67 21.58 4.07
CA THR B 34 16.10 20.48 3.30
C THR B 34 14.81 19.97 3.93
N ARG B 35 14.79 19.90 5.26
CA ARG B 35 13.60 19.45 5.97
C ARG B 35 12.45 20.43 5.79
N GLU B 36 12.74 21.72 5.97
CA GLU B 36 11.72 22.76 5.86
C GLU B 36 11.19 22.85 4.42
N LYS B 37 12.07 22.60 3.45
CA LYS B 37 11.67 22.65 2.04
C LYS B 37 10.56 21.65 1.79
N VAL B 38 10.75 20.44 2.27
CA VAL B 38 9.77 19.39 2.10
C VAL B 38 8.49 19.70 2.84
N GLU B 39 8.61 20.24 4.04
CA GLU B 39 7.44 20.56 4.84
C GLU B 39 6.64 21.66 4.15
N ALA B 40 7.33 22.61 3.52
CA ALA B 40 6.66 23.68 2.81
C ALA B 40 5.89 23.11 1.61
N ALA B 41 6.59 22.30 0.83
CA ALA B 41 5.98 21.67 -0.34
C ALA B 41 4.74 20.88 0.02
N MET B 42 4.71 20.34 1.23
CA MET B 42 3.56 19.58 1.70
C MET B 42 2.29 20.43 1.68
N ALA B 43 2.48 21.73 1.74
CA ALA B 43 1.36 22.65 1.75
C ALA B 43 0.97 23.06 0.34
N GLU B 44 1.98 23.41 -0.45
CA GLU B 44 1.76 23.87 -1.81
C GLU B 44 1.10 22.78 -2.65
N LEU B 45 1.50 21.56 -2.38
CA LEU B 45 0.98 20.41 -3.12
C LEU B 45 -0.34 19.94 -2.55
N ASN B 46 -0.65 20.32 -1.32
CA ASN B 46 -1.85 19.82 -0.65
C ASN B 46 -1.64 18.33 -0.41
N TYR B 47 -0.38 18.00 -0.06
CA TYR B 47 0.04 16.62 0.17
C TYR B 47 -0.81 15.96 1.22
N ILE B 48 -1.47 14.88 0.87
CA ILE B 48 -2.27 14.14 1.79
C ILE B 48 -1.77 12.70 1.69
N PRO B 49 -0.97 12.24 2.67
CA PRO B 49 -0.36 10.90 2.67
C PRO B 49 -1.23 9.81 2.05
N ASN B 50 -0.66 9.12 1.06
CA ASN B 50 -1.35 8.03 0.34
C ASN B 50 -1.59 6.85 1.28
N ARG B 51 -2.65 6.95 2.06
CA ARG B 51 -3.06 5.93 3.03
C ARG B 51 -3.17 4.51 2.43
N CYS B 52 -3.23 4.44 1.11
CA CYS B 52 -3.33 3.17 0.43
C CYS B 52 -1.96 2.50 0.36
N ALA B 53 -0.99 3.20 -0.21
CA ALA B 53 0.35 2.65 -0.32
C ALA B 53 1.09 2.76 1.01
N GLN B 54 0.76 3.79 1.78
CA GLN B 54 1.41 3.99 3.08
C GLN B 54 1.14 2.81 3.99
N GLN B 55 -0.12 2.35 4.02
CA GLN B 55 -0.47 1.21 4.83
C GLN B 55 0.35 0.01 4.37
N LEU B 56 0.40 -0.17 3.06
CA LEU B 56 1.18 -1.24 2.46
C LEU B 56 2.63 -1.18 2.90
N ALA B 57 3.22 -0.01 2.78
CA ALA B 57 4.63 0.19 3.11
C ALA B 57 4.89 0.10 4.62
N GLY B 58 3.82 -0.10 5.41
CA GLY B 58 3.97 -0.21 6.85
C GLY B 58 4.07 1.15 7.52
N LYS B 59 3.25 2.08 7.06
CA LYS B 59 3.26 3.43 7.59
C LYS B 59 1.84 3.93 7.89
N GLN B 60 1.68 4.66 9.01
CA GLN B 60 0.38 5.22 9.40
C GLN B 60 0.50 6.10 10.65
N SER B 61 1.54 5.88 11.46
CA SER B 61 1.76 6.65 12.68
C SER B 61 2.25 8.07 12.37
N LEU B 62 3.16 8.16 11.42
CA LEU B 62 3.74 9.43 11.01
C LEU B 62 3.28 9.78 9.60
N MET A 1 -8.19 -7.28 15.93
CA MET A 1 -7.38 -8.21 15.11
C MET A 1 -6.72 -7.44 13.97
N LYS A 2 -5.53 -7.87 13.59
CA LYS A 2 -4.77 -7.23 12.53
C LYS A 2 -5.43 -7.50 11.17
N PRO A 3 -5.19 -6.64 10.18
CA PRO A 3 -5.73 -6.85 8.84
C PRO A 3 -5.15 -8.12 8.24
N VAL A 4 -5.92 -8.80 7.42
CA VAL A 4 -5.48 -10.03 6.83
C VAL A 4 -4.92 -9.74 5.45
N THR A 5 -4.29 -10.72 4.86
CA THR A 5 -3.70 -10.56 3.56
C THR A 5 -4.02 -11.77 2.70
N LEU A 6 -3.86 -11.63 1.40
CA LEU A 6 -4.14 -12.72 0.48
C LEU A 6 -3.16 -13.85 0.73
N TYR A 7 -2.06 -13.54 1.41
CA TYR A 7 -1.06 -14.54 1.73
C TYR A 7 -1.55 -15.40 2.88
N ASP A 8 -2.24 -14.79 3.84
CA ASP A 8 -2.77 -15.52 5.00
C ASP A 8 -3.76 -16.55 4.50
N VAL A 9 -4.51 -16.10 3.51
CA VAL A 9 -5.52 -16.91 2.86
C VAL A 9 -4.86 -18.02 2.07
N ALA A 10 -3.86 -17.64 1.30
CA ALA A 10 -3.11 -18.60 0.49
C ALA A 10 -2.49 -19.68 1.35
N GLU A 11 -1.89 -19.27 2.45
CA GLU A 11 -1.25 -20.19 3.39
C GLU A 11 -2.29 -21.13 4.01
N TYR A 12 -3.36 -20.55 4.56
CA TYR A 12 -4.41 -21.32 5.21
C TYR A 12 -5.16 -22.20 4.23
N ALA A 13 -5.18 -21.83 2.96
CA ALA A 13 -5.89 -22.58 1.97
C ALA A 13 -4.96 -23.58 1.31
N GLY A 14 -3.66 -23.35 1.45
CA GLY A 14 -2.69 -24.25 0.87
C GLY A 14 -2.51 -24.00 -0.60
N VAL A 15 -2.57 -22.73 -0.96
CA VAL A 15 -2.46 -22.31 -2.34
C VAL A 15 -1.50 -21.15 -2.45
N SER A 16 -1.29 -20.67 -3.66
CA SER A 16 -0.42 -19.53 -3.87
C SER A 16 -1.23 -18.27 -3.73
N TYR A 17 -0.57 -17.15 -3.48
CA TYR A 17 -1.28 -15.90 -3.33
C TYR A 17 -2.05 -15.60 -4.59
N GLN A 18 -1.44 -15.85 -5.73
CA GLN A 18 -2.11 -15.66 -7.01
C GLN A 18 -3.33 -16.54 -7.13
N THR A 19 -3.30 -17.69 -6.47
CA THR A 19 -4.44 -18.61 -6.53
C THR A 19 -5.62 -17.98 -5.81
N VAL A 20 -5.32 -17.32 -4.71
CA VAL A 20 -6.31 -16.61 -3.94
C VAL A 20 -6.93 -15.49 -4.76
N SER A 21 -6.09 -14.67 -5.35
CA SER A 21 -6.57 -13.55 -6.17
C SER A 21 -7.40 -14.04 -7.34
N ARG A 22 -7.10 -15.23 -7.80
CA ARG A 22 -7.81 -15.79 -8.93
C ARG A 22 -9.22 -16.20 -8.49
N VAL A 23 -9.35 -16.55 -7.21
CA VAL A 23 -10.65 -16.95 -6.66
C VAL A 23 -11.44 -15.71 -6.24
N VAL A 24 -10.74 -14.75 -5.65
CA VAL A 24 -11.36 -13.53 -5.18
C VAL A 24 -11.90 -12.69 -6.32
N ASN A 25 -11.03 -12.46 -7.30
CA ASN A 25 -11.38 -11.65 -8.46
C ASN A 25 -12.18 -12.40 -9.51
N GLN A 26 -11.93 -13.69 -9.67
CA GLN A 26 -12.61 -14.46 -10.69
C GLN A 26 -13.13 -15.77 -10.13
N ALA A 27 -12.49 -16.87 -10.57
CA ALA A 27 -12.83 -18.24 -10.19
C ALA A 27 -12.31 -19.23 -11.21
N SER A 28 -12.30 -18.80 -12.46
CA SER A 28 -11.84 -19.63 -13.56
C SER A 28 -10.34 -19.84 -13.47
N HIS A 29 -9.84 -20.94 -14.07
CA HIS A 29 -8.42 -21.27 -14.07
C HIS A 29 -7.94 -21.65 -12.67
N VAL A 30 -8.92 -21.96 -11.81
CA VAL A 30 -8.68 -22.37 -10.45
C VAL A 30 -9.43 -23.65 -10.22
N SER A 31 -8.76 -24.64 -9.66
CA SER A 31 -9.39 -25.91 -9.38
C SER A 31 -10.64 -25.72 -8.54
N ALA A 32 -11.66 -26.50 -8.87
CA ALA A 32 -12.95 -26.45 -8.18
C ALA A 32 -12.85 -26.96 -6.76
N LYS A 33 -11.71 -27.55 -6.39
CA LYS A 33 -11.62 -28.09 -5.06
C LYS A 33 -11.02 -27.01 -4.16
N THR A 34 -10.08 -26.26 -4.75
CA THR A 34 -9.38 -25.19 -4.08
C THR A 34 -10.24 -23.93 -3.91
N ARG A 35 -11.07 -23.63 -4.91
CA ARG A 35 -11.92 -22.42 -4.88
C ARG A 35 -12.74 -22.32 -3.60
N GLU A 36 -13.44 -23.39 -3.26
CA GLU A 36 -14.28 -23.41 -2.08
C GLU A 36 -13.45 -23.45 -0.80
N LYS A 37 -12.21 -23.90 -0.94
CA LYS A 37 -11.30 -24.00 0.19
C LYS A 37 -10.66 -22.65 0.47
N VAL A 38 -10.48 -21.85 -0.57
CA VAL A 38 -9.87 -20.54 -0.43
C VAL A 38 -10.89 -19.58 0.16
N GLU A 39 -12.11 -19.66 -0.35
CA GLU A 39 -13.18 -18.82 0.14
C GLU A 39 -13.47 -19.14 1.59
N ALA A 40 -13.19 -20.39 1.97
CA ALA A 40 -13.37 -20.85 3.33
C ALA A 40 -12.27 -20.29 4.22
N ALA A 41 -11.07 -20.16 3.66
CA ALA A 41 -9.93 -19.64 4.41
C ALA A 41 -10.17 -18.19 4.79
N MET A 42 -10.80 -17.44 3.89
CA MET A 42 -11.13 -16.04 4.12
C MET A 42 -12.12 -15.86 5.27
N ALA A 43 -12.94 -16.87 5.51
CA ALA A 43 -13.95 -16.79 6.55
C ALA A 43 -13.32 -17.07 7.90
N GLU A 44 -12.30 -17.88 7.86
CA GLU A 44 -11.54 -18.26 9.03
C GLU A 44 -10.74 -17.11 9.55
N LEU A 45 -9.89 -16.64 8.68
CA LEU A 45 -9.00 -15.55 8.98
C LEU A 45 -9.69 -14.20 8.87
N ASN A 46 -10.86 -14.16 8.25
CA ASN A 46 -11.61 -12.92 8.06
C ASN A 46 -10.83 -11.96 7.17
N TYR A 47 -10.47 -12.44 5.99
CA TYR A 47 -9.70 -11.68 5.04
C TYR A 47 -10.50 -10.56 4.42
N ILE A 48 -9.98 -9.36 4.51
CA ILE A 48 -10.62 -8.21 3.91
C ILE A 48 -9.77 -7.73 2.75
N PRO A 49 -10.30 -7.82 1.53
CA PRO A 49 -9.60 -7.41 0.32
C PRO A 49 -9.18 -5.94 0.39
N ASN A 50 -7.87 -5.71 0.33
CA ASN A 50 -7.31 -4.37 0.43
C ASN A 50 -7.59 -3.52 -0.81
N ARG A 51 -8.60 -2.65 -0.69
CA ARG A 51 -8.98 -1.76 -1.78
C ARG A 51 -7.86 -0.76 -2.11
N CYS A 52 -6.94 -0.55 -1.18
CA CYS A 52 -5.85 0.39 -1.40
C CYS A 52 -4.77 -0.24 -2.28
N ALA A 53 -4.37 -1.45 -1.93
CA ALA A 53 -3.39 -2.17 -2.72
C ALA A 53 -3.97 -2.46 -4.08
N GLN A 54 -5.26 -2.80 -4.08
CA GLN A 54 -6.02 -3.08 -5.29
C GLN A 54 -5.89 -1.92 -6.26
N GLN A 55 -6.02 -0.71 -5.73
CA GLN A 55 -5.90 0.49 -6.53
C GLN A 55 -4.45 0.69 -6.96
N LEU A 56 -3.53 0.35 -6.06
CA LEU A 56 -2.10 0.50 -6.33
C LEU A 56 -1.64 -0.39 -7.48
N ALA A 57 -1.92 -1.69 -7.38
CA ALA A 57 -1.53 -2.65 -8.40
C ALA A 57 -2.21 -2.43 -9.76
N GLY A 58 -3.33 -1.73 -9.75
CA GLY A 58 -4.04 -1.48 -10.98
C GLY A 58 -4.96 -2.62 -11.39
N LYS A 59 -6.27 -2.41 -11.25
CA LYS A 59 -7.25 -3.43 -11.63
C LYS A 59 -7.17 -3.69 -13.14
N GLN A 60 -6.73 -2.69 -13.88
CA GLN A 60 -6.59 -2.80 -15.33
C GLN A 60 -5.17 -3.22 -15.71
N SER A 61 -4.22 -2.30 -15.53
CA SER A 61 -2.82 -2.53 -15.85
C SER A 61 -2.64 -2.88 -17.33
N LEU A 62 -3.45 -2.24 -18.19
CA LEU A 62 -3.36 -2.47 -19.62
C LEU A 62 -2.87 -1.22 -20.33
N MET B 1 -10.42 13.98 -6.76
CA MET B 1 -9.50 14.24 -5.64
C MET B 1 -8.36 13.23 -5.69
N LYS B 2 -7.15 13.74 -5.78
CA LYS B 2 -5.96 12.91 -5.84
C LYS B 2 -5.12 13.07 -4.57
N PRO B 3 -4.83 11.96 -3.87
CA PRO B 3 -4.02 12.00 -2.66
C PRO B 3 -2.57 12.32 -2.99
N VAL B 4 -2.00 13.29 -2.29
CA VAL B 4 -0.63 13.67 -2.51
C VAL B 4 0.28 12.62 -1.87
N THR B 5 1.51 12.58 -2.33
CA THR B 5 2.44 11.58 -1.85
C THR B 5 3.79 12.19 -1.55
N LEU B 6 4.56 11.47 -0.76
CA LEU B 6 5.91 11.90 -0.41
C LEU B 6 6.70 12.27 -1.67
N TYR B 7 6.38 11.60 -2.78
CA TYR B 7 7.04 11.82 -4.06
C TYR B 7 6.69 13.19 -4.63
N ASP B 8 5.44 13.62 -4.42
CA ASP B 8 4.99 14.92 -4.90
C ASP B 8 5.69 16.01 -4.11
N VAL B 9 5.89 15.74 -2.83
CA VAL B 9 6.55 16.68 -1.94
C VAL B 9 8.01 16.83 -2.32
N ALA B 10 8.65 15.71 -2.61
CA ALA B 10 10.06 15.69 -3.01
C ALA B 10 10.29 16.54 -4.26
N GLU B 11 9.46 16.30 -5.27
CA GLU B 11 9.56 17.00 -6.54
C GLU B 11 9.34 18.50 -6.36
N TYR B 12 8.33 18.88 -5.60
CA TYR B 12 8.01 20.27 -5.39
C TYR B 12 9.10 20.99 -4.61
N ALA B 13 9.51 20.41 -3.50
CA ALA B 13 10.53 21.05 -2.68
C ALA B 13 11.87 21.06 -3.39
N GLY B 14 12.13 20.07 -4.22
CA GLY B 14 13.39 20.02 -4.93
C GLY B 14 14.46 19.22 -4.20
N VAL B 15 14.07 18.07 -3.66
CA VAL B 15 14.95 17.20 -2.92
C VAL B 15 14.72 15.77 -3.41
N SER B 16 15.57 14.88 -3.03
CA SER B 16 15.36 13.49 -3.41
C SER B 16 14.23 12.94 -2.56
N TYR B 17 13.51 11.99 -3.09
CA TYR B 17 12.40 11.39 -2.38
C TYR B 17 12.85 10.85 -1.01
N GLN B 18 14.03 10.22 -0.96
CA GLN B 18 14.58 9.72 0.29
C GLN B 18 14.68 10.85 1.33
N THR B 19 15.04 12.03 0.84
CA THR B 19 15.15 13.22 1.67
C THR B 19 13.85 13.52 2.41
N VAL B 20 12.74 13.26 1.75
CA VAL B 20 11.43 13.48 2.34
C VAL B 20 11.20 12.50 3.48
N SER B 21 11.47 11.22 3.21
CA SER B 21 11.34 10.21 4.25
C SER B 21 12.13 10.67 5.47
N ARG B 22 13.37 11.10 5.18
CA ARG B 22 14.29 11.60 6.21
C ARG B 22 13.69 12.74 7.03
N VAL B 23 12.95 13.62 6.38
CA VAL B 23 12.32 14.75 7.07
C VAL B 23 11.11 14.27 7.85
N VAL B 24 10.33 13.39 7.22
CA VAL B 24 9.13 12.84 7.82
C VAL B 24 9.43 12.11 9.13
N ASN B 25 10.56 11.42 9.17
CA ASN B 25 10.97 10.67 10.34
C ASN B 25 11.80 11.52 11.28
N GLN B 26 12.11 12.74 10.84
CA GLN B 26 12.94 13.67 11.60
C GLN B 26 14.29 13.02 11.92
N ALA B 27 14.81 12.29 10.94
CA ALA B 27 16.08 11.59 11.05
C ALA B 27 17.25 12.56 10.98
N SER B 28 18.43 12.05 11.29
CA SER B 28 19.65 12.86 11.29
C SER B 28 20.23 12.97 9.88
N HIS B 29 21.31 13.76 9.77
CA HIS B 29 22.01 13.98 8.51
C HIS B 29 21.15 14.76 7.54
N VAL B 30 20.25 15.55 8.09
CA VAL B 30 19.38 16.37 7.29
C VAL B 30 19.57 17.84 7.65
N SER B 31 19.87 18.65 6.65
CA SER B 31 20.09 20.08 6.87
C SER B 31 18.77 20.76 7.27
N ALA B 32 18.88 21.85 8.02
CA ALA B 32 17.72 22.59 8.51
C ALA B 32 16.87 23.14 7.35
N LYS B 33 17.52 23.85 6.44
CA LYS B 33 16.84 24.43 5.29
C LYS B 33 16.07 23.35 4.54
N THR B 34 16.78 22.30 4.16
CA THR B 34 16.20 21.16 3.46
C THR B 34 15.00 20.60 4.21
N ARG B 35 15.11 20.56 5.54
CA ARG B 35 14.02 20.03 6.36
C ARG B 35 12.79 20.91 6.20
N GLU B 36 12.98 22.19 6.47
CA GLU B 36 11.90 23.17 6.37
C GLU B 36 11.34 23.25 4.95
N LYS B 37 12.21 23.11 3.95
CA LYS B 37 11.81 23.19 2.56
C LYS B 37 10.85 22.05 2.21
N VAL B 38 11.09 20.88 2.79
CA VAL B 38 10.25 19.72 2.54
C VAL B 38 8.92 19.84 3.29
N GLU B 39 8.99 20.34 4.50
CA GLU B 39 7.80 20.52 5.32
C GLU B 39 6.90 21.61 4.74
N ALA B 40 7.53 22.54 4.02
CA ALA B 40 6.81 23.64 3.37
C ALA B 40 6.03 23.12 2.18
N ALA B 41 6.72 22.36 1.35
CA ALA B 41 6.09 21.76 0.17
C ALA B 41 4.86 20.95 0.54
N MET B 42 4.88 20.43 1.75
CA MET B 42 3.76 19.63 2.26
C MET B 42 2.49 20.48 2.29
N ALA B 43 2.67 21.79 2.33
CA ALA B 43 1.53 22.71 2.37
C ALA B 43 1.01 23.00 0.98
N GLU B 44 1.92 23.36 0.09
CA GLU B 44 1.58 23.68 -1.29
C GLU B 44 0.87 22.53 -1.96
N LEU B 45 1.45 21.36 -1.82
CA LEU B 45 0.89 20.15 -2.43
C LEU B 45 -0.35 19.67 -1.72
N ASN B 46 -0.57 20.11 -0.49
CA ASN B 46 -1.68 19.61 0.29
C ASN B 46 -1.38 18.14 0.58
N TYR B 47 -0.11 17.87 0.90
CA TYR B 47 0.35 16.53 1.19
C TYR B 47 -0.48 15.90 2.28
N ILE B 48 -1.14 14.79 1.95
CA ILE B 48 -1.92 14.04 2.89
C ILE B 48 -1.49 12.61 2.60
N PRO B 49 -0.60 12.09 3.45
CA PRO B 49 0.03 10.76 3.29
C PRO B 49 -0.81 9.71 2.56
N ASN B 50 -0.20 9.13 1.51
CA ASN B 50 -0.82 8.09 0.68
C ASN B 50 -1.07 6.86 1.52
N ARG B 51 -2.15 6.92 2.29
CA ARG B 51 -2.55 5.85 3.20
C ARG B 51 -2.57 4.48 2.53
N CYS B 52 -2.76 4.45 1.22
CA CYS B 52 -2.80 3.18 0.50
C CYS B 52 -1.43 2.52 0.51
N ALA B 53 -0.46 3.18 -0.11
CA ALA B 53 0.89 2.65 -0.19
C ALA B 53 1.60 2.73 1.16
N GLN B 54 1.23 3.73 1.95
CA GLN B 54 1.83 3.94 3.26
C GLN B 54 1.47 2.83 4.23
N GLN B 55 0.33 2.18 4.02
CA GLN B 55 -0.08 1.09 4.89
C GLN B 55 0.45 -0.21 4.31
N LEU B 56 0.74 -0.17 3.01
CA LEU B 56 1.28 -1.30 2.30
C LEU B 56 2.75 -1.48 2.67
N ALA B 57 3.51 -0.39 2.61
CA ALA B 57 4.92 -0.42 2.91
C ALA B 57 5.17 -0.58 4.42
N GLY B 58 4.10 -0.76 5.18
CA GLY B 58 4.23 -0.93 6.61
C GLY B 58 3.03 -0.41 7.35
N LYS B 59 3.02 0.89 7.65
CA LYS B 59 1.92 1.51 8.39
C LYS B 59 2.25 2.95 8.78
N GLN B 60 1.45 3.88 8.29
CA GLN B 60 1.66 5.29 8.58
C GLN B 60 0.35 6.06 8.42
N SER B 61 0.04 6.88 9.41
CA SER B 61 -1.18 7.68 9.37
C SER B 61 -0.82 9.11 8.98
N LEU B 62 -0.16 9.82 9.88
CA LEU B 62 0.26 11.18 9.63
C LEU B 62 1.53 11.45 10.43
N MET A 1 -11.90 -6.83 12.41
CA MET A 1 -10.95 -6.32 13.44
C MET A 1 -9.53 -6.81 13.16
N LYS A 2 -9.38 -7.65 12.15
CA LYS A 2 -8.10 -8.21 11.81
C LYS A 2 -7.82 -8.07 10.32
N PRO A 3 -6.83 -7.25 9.95
CA PRO A 3 -6.47 -7.08 8.55
C PRO A 3 -5.84 -8.38 8.05
N VAL A 4 -6.50 -9.03 7.12
CA VAL A 4 -6.02 -10.28 6.59
C VAL A 4 -5.34 -10.02 5.26
N THR A 5 -4.69 -11.02 4.74
CA THR A 5 -3.99 -10.90 3.48
C THR A 5 -4.28 -12.14 2.68
N LEU A 6 -4.11 -12.05 1.37
CA LEU A 6 -4.35 -13.19 0.50
C LEU A 6 -3.39 -14.32 0.85
N TYR A 7 -2.34 -13.97 1.60
CA TYR A 7 -1.35 -14.97 2.02
C TYR A 7 -1.87 -15.77 3.20
N ASP A 8 -2.61 -15.14 4.11
CA ASP A 8 -3.18 -15.84 5.25
C ASP A 8 -4.15 -16.88 4.74
N VAL A 9 -4.84 -16.45 3.69
CA VAL A 9 -5.80 -17.27 3.01
C VAL A 9 -5.10 -18.42 2.32
N ALA A 10 -4.01 -18.09 1.65
CA ALA A 10 -3.21 -19.07 0.92
C ALA A 10 -2.58 -20.08 1.86
N GLU A 11 -2.19 -19.62 3.02
CA GLU A 11 -1.59 -20.46 4.03
C GLU A 11 -2.62 -21.40 4.62
N TYR A 12 -3.74 -20.83 5.05
CA TYR A 12 -4.81 -21.59 5.65
C TYR A 12 -5.48 -22.52 4.64
N ALA A 13 -5.36 -22.21 3.36
CA ALA A 13 -5.97 -23.03 2.35
C ALA A 13 -4.97 -24.05 1.83
N GLY A 14 -3.69 -23.75 2.01
CA GLY A 14 -2.64 -24.64 1.55
C GLY A 14 -2.40 -24.48 0.07
N VAL A 15 -2.52 -23.25 -0.37
CA VAL A 15 -2.37 -22.91 -1.78
C VAL A 15 -1.35 -21.80 -1.94
N SER A 16 -1.18 -21.32 -3.16
CA SER A 16 -0.30 -20.21 -3.40
C SER A 16 -1.10 -18.91 -3.22
N TYR A 17 -0.42 -17.81 -2.96
CA TYR A 17 -1.14 -16.56 -2.79
C TYR A 17 -1.87 -16.21 -4.07
N GLN A 18 -1.22 -16.41 -5.21
CA GLN A 18 -1.85 -16.17 -6.49
C GLN A 18 -3.07 -17.07 -6.68
N THR A 19 -3.07 -18.22 -6.02
CA THR A 19 -4.19 -19.15 -6.09
C THR A 19 -5.42 -18.51 -5.49
N VAL A 20 -5.20 -17.84 -4.37
CA VAL A 20 -6.24 -17.12 -3.68
C VAL A 20 -6.80 -16.02 -4.58
N SER A 21 -5.91 -15.20 -5.13
CA SER A 21 -6.33 -14.12 -6.01
C SER A 21 -6.99 -14.68 -7.26
N ARG A 22 -6.60 -15.89 -7.62
CA ARG A 22 -7.19 -16.53 -8.77
C ARG A 22 -8.62 -16.92 -8.44
N VAL A 23 -8.84 -17.32 -7.20
CA VAL A 23 -10.16 -17.73 -6.76
C VAL A 23 -11.04 -16.49 -6.56
N VAL A 24 -10.43 -15.46 -5.98
CA VAL A 24 -11.11 -14.21 -5.67
C VAL A 24 -11.52 -13.42 -6.92
N ASN A 25 -10.65 -13.35 -7.91
CA ASN A 25 -10.97 -12.56 -9.11
C ASN A 25 -11.16 -13.36 -10.41
N GLN A 26 -11.01 -14.69 -10.40
CA GLN A 26 -11.14 -15.45 -11.65
C GLN A 26 -11.29 -16.95 -11.43
N ALA A 27 -12.47 -17.34 -10.97
CA ALA A 27 -12.82 -18.74 -10.73
C ALA A 27 -12.27 -19.70 -11.79
N SER A 28 -12.33 -19.27 -13.04
CA SER A 28 -11.83 -20.05 -14.16
C SER A 28 -10.30 -20.16 -14.08
N HIS A 29 -9.75 -21.28 -14.58
CA HIS A 29 -8.31 -21.52 -14.53
C HIS A 29 -7.96 -21.99 -13.11
N VAL A 30 -9.00 -22.37 -12.38
CA VAL A 30 -8.87 -22.85 -11.03
C VAL A 30 -9.79 -24.03 -10.82
N SER A 31 -9.25 -25.09 -10.27
CA SER A 31 -10.03 -26.28 -9.99
C SER A 31 -11.08 -25.97 -8.92
N ALA A 32 -12.25 -26.55 -9.09
CA ALA A 32 -13.34 -26.36 -8.15
C ALA A 32 -12.95 -26.80 -6.74
N LYS A 33 -12.22 -27.90 -6.65
CA LYS A 33 -11.78 -28.43 -5.36
C LYS A 33 -10.95 -27.40 -4.59
N THR A 34 -10.05 -26.72 -5.30
CA THR A 34 -9.21 -25.71 -4.71
C THR A 34 -9.97 -24.40 -4.45
N ARG A 35 -10.83 -24.03 -5.37
CA ARG A 35 -11.61 -22.79 -5.25
C ARG A 35 -12.47 -22.79 -3.99
N GLU A 36 -13.17 -23.88 -3.77
CA GLU A 36 -14.06 -24.01 -2.63
C GLU A 36 -13.27 -24.14 -1.31
N LYS A 37 -11.98 -24.47 -1.43
CA LYS A 37 -11.14 -24.60 -0.25
C LYS A 37 -10.53 -23.26 0.10
N VAL A 38 -10.39 -22.41 -0.90
CA VAL A 38 -9.83 -21.10 -0.69
C VAL A 38 -10.91 -20.16 -0.16
N GLU A 39 -12.09 -20.23 -0.79
CA GLU A 39 -13.25 -19.42 -0.40
C GLU A 39 -13.57 -19.72 1.06
N ALA A 40 -13.35 -20.97 1.42
CA ALA A 40 -13.61 -21.44 2.78
C ALA A 40 -12.64 -20.80 3.74
N ALA A 41 -11.39 -20.65 3.30
CA ALA A 41 -10.34 -20.05 4.13
C ALA A 41 -10.67 -18.59 4.43
N MET A 42 -11.18 -17.88 3.44
CA MET A 42 -11.53 -16.46 3.58
C MET A 42 -12.65 -16.25 4.58
N ALA A 43 -13.43 -17.29 4.81
CA ALA A 43 -14.55 -17.21 5.71
C ALA A 43 -14.07 -17.39 7.12
N GLU A 44 -13.06 -18.23 7.25
CA GLU A 44 -12.47 -18.54 8.52
C GLU A 44 -11.73 -17.35 9.08
N LEU A 45 -10.78 -16.89 8.30
CA LEU A 45 -9.92 -15.78 8.69
C LEU A 45 -10.57 -14.42 8.47
N ASN A 46 -11.69 -14.40 7.75
CA ASN A 46 -12.39 -13.15 7.46
C ASN A 46 -11.48 -12.22 6.66
N TYR A 47 -11.04 -12.71 5.51
CA TYR A 47 -10.16 -11.97 4.63
C TYR A 47 -10.90 -10.85 3.91
N ILE A 48 -10.36 -9.64 4.01
CA ILE A 48 -10.95 -8.49 3.35
C ILE A 48 -9.94 -7.96 2.33
N PRO A 49 -10.21 -8.11 1.02
CA PRO A 49 -9.33 -7.63 -0.06
C PRO A 49 -9.00 -6.14 0.07
N ASN A 50 -7.70 -5.82 0.13
CA ASN A 50 -7.26 -4.45 0.29
C ASN A 50 -7.42 -3.64 -1.00
N ARG A 51 -8.44 -2.78 -1.01
CA ARG A 51 -8.71 -1.93 -2.16
C ARG A 51 -7.60 -0.91 -2.36
N CYS A 52 -6.81 -0.69 -1.33
CA CYS A 52 -5.68 0.24 -1.40
C CYS A 52 -4.54 -0.41 -2.16
N ALA A 53 -4.25 -1.66 -1.85
CA ALA A 53 -3.19 -2.38 -2.53
C ALA A 53 -3.64 -2.69 -3.95
N GLN A 54 -4.92 -2.97 -4.07
CA GLN A 54 -5.53 -3.25 -5.37
C GLN A 54 -5.33 -2.07 -6.31
N GLN A 55 -5.69 -0.87 -5.87
CA GLN A 55 -5.53 0.31 -6.71
C GLN A 55 -4.05 0.57 -7.00
N LEU A 56 -3.20 0.24 -6.03
CA LEU A 56 -1.76 0.43 -6.16
C LEU A 56 -1.19 -0.51 -7.24
N ALA A 57 -1.54 -1.79 -7.16
CA ALA A 57 -1.08 -2.81 -8.11
C ALA A 57 -1.44 -2.50 -9.56
N GLY A 58 -2.38 -1.59 -9.78
CA GLY A 58 -2.77 -1.25 -11.13
C GLY A 58 -3.87 -0.23 -11.17
N LYS A 59 -3.47 1.04 -11.19
CA LYS A 59 -4.38 2.17 -11.25
C LYS A 59 -5.16 2.17 -12.56
N GLN A 60 -6.36 2.75 -12.53
CA GLN A 60 -7.21 2.80 -13.70
C GLN A 60 -6.84 3.99 -14.58
N SER A 61 -5.86 3.79 -15.47
CA SER A 61 -5.39 4.83 -16.39
C SER A 61 -4.51 5.86 -15.69
N LEU A 62 -5.04 6.44 -14.63
CA LEU A 62 -4.34 7.46 -13.86
C LEU A 62 -4.92 7.49 -12.45
N MET B 1 -10.22 14.29 -6.53
CA MET B 1 -9.05 14.65 -5.69
C MET B 1 -8.02 13.52 -5.72
N LYS B 2 -6.81 13.84 -6.15
CA LYS B 2 -5.74 12.84 -6.22
C LYS B 2 -4.81 13.03 -5.02
N PRO B 3 -4.71 12.02 -4.14
CA PRO B 3 -3.83 12.08 -2.96
C PRO B 3 -2.38 12.38 -3.34
N VAL B 4 -1.77 13.31 -2.63
CA VAL B 4 -0.40 13.70 -2.88
C VAL B 4 0.55 12.63 -2.40
N THR B 5 1.77 12.65 -2.91
CA THR B 5 2.75 11.65 -2.57
C THR B 5 4.07 12.28 -2.19
N LEU B 6 4.89 11.55 -1.40
CA LEU B 6 6.19 12.03 -1.03
C LEU B 6 6.99 12.46 -2.25
N TYR B 7 6.71 11.81 -3.37
CA TYR B 7 7.40 12.08 -4.62
C TYR B 7 7.04 13.45 -5.16
N ASP B 8 5.79 13.87 -4.99
CA ASP B 8 5.36 15.20 -5.46
C ASP B 8 6.07 16.26 -4.66
N VAL B 9 6.21 16.00 -3.37
CA VAL B 9 6.86 16.93 -2.46
C VAL B 9 8.33 17.09 -2.80
N ALA B 10 8.98 15.97 -3.04
CA ALA B 10 10.40 15.93 -3.40
C ALA B 10 10.67 16.79 -4.61
N GLU B 11 9.91 16.52 -5.65
CA GLU B 11 10.02 17.22 -6.93
C GLU B 11 9.79 18.72 -6.77
N TYR B 12 8.71 19.08 -6.09
CA TYR B 12 8.36 20.48 -5.88
C TYR B 12 9.45 21.21 -5.12
N ALA B 13 9.87 20.64 -3.99
CA ALA B 13 10.88 21.25 -3.15
C ALA B 13 12.26 21.28 -3.80
N GLY B 14 12.46 20.42 -4.77
CA GLY B 14 13.73 20.35 -5.45
C GLY B 14 14.77 19.63 -4.61
N VAL B 15 14.34 18.52 -3.99
CA VAL B 15 15.19 17.73 -3.15
C VAL B 15 15.08 16.27 -3.58
N SER B 16 15.91 15.41 -3.04
CA SER B 16 15.81 14.01 -3.35
C SER B 16 14.58 13.46 -2.67
N TYR B 17 14.07 12.34 -3.13
CA TYR B 17 12.88 11.76 -2.54
C TYR B 17 13.19 11.20 -1.15
N GLN B 18 14.48 11.03 -0.82
CA GLN B 18 14.86 10.50 0.48
C GLN B 18 14.83 11.66 1.46
N THR B 19 15.23 12.82 0.96
CA THR B 19 15.24 14.06 1.72
C THR B 19 13.86 14.29 2.35
N VAL B 20 12.82 13.91 1.61
CA VAL B 20 11.44 14.03 2.08
C VAL B 20 11.22 13.09 3.26
N SER B 21 11.56 11.80 3.09
CA SER B 21 11.46 10.83 4.17
C SER B 21 12.24 11.38 5.35
N ARG B 22 13.45 11.80 5.05
CA ARG B 22 14.37 12.39 6.03
C ARG B 22 13.73 13.54 6.83
N VAL B 23 12.93 14.38 6.18
CA VAL B 23 12.29 15.50 6.87
C VAL B 23 11.09 15.02 7.66
N VAL B 24 10.25 14.21 7.02
CA VAL B 24 9.06 13.68 7.64
C VAL B 24 9.40 12.91 8.93
N ASN B 25 10.49 12.15 8.87
CA ASN B 25 10.94 11.37 10.03
C ASN B 25 11.83 12.20 10.95
N GLN B 26 12.15 13.43 10.53
CA GLN B 26 13.02 14.32 11.30
C GLN B 26 14.36 13.63 11.56
N ALA B 27 14.84 12.95 10.52
CA ALA B 27 16.08 12.19 10.58
C ALA B 27 17.31 13.10 10.55
N SER B 28 18.46 12.50 10.80
CA SER B 28 19.73 13.21 10.81
C SER B 28 20.33 13.36 9.40
N HIS B 29 21.42 14.13 9.34
CA HIS B 29 22.13 14.43 8.08
C HIS B 29 21.22 15.23 7.15
N VAL B 30 20.63 16.29 7.69
CA VAL B 30 19.72 17.15 6.94
C VAL B 30 19.97 18.61 7.29
N SER B 31 20.13 19.43 6.27
CA SER B 31 20.35 20.84 6.44
C SER B 31 19.05 21.52 6.85
N ALA B 32 19.16 22.62 7.58
CA ALA B 32 18.01 23.37 8.05
C ALA B 32 17.11 23.79 6.90
N LYS B 33 17.70 24.36 5.86
CA LYS B 33 16.95 24.80 4.70
C LYS B 33 16.16 23.68 4.06
N THR B 34 16.85 22.60 3.70
CA THR B 34 16.22 21.46 3.07
C THR B 34 15.04 20.94 3.89
N ARG B 35 15.15 21.06 5.21
CA ARG B 35 14.08 20.63 6.12
C ARG B 35 12.88 21.57 6.01
N GLU B 36 13.17 22.88 6.04
CA GLU B 36 12.13 23.91 5.94
C GLU B 36 11.45 23.89 4.57
N LYS B 37 12.23 23.54 3.55
CA LYS B 37 11.72 23.50 2.19
C LYS B 37 10.62 22.45 2.05
N VAL B 38 10.90 21.25 2.54
CA VAL B 38 9.95 20.16 2.45
C VAL B 38 8.69 20.44 3.25
N GLU B 39 8.84 21.04 4.42
CA GLU B 39 7.71 21.35 5.28
C GLU B 39 6.73 22.28 4.57
N ALA B 40 7.28 23.25 3.85
CA ALA B 40 6.48 24.22 3.11
C ALA B 40 5.82 23.57 1.91
N ALA B 41 6.60 22.76 1.20
CA ALA B 41 6.11 22.04 0.03
C ALA B 41 4.89 21.20 0.38
N MET B 42 4.83 20.77 1.62
CA MET B 42 3.71 19.98 2.10
C MET B 42 2.42 20.78 2.04
N ALA B 43 2.55 22.11 2.01
CA ALA B 43 1.39 22.98 1.95
C ALA B 43 1.02 23.28 0.52
N GLU B 44 2.04 23.57 -0.28
CA GLU B 44 1.85 23.88 -1.68
C GLU B 44 1.14 22.75 -2.40
N LEU B 45 1.72 21.57 -2.29
CA LEU B 45 1.16 20.38 -2.93
C LEU B 45 -0.07 19.88 -2.20
N ASN B 46 -0.28 20.38 -0.97
CA ASN B 46 -1.38 19.90 -0.15
C ASN B 46 -1.14 18.43 0.15
N TYR B 47 0.12 18.13 0.48
CA TYR B 47 0.56 16.77 0.76
C TYR B 47 -0.24 16.17 1.89
N ILE B 48 -0.86 15.04 1.61
CA ILE B 48 -1.63 14.31 2.59
C ILE B 48 -1.26 12.86 2.30
N PRO B 49 -0.31 12.32 3.08
CA PRO B 49 0.26 10.98 2.92
C PRO B 49 -0.64 9.92 2.28
N ASN B 50 -0.14 9.37 1.16
CA ASN B 50 -0.80 8.30 0.38
C ASN B 50 -1.08 7.10 1.27
N ARG B 51 -2.23 7.13 1.93
CA ARG B 51 -2.67 6.08 2.85
C ARG B 51 -2.59 4.68 2.28
N CYS B 52 -2.62 4.53 0.97
CA CYS B 52 -2.58 3.23 0.39
C CYS B 52 -1.16 2.66 0.38
N ALA B 53 -0.24 3.39 -0.22
CA ALA B 53 1.14 2.93 -0.27
C ALA B 53 1.80 3.03 1.10
N GLN B 54 1.43 4.07 1.84
CA GLN B 54 2.00 4.32 3.16
C GLN B 54 1.62 3.23 4.17
N GLN B 55 0.46 2.62 4.00
CA GLN B 55 0.05 1.59 4.92
C GLN B 55 0.57 0.26 4.44
N LEU B 56 0.88 0.20 3.16
CA LEU B 56 1.42 -1.00 2.56
C LEU B 56 2.89 -1.10 2.92
N ALA B 57 3.59 0.02 2.84
CA ALA B 57 5.02 0.06 3.14
C ALA B 57 5.32 -0.13 4.63
N GLY B 58 4.29 -0.38 5.43
CA GLY B 58 4.50 -0.60 6.85
C GLY B 58 3.99 0.52 7.73
N LYS B 59 4.68 1.65 7.66
CA LYS B 59 4.36 2.84 8.47
C LYS B 59 4.46 2.52 9.97
N GLN B 60 3.37 2.03 10.53
CA GLN B 60 3.30 1.68 11.94
C GLN B 60 2.58 0.34 12.10
N SER B 61 2.64 -0.49 11.06
CA SER B 61 2.00 -1.79 11.08
C SER B 61 2.99 -2.92 11.36
N LEU B 62 4.28 -2.64 11.19
CA LEU B 62 5.30 -3.65 11.42
C LEU B 62 6.63 -2.95 11.64
N MET A 1 -10.23 -5.74 13.34
CA MET A 1 -9.10 -5.10 14.07
C MET A 1 -7.83 -5.14 13.22
N LYS A 2 -7.30 -6.34 13.02
CA LYS A 2 -6.11 -6.53 12.23
C LYS A 2 -6.50 -7.03 10.86
N PRO A 3 -6.25 -6.23 9.80
CA PRO A 3 -6.60 -6.61 8.44
C PRO A 3 -5.88 -7.90 8.02
N VAL A 4 -6.50 -8.62 7.12
CA VAL A 4 -5.97 -9.86 6.63
C VAL A 4 -5.35 -9.59 5.28
N THR A 5 -4.65 -10.57 4.75
CA THR A 5 -4.00 -10.39 3.50
C THR A 5 -4.27 -11.60 2.62
N LEU A 6 -4.05 -11.44 1.32
CA LEU A 6 -4.23 -12.53 0.38
C LEU A 6 -3.24 -13.63 0.69
N TYR A 7 -2.22 -13.29 1.47
CA TYR A 7 -1.22 -14.27 1.87
C TYR A 7 -1.76 -15.14 3.00
N ASP A 8 -2.49 -14.52 3.95
CA ASP A 8 -3.05 -15.28 5.07
C ASP A 8 -4.01 -16.29 4.50
N VAL A 9 -4.69 -15.82 3.48
CA VAL A 9 -5.64 -16.63 2.76
C VAL A 9 -4.91 -17.75 2.04
N ALA A 10 -3.87 -17.38 1.32
CA ALA A 10 -3.06 -18.34 0.58
C ALA A 10 -2.47 -19.37 1.50
N GLU A 11 -1.98 -18.91 2.63
CA GLU A 11 -1.38 -19.78 3.61
C GLU A 11 -2.39 -20.76 4.19
N TYR A 12 -3.53 -20.24 4.61
CA TYR A 12 -4.60 -21.07 5.19
C TYR A 12 -5.22 -21.98 4.14
N ALA A 13 -5.12 -21.58 2.89
CA ALA A 13 -5.69 -22.36 1.83
C ALA A 13 -4.68 -23.36 1.29
N GLY A 14 -3.41 -23.11 1.57
CA GLY A 14 -2.37 -23.99 1.10
C GLY A 14 -2.10 -23.76 -0.36
N VAL A 15 -2.14 -22.50 -0.75
CA VAL A 15 -1.95 -22.10 -2.12
C VAL A 15 -1.01 -20.91 -2.18
N SER A 16 -0.82 -20.37 -3.38
CA SER A 16 0.01 -19.21 -3.56
C SER A 16 -0.87 -17.98 -3.51
N TYR A 17 -0.31 -16.86 -3.08
CA TYR A 17 -1.08 -15.61 -3.00
C TYR A 17 -1.73 -15.30 -4.34
N GLN A 18 -0.99 -15.56 -5.39
CA GLN A 18 -1.49 -15.37 -6.74
C GLN A 18 -2.69 -16.28 -7.02
N THR A 19 -2.73 -17.41 -6.34
CA THR A 19 -3.83 -18.35 -6.51
C THR A 19 -5.09 -17.75 -5.90
N VAL A 20 -4.92 -17.16 -4.74
CA VAL A 20 -5.99 -16.50 -4.03
C VAL A 20 -6.57 -15.37 -4.85
N SER A 21 -5.71 -14.47 -5.30
CA SER A 21 -6.13 -13.33 -6.10
C SER A 21 -6.71 -13.78 -7.43
N ARG A 22 -6.31 -14.96 -7.87
CA ARG A 22 -6.80 -15.52 -9.13
C ARG A 22 -8.24 -15.97 -8.93
N VAL A 23 -8.55 -16.37 -7.70
CA VAL A 23 -9.89 -16.80 -7.35
C VAL A 23 -10.80 -15.60 -7.10
N VAL A 24 -10.24 -14.61 -6.39
CA VAL A 24 -10.99 -13.41 -6.06
C VAL A 24 -11.32 -12.57 -7.27
N ASN A 25 -10.30 -12.27 -8.06
CA ASN A 25 -10.45 -11.46 -9.24
C ASN A 25 -11.09 -12.20 -10.42
N GLN A 26 -10.76 -13.48 -10.59
CA GLN A 26 -11.25 -14.21 -11.75
C GLN A 26 -11.84 -15.55 -11.35
N ALA A 27 -11.18 -16.64 -11.79
CA ALA A 27 -11.61 -18.01 -11.55
C ALA A 27 -11.01 -18.95 -12.58
N SER A 28 -10.83 -18.46 -13.79
CA SER A 28 -10.24 -19.25 -14.86
C SER A 28 -8.78 -19.56 -14.52
N HIS A 29 -8.27 -20.70 -15.03
CA HIS A 29 -6.89 -21.11 -14.76
C HIS A 29 -6.77 -21.52 -13.29
N VAL A 30 -7.91 -21.86 -12.69
CA VAL A 30 -7.98 -22.27 -11.30
C VAL A 30 -8.93 -23.46 -11.18
N SER A 31 -8.48 -24.49 -10.50
CA SER A 31 -9.30 -25.67 -10.32
C SER A 31 -10.30 -25.44 -9.18
N ALA A 32 -11.42 -26.14 -9.27
CA ALA A 32 -12.47 -26.05 -8.26
C ALA A 32 -11.90 -26.38 -6.87
N LYS A 33 -11.01 -27.36 -6.83
CA LYS A 33 -10.37 -27.80 -5.60
C LYS A 33 -9.76 -26.64 -4.83
N THR A 34 -9.05 -25.78 -5.54
CA THR A 34 -8.39 -24.63 -4.94
C THR A 34 -9.36 -23.47 -4.74
N ARG A 35 -10.24 -23.27 -5.72
CA ARG A 35 -11.19 -22.18 -5.68
C ARG A 35 -12.01 -22.20 -4.40
N GLU A 36 -12.67 -23.31 -4.18
CA GLU A 36 -13.53 -23.46 -3.01
C GLU A 36 -12.73 -23.49 -1.73
N LYS A 37 -11.44 -23.76 -1.84
CA LYS A 37 -10.61 -23.83 -0.66
C LYS A 37 -10.08 -22.44 -0.33
N VAL A 38 -9.94 -21.60 -1.33
CA VAL A 38 -9.45 -20.26 -1.12
C VAL A 38 -10.58 -19.39 -0.58
N GLU A 39 -11.76 -19.55 -1.16
CA GLU A 39 -12.93 -18.81 -0.75
C GLU A 39 -13.24 -19.14 0.71
N ALA A 40 -12.99 -20.40 1.06
CA ALA A 40 -13.22 -20.89 2.42
C ALA A 40 -12.25 -20.25 3.39
N ALA A 41 -11.03 -20.06 2.95
CA ALA A 41 -9.99 -19.47 3.77
C ALA A 41 -10.37 -18.05 4.20
N MET A 42 -10.98 -17.34 3.27
CA MET A 42 -11.42 -15.96 3.50
C MET A 42 -12.53 -15.87 4.54
N ALA A 43 -13.31 -16.94 4.68
CA ALA A 43 -14.41 -16.94 5.63
C ALA A 43 -13.89 -17.17 7.02
N GLU A 44 -12.83 -17.97 7.07
CA GLU A 44 -12.17 -18.31 8.31
C GLU A 44 -11.45 -17.12 8.91
N LEU A 45 -10.53 -16.61 8.15
CA LEU A 45 -9.70 -15.50 8.58
C LEU A 45 -10.38 -14.16 8.41
N ASN A 46 -11.52 -14.13 7.75
CA ASN A 46 -12.25 -12.87 7.51
C ASN A 46 -11.39 -11.93 6.68
N TYR A 47 -10.98 -12.40 5.52
CA TYR A 47 -10.15 -11.62 4.63
C TYR A 47 -10.97 -10.50 4.00
N ILE A 48 -10.51 -9.27 4.18
CA ILE A 48 -11.17 -8.13 3.59
C ILE A 48 -10.26 -7.53 2.53
N PRO A 49 -10.72 -7.55 1.27
CA PRO A 49 -9.98 -7.01 0.14
C PRO A 49 -9.63 -5.52 0.32
N ASN A 50 -8.35 -5.22 0.38
CA ASN A 50 -7.90 -3.85 0.55
C ASN A 50 -8.01 -3.08 -0.75
N ARG A 51 -9.12 -2.37 -0.90
CA ARG A 51 -9.39 -1.57 -2.09
C ARG A 51 -8.29 -0.55 -2.33
N CYS A 52 -7.61 -0.14 -1.26
CA CYS A 52 -6.54 0.84 -1.33
C CYS A 52 -5.37 0.24 -2.11
N ALA A 53 -5.08 -1.02 -1.81
CA ALA A 53 -4.02 -1.75 -2.48
C ALA A 53 -4.47 -2.08 -3.89
N GLN A 54 -5.76 -2.40 -4.02
CA GLN A 54 -6.36 -2.70 -5.33
C GLN A 54 -6.22 -1.50 -6.24
N GLN A 55 -6.42 -0.32 -5.66
CA GLN A 55 -6.29 0.92 -6.39
C GLN A 55 -4.81 1.15 -6.74
N LEU A 56 -3.94 0.80 -5.80
CA LEU A 56 -2.49 0.96 -5.99
C LEU A 56 -2.01 0.15 -7.19
N ALA A 57 -2.38 -1.13 -7.21
CA ALA A 57 -2.00 -2.04 -8.28
C ALA A 57 -2.72 -1.74 -9.59
N GLY A 58 -3.76 -0.91 -9.51
CA GLY A 58 -4.53 -0.57 -10.68
C GLY A 58 -5.94 -1.10 -10.58
N LYS A 59 -6.92 -0.20 -10.57
CA LYS A 59 -8.29 -0.62 -10.45
C LYS A 59 -8.82 -1.13 -11.79
N GLN A 60 -8.94 -2.43 -11.89
CA GLN A 60 -9.42 -3.07 -13.10
C GLN A 60 -10.95 -3.08 -13.10
N SER A 61 -11.54 -3.64 -14.16
CA SER A 61 -12.98 -3.73 -14.30
C SER A 61 -13.62 -2.33 -14.35
N LEU A 62 -13.12 -1.49 -15.24
CA LEU A 62 -13.64 -0.13 -15.41
C LEU A 62 -14.74 -0.11 -16.46
N MET B 1 -10.66 14.20 -2.04
CA MET B 1 -10.40 14.28 -3.50
C MET B 1 -9.21 13.39 -3.89
N LYS B 2 -8.01 13.92 -3.70
CA LYS B 2 -6.79 13.21 -4.05
C LYS B 2 -5.69 13.48 -3.04
N PRO B 3 -5.29 12.45 -2.27
CA PRO B 3 -4.24 12.56 -1.27
C PRO B 3 -2.88 12.70 -1.93
N VAL B 4 -2.13 13.69 -1.52
CA VAL B 4 -0.81 13.94 -2.05
C VAL B 4 0.12 12.81 -1.60
N THR B 5 1.28 12.72 -2.18
CA THR B 5 2.19 11.64 -1.88
C THR B 5 3.57 12.17 -1.57
N LEU B 6 4.35 11.40 -0.82
CA LEU B 6 5.72 11.76 -0.51
C LEU B 6 6.51 12.10 -1.78
N TYR B 7 6.13 11.49 -2.91
CA TYR B 7 6.81 11.72 -4.17
C TYR B 7 6.54 13.13 -4.67
N ASP B 8 5.32 13.61 -4.48
CA ASP B 8 4.96 14.97 -4.89
C ASP B 8 5.78 15.98 -4.10
N VAL B 9 6.01 15.66 -2.83
CA VAL B 9 6.75 16.54 -1.95
C VAL B 9 8.22 16.57 -2.37
N ALA B 10 8.76 15.38 -2.62
CA ALA B 10 10.13 15.22 -3.07
C ALA B 10 10.41 16.04 -4.32
N GLU B 11 9.62 15.78 -5.35
CA GLU B 11 9.75 16.46 -6.64
C GLU B 11 9.66 17.98 -6.50
N TYR B 12 8.65 18.43 -5.77
CA TYR B 12 8.41 19.86 -5.55
C TYR B 12 9.53 20.53 -4.78
N ALA B 13 9.91 19.93 -3.66
CA ALA B 13 10.94 20.49 -2.81
C ALA B 13 12.29 20.49 -3.51
N GLY B 14 12.48 19.59 -4.46
CA GLY B 14 13.74 19.52 -5.16
C GLY B 14 14.79 18.81 -4.35
N VAL B 15 14.40 17.70 -3.74
CA VAL B 15 15.28 16.88 -2.93
C VAL B 15 15.15 15.46 -3.40
N SER B 16 16.07 14.60 -3.02
CA SER B 16 15.93 13.21 -3.38
C SER B 16 14.78 12.62 -2.61
N TYR B 17 14.22 11.53 -3.07
CA TYR B 17 13.11 10.91 -2.41
C TYR B 17 13.46 10.52 -0.97
N GLN B 18 14.59 9.82 -0.81
CA GLN B 18 15.08 9.41 0.51
C GLN B 18 15.10 10.59 1.48
N THR B 19 15.48 11.74 0.94
CA THR B 19 15.56 12.99 1.70
C THR B 19 14.25 13.33 2.41
N VAL B 20 13.17 13.10 1.69
CA VAL B 20 11.83 13.36 2.20
C VAL B 20 11.49 12.41 3.34
N SER B 21 11.69 11.11 3.11
CA SER B 21 11.48 10.11 4.15
C SER B 21 12.32 10.52 5.36
N ARG B 22 13.59 10.85 5.07
CA ARG B 22 14.56 11.31 6.07
C ARG B 22 14.01 12.48 6.91
N VAL B 23 13.26 13.38 6.29
CA VAL B 23 12.70 14.52 6.98
C VAL B 23 11.48 14.10 7.81
N VAL B 24 10.66 13.23 7.22
CA VAL B 24 9.44 12.75 7.83
C VAL B 24 9.74 11.95 9.09
N ASN B 25 10.88 11.32 9.10
CA ASN B 25 11.30 10.51 10.23
C ASN B 25 12.13 11.36 11.18
N GLN B 26 12.32 12.62 10.80
CA GLN B 26 13.15 13.54 11.58
C GLN B 26 14.50 12.91 11.88
N ALA B 27 15.04 12.24 10.87
CA ALA B 27 16.31 11.56 11.03
C ALA B 27 17.47 12.53 10.92
N SER B 28 18.67 11.99 11.01
CA SER B 28 19.89 12.78 10.95
C SER B 28 20.42 12.90 9.52
N HIS B 29 21.52 13.65 9.41
CA HIS B 29 22.19 13.93 8.15
C HIS B 29 21.28 14.70 7.22
N VAL B 30 20.63 15.71 7.76
CA VAL B 30 19.74 16.55 6.98
C VAL B 30 19.97 18.03 7.30
N SER B 31 20.42 18.79 6.31
CA SER B 31 20.66 20.21 6.47
C SER B 31 19.36 20.94 6.85
N ALA B 32 19.47 22.10 7.49
CA ALA B 32 18.30 22.87 7.92
C ALA B 32 17.43 23.26 6.73
N LYS B 33 18.04 23.87 5.72
CA LYS B 33 17.34 24.31 4.52
C LYS B 33 16.60 23.13 3.87
N THR B 34 17.32 22.06 3.62
CA THR B 34 16.75 20.86 3.03
C THR B 34 15.56 20.35 3.83
N ARG B 35 15.64 20.42 5.14
CA ARG B 35 14.57 19.96 6.02
C ARG B 35 13.37 20.89 5.93
N GLU B 36 13.63 22.18 6.00
CA GLU B 36 12.58 23.18 5.93
C GLU B 36 11.95 23.23 4.55
N LYS B 37 12.72 22.83 3.55
CA LYS B 37 12.23 22.83 2.19
C LYS B 37 11.15 21.79 2.01
N VAL B 38 11.44 20.60 2.51
CA VAL B 38 10.52 19.49 2.40
C VAL B 38 9.27 19.74 3.22
N GLU B 39 9.45 20.34 4.39
CA GLU B 39 8.35 20.64 5.27
C GLU B 39 7.44 21.69 4.62
N ALA B 40 8.05 22.61 3.86
CA ALA B 40 7.32 23.67 3.18
C ALA B 40 6.53 23.10 2.01
N ALA B 41 7.18 22.23 1.25
CA ALA B 41 6.56 21.58 0.12
C ALA B 41 5.29 20.84 0.55
N MET B 42 5.28 20.38 1.79
CA MET B 42 4.14 19.67 2.34
C MET B 42 2.93 20.59 2.39
N ALA B 43 3.18 21.90 2.37
CA ALA B 43 2.12 22.90 2.44
C ALA B 43 1.63 23.25 1.05
N GLU B 44 2.55 23.63 0.17
CA GLU B 44 2.20 24.02 -1.19
C GLU B 44 1.53 22.87 -1.90
N LEU B 45 2.01 21.68 -1.61
CA LEU B 45 1.44 20.48 -2.20
C LEU B 45 0.19 20.01 -1.48
N ASN B 46 -0.04 20.48 -0.24
CA ASN B 46 -1.18 20.00 0.56
C ASN B 46 -0.98 18.53 0.82
N TYR B 47 0.26 18.18 1.16
CA TYR B 47 0.65 16.80 1.43
C TYR B 47 -0.24 16.21 2.50
N ILE B 48 -0.86 15.09 2.19
CA ILE B 48 -1.70 14.35 3.09
C ILE B 48 -1.35 12.90 2.78
N PRO B 49 -0.47 12.29 3.59
CA PRO B 49 0.06 10.92 3.37
C PRO B 49 -0.93 9.93 2.73
N ASN B 50 -0.44 9.25 1.69
CA ASN B 50 -1.19 8.25 0.92
C ASN B 50 -1.64 7.11 1.85
N ARG B 51 -2.82 7.28 2.46
CA ARG B 51 -3.38 6.31 3.40
C ARG B 51 -3.33 4.88 2.87
N CYS B 52 -3.48 4.76 1.57
CA CYS B 52 -3.49 3.45 0.91
C CYS B 52 -2.12 2.80 0.91
N ALA B 53 -1.16 3.47 0.29
CA ALA B 53 0.19 2.97 0.20
C ALA B 53 0.87 2.96 1.56
N GLN B 54 0.56 3.93 2.39
CA GLN B 54 1.19 4.02 3.70
C GLN B 54 0.84 2.85 4.60
N GLN B 55 -0.36 2.29 4.47
CA GLN B 55 -0.72 1.16 5.30
C GLN B 55 -0.14 -0.09 4.70
N LEU B 56 0.10 -0.03 3.39
CA LEU B 56 0.68 -1.14 2.69
C LEU B 56 2.15 -1.31 3.04
N ALA B 57 2.91 -0.22 3.01
CA ALA B 57 4.32 -0.31 3.33
C ALA B 57 4.49 -0.88 4.75
N GLY B 58 4.09 -0.14 5.79
CA GLY B 58 4.15 -0.73 7.11
C GLY B 58 3.70 0.23 8.19
N LYS B 59 4.22 1.45 8.17
CA LYS B 59 3.84 2.45 9.16
C LYS B 59 2.92 3.53 8.56
N GLN B 60 2.00 4.01 9.38
CA GLN B 60 1.05 5.03 8.97
C GLN B 60 1.42 6.38 9.59
N SER B 61 1.36 7.44 8.77
CA SER B 61 1.66 8.80 9.21
C SER B 61 0.35 9.57 9.37
N LEU B 62 -0.66 9.14 8.61
CA LEU B 62 -1.97 9.75 8.63
C LEU B 62 -2.98 8.77 9.22
N MET A 1 -10.71 -3.95 11.55
CA MET A 1 -9.47 -3.13 11.52
C MET A 1 -8.39 -3.86 10.74
N LYS A 2 -7.95 -5.01 11.27
CA LYS A 2 -6.91 -5.80 10.63
C LYS A 2 -7.52 -6.77 9.62
N PRO A 3 -7.20 -6.59 8.34
CA PRO A 3 -7.71 -7.46 7.30
C PRO A 3 -6.89 -8.77 7.19
N VAL A 4 -7.18 -9.54 6.16
CA VAL A 4 -6.52 -10.81 5.89
C VAL A 4 -6.09 -10.78 4.44
N THR A 5 -4.85 -11.13 4.17
CA THR A 5 -4.36 -11.10 2.82
C THR A 5 -4.70 -12.34 2.05
N LEU A 6 -4.62 -12.24 0.74
CA LEU A 6 -4.91 -13.38 -0.11
C LEU A 6 -3.86 -14.46 0.13
N TYR A 7 -2.75 -14.08 0.76
CA TYR A 7 -1.69 -15.01 1.09
C TYR A 7 -2.11 -15.86 2.28
N ASP A 8 -2.73 -15.23 3.28
CA ASP A 8 -3.20 -15.93 4.46
C ASP A 8 -4.20 -16.97 4.00
N VAL A 9 -4.96 -16.53 3.05
CA VAL A 9 -5.97 -17.36 2.44
C VAL A 9 -5.30 -18.51 1.70
N ALA A 10 -4.27 -18.14 0.94
CA ALA A 10 -3.49 -19.10 0.16
C ALA A 10 -2.84 -20.14 1.05
N GLU A 11 -2.25 -19.69 2.13
CA GLU A 11 -1.58 -20.59 3.06
C GLU A 11 -2.58 -21.56 3.69
N TYR A 12 -3.67 -21.03 4.23
CA TYR A 12 -4.69 -21.84 4.86
C TYR A 12 -5.41 -22.75 3.87
N ALA A 13 -5.43 -22.35 2.61
CA ALA A 13 -6.10 -23.12 1.60
C ALA A 13 -5.18 -24.18 1.08
N GLY A 14 -3.89 -23.91 1.19
CA GLY A 14 -2.91 -24.85 0.69
C GLY A 14 -2.66 -24.61 -0.77
N VAL A 15 -2.60 -23.32 -1.12
CA VAL A 15 -2.42 -22.88 -2.48
C VAL A 15 -1.49 -21.68 -2.53
N SER A 16 -1.46 -21.02 -3.68
CA SER A 16 -0.66 -19.82 -3.83
C SER A 16 -1.56 -18.61 -3.88
N TYR A 17 -1.02 -17.47 -3.46
CA TYR A 17 -1.78 -16.23 -3.46
C TYR A 17 -2.44 -16.00 -4.82
N GLN A 18 -1.71 -16.21 -5.90
CA GLN A 18 -2.27 -16.09 -7.23
C GLN A 18 -3.37 -17.12 -7.48
N THR A 19 -3.30 -18.26 -6.83
CA THR A 19 -4.33 -19.27 -6.99
C THR A 19 -5.61 -18.73 -6.39
N VAL A 20 -5.47 -18.11 -5.22
CA VAL A 20 -6.58 -17.49 -4.53
C VAL A 20 -7.24 -16.41 -5.37
N SER A 21 -6.45 -15.50 -5.90
CA SER A 21 -6.97 -14.41 -6.72
C SER A 21 -7.59 -14.96 -8.01
N ARG A 22 -7.13 -16.13 -8.42
CA ARG A 22 -7.65 -16.77 -9.61
C ARG A 22 -9.07 -17.25 -9.34
N VAL A 23 -9.36 -17.58 -8.08
CA VAL A 23 -10.69 -18.02 -7.68
C VAL A 23 -11.59 -16.83 -7.37
N VAL A 24 -11.08 -15.92 -6.58
CA VAL A 24 -11.82 -14.74 -6.17
C VAL A 24 -12.32 -13.92 -7.36
N ASN A 25 -11.44 -13.68 -8.31
CA ASN A 25 -11.76 -12.88 -9.48
C ASN A 25 -12.15 -13.70 -10.70
N GLN A 26 -11.95 -15.02 -10.68
CA GLN A 26 -12.26 -15.82 -11.85
C GLN A 26 -12.84 -17.16 -11.43
N ALA A 27 -12.12 -18.23 -11.77
CA ALA A 27 -12.54 -19.61 -11.50
C ALA A 27 -11.76 -20.59 -12.35
N SER A 28 -11.49 -20.17 -13.59
CA SER A 28 -10.78 -20.98 -14.55
C SER A 28 -9.28 -21.02 -14.22
N HIS A 29 -8.60 -22.06 -14.71
CA HIS A 29 -7.18 -22.28 -14.45
C HIS A 29 -6.97 -22.68 -12.99
N VAL A 30 -8.06 -23.10 -12.38
CA VAL A 30 -8.08 -23.56 -11.01
C VAL A 30 -8.85 -24.85 -10.95
N SER A 31 -8.24 -25.86 -10.40
CA SER A 31 -8.88 -27.14 -10.27
C SER A 31 -10.11 -26.99 -9.39
N ALA A 32 -11.08 -27.84 -9.61
CA ALA A 32 -12.32 -27.82 -8.86
C ALA A 32 -12.10 -28.25 -7.40
N LYS A 33 -10.88 -28.69 -7.06
CA LYS A 33 -10.62 -29.16 -5.73
C LYS A 33 -10.15 -27.98 -4.88
N THR A 34 -9.23 -27.20 -5.45
CA THR A 34 -8.68 -26.06 -4.76
C THR A 34 -9.61 -24.89 -4.73
N ARG A 35 -10.53 -24.82 -5.69
CA ARG A 35 -11.45 -23.70 -5.73
C ARG A 35 -12.25 -23.64 -4.44
N GLU A 36 -12.89 -24.74 -4.12
CA GLU A 36 -13.74 -24.82 -2.95
C GLU A 36 -12.99 -24.62 -1.65
N LYS A 37 -11.70 -24.94 -1.63
CA LYS A 37 -10.94 -24.81 -0.41
C LYS A 37 -10.42 -23.41 -0.27
N VAL A 38 -10.26 -22.71 -1.38
CA VAL A 38 -9.79 -21.34 -1.29
C VAL A 38 -10.97 -20.51 -0.82
N GLU A 39 -12.13 -20.87 -1.35
CA GLU A 39 -13.41 -20.26 -1.01
C GLU A 39 -13.78 -20.69 0.40
N ALA A 40 -12.94 -21.55 0.98
CA ALA A 40 -13.21 -22.06 2.30
C ALA A 40 -12.43 -21.20 3.28
N ALA A 41 -11.16 -20.96 2.90
CA ALA A 41 -10.22 -20.19 3.71
C ALA A 41 -10.70 -18.77 3.95
N MET A 42 -11.31 -18.17 2.95
CA MET A 42 -11.84 -16.81 3.06
C MET A 42 -12.84 -16.69 4.19
N ALA A 43 -13.56 -17.75 4.45
CA ALA A 43 -14.56 -17.74 5.50
C ALA A 43 -13.90 -17.99 6.85
N GLU A 44 -12.91 -18.87 6.82
CA GLU A 44 -12.16 -19.26 8.00
C GLU A 44 -11.43 -18.09 8.62
N LEU A 45 -10.61 -17.49 7.80
CA LEU A 45 -9.78 -16.39 8.22
C LEU A 45 -10.49 -15.06 8.06
N ASN A 46 -11.63 -15.06 7.36
CA ASN A 46 -12.39 -13.82 7.13
C ASN A 46 -11.56 -12.89 6.23
N TYR A 47 -11.42 -13.29 4.96
CA TYR A 47 -10.65 -12.57 3.96
C TYR A 47 -11.46 -11.44 3.33
N ILE A 48 -10.92 -10.22 3.39
CA ILE A 48 -11.54 -9.07 2.78
C ILE A 48 -10.55 -8.39 1.86
N PRO A 49 -10.84 -8.31 0.56
CA PRO A 49 -9.95 -7.68 -0.42
C PRO A 49 -9.63 -6.21 -0.07
N ASN A 50 -8.34 -5.88 -0.06
CA ASN A 50 -7.90 -4.54 0.26
C ASN A 50 -8.11 -3.60 -0.94
N ARG A 51 -9.02 -2.65 -0.77
CA ARG A 51 -9.35 -1.70 -1.83
C ARG A 51 -8.14 -0.81 -2.21
N CYS A 52 -7.32 -0.44 -1.23
CA CYS A 52 -6.15 0.39 -1.50
C CYS A 52 -5.14 -0.37 -2.36
N ALA A 53 -4.90 -1.62 -2.00
CA ALA A 53 -4.00 -2.47 -2.75
C ALA A 53 -4.47 -2.56 -4.19
N GLN A 54 -5.75 -2.85 -4.34
CA GLN A 54 -6.38 -2.94 -5.65
C GLN A 54 -6.17 -1.64 -6.43
N GLN A 55 -6.31 -0.53 -5.72
CA GLN A 55 -6.13 0.78 -6.32
C GLN A 55 -4.66 1.11 -6.59
N LEU A 56 -3.78 0.43 -5.90
CA LEU A 56 -2.36 0.66 -6.05
C LEU A 56 -1.84 -0.22 -7.17
N ALA A 57 -2.24 -1.48 -7.11
CA ALA A 57 -1.84 -2.45 -8.09
C ALA A 57 -2.15 -1.94 -9.49
N GLY A 58 -3.41 -1.65 -9.81
CA GLY A 58 -3.64 -1.14 -11.15
C GLY A 58 -4.40 0.15 -11.21
N LYS A 59 -5.70 0.06 -11.10
CA LYS A 59 -6.57 1.23 -11.22
C LYS A 59 -6.48 2.13 -9.99
N GLN A 60 -5.75 3.23 -10.12
CA GLN A 60 -5.57 4.18 -9.03
C GLN A 60 -6.76 5.12 -8.91
N SER A 61 -7.16 5.37 -7.67
CA SER A 61 -8.27 6.26 -7.34
C SER A 61 -9.61 5.74 -7.88
N LEU A 62 -9.66 4.44 -8.16
CA LEU A 62 -10.87 3.82 -8.65
C LEU A 62 -11.66 3.23 -7.49
N MET B 1 -11.36 16.79 -4.72
CA MET B 1 -10.22 16.47 -3.86
C MET B 1 -8.92 16.56 -4.63
N LYS B 2 -7.85 16.87 -3.92
CA LYS B 2 -6.52 16.97 -4.51
C LYS B 2 -5.49 16.24 -3.66
N PRO B 3 -5.39 14.91 -3.85
CA PRO B 3 -4.45 14.08 -3.10
C PRO B 3 -3.00 14.31 -3.53
N VAL B 4 -2.06 14.12 -2.61
CA VAL B 4 -0.66 14.35 -2.90
C VAL B 4 0.22 13.25 -2.30
N THR B 5 1.45 13.12 -2.79
CA THR B 5 2.35 12.08 -2.32
C THR B 5 3.73 12.65 -2.02
N LEU B 6 4.53 11.93 -1.20
CA LEU B 6 5.89 12.33 -0.87
C LEU B 6 6.72 12.59 -2.14
N TYR B 7 6.35 11.92 -3.23
CA TYR B 7 7.05 12.05 -4.51
C TYR B 7 6.78 13.41 -5.15
N ASP B 8 5.62 13.95 -4.86
CA ASP B 8 5.26 15.26 -5.39
C ASP B 8 5.98 16.34 -4.60
N VAL B 9 6.15 16.08 -3.31
CA VAL B 9 6.81 17.02 -2.40
C VAL B 9 8.29 17.13 -2.72
N ALA B 10 8.91 15.98 -2.96
CA ALA B 10 10.32 15.92 -3.31
C ALA B 10 10.61 16.70 -4.58
N GLU B 11 9.83 16.43 -5.60
CA GLU B 11 9.98 17.07 -6.90
C GLU B 11 9.86 18.58 -6.79
N TYR B 12 8.83 19.03 -6.10
CA TYR B 12 8.56 20.44 -5.94
C TYR B 12 9.65 21.18 -5.15
N ALA B 13 9.97 20.69 -3.96
CA ALA B 13 11.00 21.33 -3.14
C ALA B 13 12.35 21.25 -3.84
N GLY B 14 12.52 20.23 -4.67
CA GLY B 14 13.77 20.04 -5.36
C GLY B 14 14.76 19.26 -4.52
N VAL B 15 14.28 18.14 -4.00
CA VAL B 15 15.06 17.24 -3.19
C VAL B 15 14.73 15.82 -3.55
N SER B 16 15.61 14.89 -3.21
CA SER B 16 15.33 13.50 -3.49
C SER B 16 14.18 13.03 -2.61
N TYR B 17 13.47 12.01 -3.06
CA TYR B 17 12.33 11.50 -2.31
C TYR B 17 12.78 11.03 -0.92
N GLN B 18 13.96 10.40 -0.84
CA GLN B 18 14.53 9.96 0.43
C GLN B 18 14.65 11.16 1.37
N THR B 19 15.03 12.30 0.81
CA THR B 19 15.19 13.54 1.57
C THR B 19 13.91 13.88 2.33
N VAL B 20 12.77 13.64 1.71
CA VAL B 20 11.47 13.91 2.30
C VAL B 20 11.25 13.00 3.50
N SER B 21 11.52 11.71 3.31
CA SER B 21 11.44 10.75 4.39
C SER B 21 12.28 11.30 5.56
N ARG B 22 13.52 11.68 5.21
CA ARG B 22 14.46 12.24 6.19
C ARG B 22 13.87 13.43 6.96
N VAL B 23 13.11 14.29 6.27
CA VAL B 23 12.51 15.45 6.90
C VAL B 23 11.29 15.05 7.73
N VAL B 24 10.48 14.14 7.18
CA VAL B 24 9.30 13.67 7.85
C VAL B 24 9.66 12.94 9.15
N ASN B 25 10.71 12.15 9.08
CA ASN B 25 11.17 11.40 10.23
C ASN B 25 12.02 12.26 11.15
N GLN B 26 12.27 13.51 10.74
CA GLN B 26 13.08 14.43 11.52
C GLN B 26 14.40 13.79 11.88
N ALA B 27 14.95 13.06 10.92
CA ALA B 27 16.19 12.34 11.11
C ALA B 27 17.39 13.25 10.95
N SER B 28 18.54 12.69 11.23
CA SER B 28 19.79 13.44 11.14
C SER B 28 20.32 13.44 9.69
N HIS B 29 21.37 14.21 9.46
CA HIS B 29 22.02 14.32 8.16
C HIS B 29 21.16 15.12 7.19
N VAL B 30 20.39 16.06 7.72
CA VAL B 30 19.52 16.91 6.90
C VAL B 30 19.83 18.38 7.18
N SER B 31 20.15 19.12 6.14
CA SER B 31 20.47 20.54 6.26
C SER B 31 19.19 21.30 6.64
N ALA B 32 19.37 22.46 7.28
CA ALA B 32 18.24 23.25 7.72
C ALA B 32 17.38 23.69 6.56
N LYS B 33 18.03 24.22 5.52
CA LYS B 33 17.34 24.70 4.33
C LYS B 33 16.54 23.57 3.68
N THR B 34 17.23 22.48 3.38
CA THR B 34 16.60 21.32 2.77
C THR B 34 15.42 20.83 3.61
N ARG B 35 15.53 20.95 4.94
CA ARG B 35 14.44 20.53 5.81
C ARG B 35 13.21 21.43 5.64
N GLU B 36 13.40 22.72 5.82
CA GLU B 36 12.33 23.71 5.69
C GLU B 36 11.76 23.73 4.29
N LYS B 37 12.62 23.37 3.32
CA LYS B 37 12.25 23.33 1.92
C LYS B 37 11.16 22.31 1.68
N VAL B 38 11.30 21.17 2.35
CA VAL B 38 10.34 20.09 2.22
C VAL B 38 9.07 20.42 2.99
N GLU B 39 9.23 21.03 4.16
CA GLU B 39 8.09 21.38 4.99
C GLU B 39 7.23 22.40 4.25
N ALA B 40 7.88 23.33 3.54
CA ALA B 40 7.17 24.35 2.78
C ALA B 40 6.42 23.74 1.60
N ALA B 41 7.11 22.89 0.84
CA ALA B 41 6.52 22.20 -0.32
C ALA B 41 5.23 21.50 0.05
N MET B 42 5.15 21.08 1.30
CA MET B 42 4.00 20.37 1.80
C MET B 42 2.76 21.24 1.75
N ALA B 43 2.97 22.56 1.70
CA ALA B 43 1.85 23.50 1.66
C ALA B 43 1.39 23.79 0.24
N GLU B 44 2.35 24.11 -0.62
CA GLU B 44 2.08 24.42 -2.01
C GLU B 44 1.37 23.28 -2.69
N LEU B 45 1.92 22.11 -2.48
CA LEU B 45 1.38 20.89 -3.05
C LEU B 45 0.09 20.45 -2.38
N ASN B 46 -0.11 20.90 -1.15
CA ASN B 46 -1.26 20.47 -0.37
C ASN B 46 -1.07 18.99 -0.05
N TYR B 47 0.19 18.64 0.26
CA TYR B 47 0.59 17.28 0.57
C TYR B 47 -0.33 16.66 1.59
N ILE B 48 -1.04 15.60 1.23
CA ILE B 48 -1.92 14.89 2.12
C ILE B 48 -1.51 13.42 1.93
N PRO B 49 -0.69 12.90 2.84
CA PRO B 49 -0.12 11.55 2.79
C PRO B 49 -0.97 10.48 2.10
N ASN B 50 -0.34 9.79 1.14
CA ASN B 50 -0.96 8.72 0.34
C ASN B 50 -1.29 7.50 1.21
N ARG B 51 -2.38 7.61 1.94
CA ARG B 51 -2.83 6.56 2.87
C ARG B 51 -2.84 5.17 2.28
N CYS B 52 -3.09 5.06 0.99
CA CYS B 52 -3.12 3.74 0.36
C CYS B 52 -1.73 3.13 0.35
N ALA B 53 -0.78 3.83 -0.24
CA ALA B 53 0.58 3.36 -0.32
C ALA B 53 1.24 3.42 1.04
N GLN B 54 0.90 4.45 1.80
CA GLN B 54 1.48 4.66 3.13
C GLN B 54 1.06 3.58 4.11
N GLN B 55 -0.04 2.89 3.82
CA GLN B 55 -0.50 1.84 4.71
C GLN B 55 0.06 0.50 4.26
N LEU B 56 0.38 0.40 2.98
CA LEU B 56 0.94 -0.80 2.43
C LEU B 56 2.42 -0.85 2.80
N ALA B 57 3.05 0.31 2.75
CA ALA B 57 4.47 0.41 3.05
C ALA B 57 4.73 0.48 4.54
N GLY B 58 3.66 0.44 5.32
CA GLY B 58 3.77 0.46 6.75
C GLY B 58 4.04 1.85 7.34
N LYS B 59 5.11 2.49 6.86
CA LYS B 59 5.54 3.82 7.35
C LYS B 59 6.15 3.70 8.75
N GLN B 60 7.27 4.35 8.97
CA GLN B 60 7.92 4.28 10.25
C GLN B 60 7.73 5.57 11.03
N SER B 61 8.08 5.53 12.29
CA SER B 61 8.01 6.68 13.17
C SER B 61 9.27 6.78 14.01
N LEU B 62 9.74 5.63 14.45
CA LEU B 62 10.94 5.53 15.26
C LEU B 62 11.50 4.13 15.09
N MET A 1 -4.02 -9.16 13.18
CA MET A 1 -4.78 -8.53 14.29
C MET A 1 -6.16 -8.10 13.80
N LYS A 2 -6.18 -7.18 12.85
CA LYS A 2 -7.44 -6.71 12.29
C LYS A 2 -7.58 -7.12 10.81
N PRO A 3 -6.56 -6.88 9.96
CA PRO A 3 -6.62 -7.26 8.56
C PRO A 3 -5.94 -8.60 8.29
N VAL A 4 -6.38 -9.28 7.26
CA VAL A 4 -5.82 -10.56 6.86
C VAL A 4 -5.46 -10.46 5.39
N THR A 5 -4.25 -10.87 5.06
CA THR A 5 -3.75 -10.77 3.71
C THR A 5 -4.09 -11.98 2.86
N LEU A 6 -3.89 -11.81 1.56
CA LEU A 6 -4.12 -12.87 0.60
C LEU A 6 -3.10 -13.97 0.81
N TYR A 7 -2.04 -13.64 1.53
CA TYR A 7 -0.98 -14.60 1.84
C TYR A 7 -1.46 -15.52 2.93
N ASP A 8 -2.11 -14.97 3.93
CA ASP A 8 -2.63 -15.77 5.03
C ASP A 8 -3.61 -16.76 4.44
N VAL A 9 -4.41 -16.23 3.54
CA VAL A 9 -5.40 -17.01 2.83
C VAL A 9 -4.72 -18.10 2.02
N ALA A 10 -3.69 -17.69 1.31
CA ALA A 10 -2.92 -18.59 0.46
C ALA A 10 -2.35 -19.73 1.30
N GLU A 11 -1.86 -19.39 2.47
CA GLU A 11 -1.28 -20.35 3.39
C GLU A 11 -2.38 -21.30 3.91
N TYR A 12 -3.48 -20.70 4.36
CA TYR A 12 -4.62 -21.44 4.90
C TYR A 12 -5.23 -22.35 3.83
N ALA A 13 -5.07 -21.95 2.59
CA ALA A 13 -5.62 -22.69 1.50
C ALA A 13 -4.61 -23.65 0.92
N GLY A 14 -3.34 -23.40 1.19
CA GLY A 14 -2.30 -24.27 0.67
C GLY A 14 -1.99 -23.95 -0.77
N VAL A 15 -2.03 -22.66 -1.08
CA VAL A 15 -1.80 -22.17 -2.42
C VAL A 15 -0.82 -21.01 -2.40
N SER A 16 -0.70 -20.32 -3.53
CA SER A 16 0.15 -19.16 -3.61
C SER A 16 -0.71 -17.93 -3.49
N TYR A 17 -0.14 -16.87 -2.94
CA TYR A 17 -0.87 -15.62 -2.80
C TYR A 17 -1.57 -15.26 -4.12
N GLN A 18 -0.88 -15.51 -5.23
CA GLN A 18 -1.43 -15.25 -6.53
C GLN A 18 -2.64 -16.14 -6.83
N THR A 19 -2.65 -17.34 -6.28
CA THR A 19 -3.76 -18.26 -6.50
C THR A 19 -5.03 -17.68 -5.90
N VAL A 20 -4.87 -17.10 -4.73
CA VAL A 20 -5.97 -16.46 -4.03
C VAL A 20 -6.57 -15.34 -4.88
N SER A 21 -5.72 -14.49 -5.43
CA SER A 21 -6.18 -13.37 -6.25
C SER A 21 -6.79 -13.90 -7.53
N ARG A 22 -6.36 -15.07 -7.93
CA ARG A 22 -6.87 -15.67 -9.13
C ARG A 22 -8.31 -16.04 -8.92
N VAL A 23 -8.65 -16.50 -7.71
CA VAL A 23 -10.01 -16.90 -7.41
C VAL A 23 -10.90 -15.71 -7.07
N VAL A 24 -10.41 -14.85 -6.19
CA VAL A 24 -11.17 -13.70 -5.76
C VAL A 24 -11.58 -12.83 -6.93
N ASN A 25 -10.63 -12.62 -7.83
CA ASN A 25 -10.87 -11.78 -8.99
C ASN A 25 -11.49 -12.55 -10.17
N GLN A 26 -11.09 -13.80 -10.39
CA GLN A 26 -11.61 -14.56 -11.53
C GLN A 26 -11.94 -16.02 -11.21
N ALA A 27 -10.94 -16.88 -11.46
CA ALA A 27 -10.98 -18.35 -11.28
C ALA A 27 -11.16 -19.01 -12.64
N SER A 28 -10.20 -19.85 -13.02
CA SER A 28 -10.17 -20.53 -14.33
C SER A 28 -8.76 -21.00 -14.65
N HIS A 29 -7.89 -20.70 -13.73
CA HIS A 29 -6.49 -21.02 -13.77
C HIS A 29 -6.15 -21.62 -12.41
N VAL A 30 -7.22 -22.00 -11.70
CA VAL A 30 -7.13 -22.58 -10.38
C VAL A 30 -8.12 -23.74 -10.28
N SER A 31 -7.64 -24.88 -9.89
CA SER A 31 -8.47 -26.07 -9.78
C SER A 31 -9.56 -25.87 -8.73
N ALA A 32 -10.72 -26.48 -8.98
CA ALA A 32 -11.86 -26.38 -8.07
C ALA A 32 -11.49 -26.84 -6.67
N LYS A 33 -10.67 -27.88 -6.59
CA LYS A 33 -10.22 -28.44 -5.31
C LYS A 33 -9.65 -27.35 -4.40
N THR A 34 -8.81 -26.51 -4.98
CA THR A 34 -8.18 -25.44 -4.22
C THR A 34 -9.03 -24.16 -4.23
N ARG A 35 -9.73 -23.90 -5.32
CA ARG A 35 -10.57 -22.71 -5.44
C ARG A 35 -11.59 -22.62 -4.33
N GLU A 36 -12.41 -23.65 -4.22
CA GLU A 36 -13.45 -23.69 -3.21
C GLU A 36 -12.83 -23.75 -1.82
N LYS A 37 -11.56 -24.12 -1.79
CA LYS A 37 -10.81 -24.21 -0.57
C LYS A 37 -10.27 -22.84 -0.16
N VAL A 38 -10.02 -22.00 -1.15
CA VAL A 38 -9.49 -20.66 -0.88
C VAL A 38 -10.61 -19.76 -0.42
N GLU A 39 -11.75 -19.90 -1.07
CA GLU A 39 -12.93 -19.11 -0.71
C GLU A 39 -13.30 -19.38 0.74
N ALA A 40 -13.05 -20.62 1.14
CA ALA A 40 -13.33 -21.06 2.48
C ALA A 40 -12.27 -20.59 3.45
N ALA A 41 -11.03 -20.51 2.98
CA ALA A 41 -9.92 -20.09 3.82
C ALA A 41 -10.17 -18.67 4.33
N MET A 42 -10.67 -17.84 3.43
CA MET A 42 -10.97 -16.43 3.70
C MET A 42 -11.97 -16.24 4.85
N ALA A 43 -12.83 -17.21 5.04
CA ALA A 43 -13.85 -17.10 6.08
C ALA A 43 -13.27 -17.51 7.42
N GLU A 44 -12.31 -18.40 7.34
CA GLU A 44 -11.66 -18.93 8.52
C GLU A 44 -10.83 -17.89 9.24
N LEU A 45 -9.87 -17.35 8.53
CA LEU A 45 -9.00 -16.35 9.13
C LEU A 45 -9.57 -14.94 8.98
N ASN A 46 -10.70 -14.82 8.27
CA ASN A 46 -11.37 -13.53 8.08
C ASN A 46 -10.59 -12.62 7.15
N TYR A 47 -10.56 -12.97 5.86
CA TYR A 47 -9.87 -12.20 4.86
C TYR A 47 -10.71 -11.06 4.34
N ILE A 48 -10.15 -9.86 4.35
CA ILE A 48 -10.83 -8.70 3.83
C ILE A 48 -10.00 -8.07 2.73
N PRO A 49 -10.42 -8.23 1.46
CA PRO A 49 -9.71 -7.66 0.31
C PRO A 49 -9.51 -6.16 0.45
N ASN A 50 -8.25 -5.75 0.43
CA ASN A 50 -7.91 -4.34 0.56
C ASN A 50 -8.14 -3.61 -0.74
N ARG A 51 -9.23 -2.85 -0.80
CA ARG A 51 -9.58 -2.10 -1.99
C ARG A 51 -8.55 -1.00 -2.28
N CYS A 52 -7.88 -0.53 -1.23
CA CYS A 52 -6.87 0.51 -1.37
C CYS A 52 -5.69 -0.07 -2.13
N ALA A 53 -5.40 -1.33 -1.83
CA ALA A 53 -4.32 -2.04 -2.48
C ALA A 53 -4.77 -2.47 -3.87
N GLN A 54 -6.03 -2.88 -3.95
CA GLN A 54 -6.63 -3.30 -5.21
C GLN A 54 -6.62 -2.14 -6.20
N GLN A 55 -6.79 -0.92 -5.70
CA GLN A 55 -6.74 0.26 -6.57
C GLN A 55 -5.29 0.57 -6.95
N LEU A 56 -4.39 0.39 -5.98
CA LEU A 56 -2.96 0.66 -6.18
C LEU A 56 -2.35 -0.22 -7.27
N ALA A 57 -2.54 -1.52 -7.15
CA ALA A 57 -1.97 -2.47 -8.12
C ALA A 57 -2.92 -2.72 -9.28
N GLY A 58 -4.18 -2.44 -9.06
CA GLY A 58 -5.18 -2.66 -10.07
C GLY A 58 -5.08 -1.70 -11.24
N LYS A 59 -4.37 -0.59 -11.05
CA LYS A 59 -4.20 0.42 -12.10
C LYS A 59 -5.54 1.06 -12.43
N GLN A 60 -6.29 1.38 -11.39
CA GLN A 60 -7.60 2.01 -11.55
C GLN A 60 -7.46 3.51 -11.68
N SER A 61 -6.75 3.94 -12.70
CA SER A 61 -6.52 5.36 -12.95
C SER A 61 -7.54 5.93 -13.93
N LEU A 62 -8.54 5.12 -14.26
CA LEU A 62 -9.57 5.53 -15.20
C LEU A 62 -10.60 6.41 -14.51
N MET B 1 -3.75 18.20 -8.96
CA MET B 1 -4.10 16.93 -8.27
C MET B 1 -4.49 17.21 -6.81
N LYS B 2 -5.69 16.76 -6.43
CA LYS B 2 -6.18 16.94 -5.06
C LYS B 2 -5.39 16.03 -4.12
N PRO B 3 -5.40 14.71 -4.37
CA PRO B 3 -4.63 13.77 -3.55
C PRO B 3 -3.14 13.95 -3.78
N VAL B 4 -2.43 14.39 -2.76
CA VAL B 4 -1.00 14.62 -2.86
C VAL B 4 -0.25 13.39 -2.35
N THR B 5 1.01 13.28 -2.73
CA THR B 5 1.84 12.17 -2.36
C THR B 5 3.19 12.67 -1.89
N LEU B 6 3.91 11.84 -1.15
CA LEU B 6 5.24 12.21 -0.70
C LEU B 6 6.12 12.55 -1.91
N TYR B 7 5.77 11.96 -3.06
CA TYR B 7 6.51 12.19 -4.29
C TYR B 7 6.37 13.64 -4.74
N ASP B 8 5.16 14.19 -4.59
CA ASP B 8 4.91 15.58 -4.97
C ASP B 8 5.75 16.48 -4.10
N VAL B 9 5.82 16.10 -2.83
CA VAL B 9 6.59 16.83 -1.86
C VAL B 9 8.07 16.82 -2.25
N ALA B 10 8.53 15.63 -2.66
CA ALA B 10 9.92 15.43 -3.09
C ALA B 10 10.29 16.38 -4.23
N GLU B 11 9.55 16.24 -5.31
CA GLU B 11 9.75 17.01 -6.52
C GLU B 11 9.73 18.52 -6.25
N TYR B 12 8.68 18.97 -5.58
CA TYR B 12 8.52 20.39 -5.29
C TYR B 12 9.65 20.93 -4.43
N ALA B 13 9.91 20.24 -3.34
CA ALA B 13 10.93 20.67 -2.40
C ALA B 13 12.31 20.66 -3.05
N GLY B 14 12.47 19.90 -4.12
CA GLY B 14 13.75 19.84 -4.79
C GLY B 14 14.72 18.95 -4.04
N VAL B 15 14.25 17.77 -3.67
CA VAL B 15 15.03 16.82 -2.94
C VAL B 15 14.76 15.43 -3.51
N SER B 16 15.54 14.44 -3.13
CA SER B 16 15.32 13.10 -3.60
C SER B 16 14.23 12.45 -2.78
N TYR B 17 13.70 11.36 -3.29
CA TYR B 17 12.66 10.60 -2.66
C TYR B 17 13.05 10.21 -1.22
N GLN B 18 14.20 9.56 -1.09
CA GLN B 18 14.73 9.15 0.20
C GLN B 18 14.82 10.32 1.17
N THR B 19 15.15 11.49 0.64
CA THR B 19 15.29 12.71 1.44
C THR B 19 13.98 13.03 2.16
N VAL B 20 12.90 12.89 1.43
CA VAL B 20 11.56 13.18 1.95
C VAL B 20 11.23 12.23 3.09
N SER B 21 11.46 10.94 2.86
CA SER B 21 11.23 9.93 3.88
C SER B 21 12.15 10.20 5.05
N ARG B 22 13.42 10.47 4.71
CA ARG B 22 14.45 10.79 5.68
C ARG B 22 14.00 11.90 6.64
N VAL B 23 13.41 12.94 6.09
CA VAL B 23 12.95 14.08 6.88
C VAL B 23 11.67 13.73 7.63
N VAL B 24 10.92 12.78 7.09
CA VAL B 24 9.69 12.34 7.68
C VAL B 24 9.98 11.55 8.95
N ASN B 25 11.18 11.00 9.03
CA ASN B 25 11.57 10.22 10.18
C ASN B 25 12.50 11.01 11.10
N GLN B 26 13.80 10.89 10.87
CA GLN B 26 14.82 11.53 11.71
C GLN B 26 16.21 11.53 11.07
N ALA B 27 16.32 12.01 9.84
CA ALA B 27 17.62 12.05 9.16
C ALA B 27 18.61 13.00 9.82
N SER B 28 19.62 12.42 10.44
CA SER B 28 20.67 13.17 11.12
C SER B 28 21.61 13.87 10.14
N HIS B 29 22.16 13.12 9.20
CA HIS B 29 23.11 13.67 8.23
C HIS B 29 22.40 14.23 7.00
N VAL B 30 21.67 15.31 7.24
CA VAL B 30 20.95 16.04 6.21
C VAL B 30 21.02 17.53 6.54
N SER B 31 21.18 18.38 5.54
CA SER B 31 21.27 19.80 5.79
C SER B 31 19.93 20.32 6.34
N ALA B 32 19.99 21.37 7.14
CA ALA B 32 18.77 21.95 7.72
C ALA B 32 17.82 22.44 6.64
N LYS B 33 18.36 23.08 5.62
CA LYS B 33 17.56 23.61 4.50
C LYS B 33 16.66 22.52 3.90
N THR B 34 17.29 21.43 3.49
CA THR B 34 16.58 20.32 2.87
C THR B 34 15.51 19.76 3.78
N ARG B 35 15.78 19.71 5.08
CA ARG B 35 14.82 19.20 6.05
C ARG B 35 13.61 20.11 6.14
N GLU B 36 13.87 21.40 6.30
CA GLU B 36 12.80 22.38 6.41
C GLU B 36 11.98 22.47 5.14
N LYS B 37 12.65 22.30 4.01
CA LYS B 37 12.00 22.39 2.72
C LYS B 37 10.94 21.31 2.55
N VAL B 38 11.24 20.10 2.97
CA VAL B 38 10.31 18.98 2.84
C VAL B 38 9.08 19.19 3.72
N GLU B 39 9.29 19.66 4.93
CA GLU B 39 8.19 19.89 5.84
C GLU B 39 7.32 21.05 5.33
N ALA B 40 7.96 22.00 4.65
CA ALA B 40 7.26 23.15 4.08
C ALA B 40 6.47 22.76 2.84
N ALA B 41 7.11 22.01 1.96
CA ALA B 41 6.47 21.54 0.73
C ALA B 41 5.17 20.81 1.02
N MET B 42 5.08 20.26 2.22
CA MET B 42 3.89 19.55 2.65
C MET B 42 2.70 20.50 2.74
N ALA B 43 3.00 21.80 2.86
CA ALA B 43 1.97 22.82 2.95
C ALA B 43 1.56 23.31 1.57
N GLU B 44 2.56 23.68 0.77
CA GLU B 44 2.33 24.18 -0.58
C GLU B 44 1.55 23.19 -1.41
N LEU B 45 2.02 21.96 -1.41
CA LEU B 45 1.38 20.89 -2.15
C LEU B 45 0.09 20.44 -1.51
N ASN B 46 -0.14 20.82 -0.25
CA ASN B 46 -1.32 20.33 0.47
C ASN B 46 -1.19 18.81 0.60
N TYR B 47 0.03 18.38 0.95
CA TYR B 47 0.33 16.97 1.10
C TYR B 47 -0.56 16.34 2.14
N ILE B 48 -1.22 15.25 1.77
CA ILE B 48 -2.06 14.50 2.67
C ILE B 48 -1.71 13.05 2.39
N PRO B 49 -0.96 12.40 3.29
CA PRO B 49 -0.48 11.02 3.13
C PRO B 49 -1.45 10.09 2.41
N ASN B 50 -0.93 9.41 1.38
CA ASN B 50 -1.71 8.49 0.57
C ASN B 50 -2.18 7.33 1.43
N ARG B 51 -3.36 7.49 2.02
CA ARG B 51 -3.94 6.49 2.91
C ARG B 51 -3.98 5.09 2.33
N CYS B 52 -3.95 4.97 1.01
CA CYS B 52 -4.00 3.65 0.40
C CYS B 52 -2.63 3.01 0.38
N ALA B 53 -1.68 3.70 -0.22
CA ALA B 53 -0.31 3.20 -0.31
C ALA B 53 0.34 3.21 1.06
N GLN B 54 -0.04 4.17 1.88
CA GLN B 54 0.50 4.29 3.23
C GLN B 54 -0.05 3.18 4.11
N GLN B 55 -1.23 2.66 3.79
CA GLN B 55 -1.82 1.59 4.56
C GLN B 55 -1.10 0.31 4.19
N LEU B 56 -0.49 0.35 3.02
CA LEU B 56 0.25 -0.78 2.52
C LEU B 56 1.67 -0.78 3.08
N ALA B 57 2.30 0.38 3.08
CA ALA B 57 3.69 0.51 3.57
C ALA B 57 3.77 0.36 5.10
N GLY B 58 2.62 0.20 5.74
CA GLY B 58 2.62 0.05 7.19
C GLY B 58 2.45 1.34 7.96
N LYS B 59 1.48 2.15 7.55
CA LYS B 59 1.20 3.41 8.22
C LYS B 59 -0.28 3.51 8.52
N GLN B 60 -1.08 3.21 7.49
CA GLN B 60 -2.53 3.23 7.59
C GLN B 60 -3.04 4.67 7.72
N SER B 61 -3.27 5.11 8.94
CA SER B 61 -3.75 6.46 9.19
C SER B 61 -2.82 7.18 10.15
N LEU B 62 -1.61 7.44 9.71
CA LEU B 62 -0.63 8.13 10.53
C LEU B 62 -0.31 9.47 9.89
#